data_2A7K
#
_entry.id   2A7K
#
_cell.length_a   87.207
_cell.length_b   89.860
_cell.length_c   264.582
_cell.angle_alpha   90.00
_cell.angle_beta   90.00
_cell.angle_gamma   90.00
#
_symmetry.space_group_name_H-M   'P 21 21 21'
#
loop_
_entity.id
_entity.type
_entity.pdbx_description
1 polymer CarB
2 water water
#
_entity_poly.entity_id   1
_entity_poly.type   'polypeptide(L)'
_entity_poly.pdbx_seq_one_letter_code
;MVFEENSDEVRVITLDHPNKHNPFSRTLETSVKDALARANADDSVRAVVVYGGAERSFSAGGDFNEVKQLSRSEDIEEWI
DRVIDLYQAVLNVNKPTIAAVDGYAIGMGFQFALMFDQRLMASTANFVMPELKHGIGCSVGAAILGFTHGFSTMQEIIYQ
CQSLDAPRCVDYRLVNQVVESSALLDAAITQAHVMASYPASAFINTKRAVNKPFIHLLEQTRDASKAVHKAAFQARDAQG
HFKNVLGKKY
;
_entity_poly.pdbx_strand_id   A,B,C,D,E,F,G,H,I
#
# COMPACT_ATOMS: atom_id res chain seq x y z
N MET A 1 -52.08 28.39 17.33
CA MET A 1 -51.41 27.87 16.09
C MET A 1 -51.88 26.49 15.65
N VAL A 2 -52.72 25.88 16.48
CA VAL A 2 -53.38 24.61 16.17
C VAL A 2 -54.83 24.67 16.64
N PHE A 3 -55.72 23.89 16.03
CA PHE A 3 -57.01 23.64 16.63
C PHE A 3 -57.07 22.25 17.18
N GLU A 4 -57.86 22.09 18.24
CA GLU A 4 -58.00 20.82 18.89
C GLU A 4 -59.47 20.48 18.95
N GLU A 5 -59.87 19.39 18.31
CA GLU A 5 -61.29 19.04 18.26
C GLU A 5 -61.38 17.56 18.56
N ASN A 6 -62.61 17.11 18.79
CA ASN A 6 -62.84 15.73 19.20
C ASN A 6 -63.86 15.06 18.32
N SER A 7 -63.51 13.85 17.92
CA SER A 7 -64.46 12.91 17.36
C SER A 7 -64.55 11.81 18.44
N ASP A 8 -65.40 12.07 19.43
CA ASP A 8 -65.51 11.25 20.63
C ASP A 8 -64.13 11.07 21.27
N GLU A 9 -63.63 9.83 21.32
CA GLU A 9 -62.38 9.52 22.02
C GLU A 9 -61.15 9.88 21.16
N VAL A 10 -61.38 10.36 19.94
CA VAL A 10 -60.29 10.76 19.03
C VAL A 10 -60.07 12.27 19.10
N ARG A 11 -58.86 12.66 19.47
CA ARG A 11 -58.45 14.05 19.42
C ARG A 11 -57.87 14.37 18.05
N VAL A 12 -58.43 15.37 17.40
CA VAL A 12 -57.93 15.84 16.13
C VAL A 12 -57.22 17.19 16.30
N ILE A 13 -55.93 17.19 15.99
CA ILE A 13 -55.09 18.37 16.08
C ILE A 13 -54.81 18.87 14.65
N THR A 14 -55.30 20.07 14.35
CA THR A 14 -55.16 20.62 13.03
C THR A 14 -54.16 21.76 13.11
N LEU A 15 -53.09 21.66 12.33
CA LEU A 15 -52.05 22.70 12.34
C LEU A 15 -52.61 23.94 11.65
N ASP A 16 -52.41 25.09 12.29
CA ASP A 16 -53.01 26.35 11.84
C ASP A 16 -52.00 27.51 11.88
N HIS A 17 -50.83 27.29 11.31
CA HIS A 17 -49.90 28.38 11.07
C HIS A 17 -50.58 29.39 10.15
N PRO A 18 -50.28 30.70 10.30
CA PRO A 18 -50.84 31.68 9.34
C PRO A 18 -50.56 31.35 7.86
N ASN A 19 -49.41 30.73 7.61
CA ASN A 19 -49.08 30.22 6.29
C ASN A 19 -49.70 28.86 6.04
N LYS A 20 -50.30 28.73 4.86
CA LYS A 20 -51.10 27.55 4.50
C LYS A 20 -50.28 26.25 4.45
N HIS A 21 -48.96 26.38 4.34
CA HIS A 21 -48.05 25.24 4.26
C HIS A 21 -47.53 24.74 5.61
N ASN A 22 -47.98 25.38 6.69
CA ASN A 22 -47.67 24.95 8.05
C ASN A 22 -46.18 24.76 8.29
N PRO A 23 -45.40 25.81 8.00
CA PRO A 23 -43.97 25.71 8.25
C PRO A 23 -43.73 25.60 9.76
N PHE A 24 -42.75 24.79 10.13
CA PHE A 24 -42.40 24.66 11.54
C PHE A 24 -41.59 25.84 12.04
N SER A 25 -42.31 26.88 12.40
CA SER A 25 -41.78 27.93 13.23
C SER A 25 -41.71 27.43 14.68
N ARG A 26 -40.97 28.17 15.49
CA ARG A 26 -40.86 27.89 16.92
C ARG A 26 -42.22 27.90 17.59
N THR A 27 -43.11 28.82 17.18
CA THR A 27 -44.48 28.89 17.71
C THR A 27 -45.32 27.67 17.35
N LEU A 28 -45.24 27.22 16.09
CA LEU A 28 -46.00 26.05 15.67
C LEU A 28 -45.51 24.82 16.39
N GLU A 29 -44.19 24.64 16.46
CA GLU A 29 -43.63 23.52 17.20
C GLU A 29 -44.13 23.49 18.63
N THR A 30 -44.12 24.63 19.30
CA THR A 30 -44.54 24.66 20.69
C THR A 30 -46.03 24.32 20.86
N SER A 31 -46.89 24.84 19.98
CA SER A 31 -48.34 24.58 20.01
C SER A 31 -48.63 23.11 19.77
N VAL A 32 -47.93 22.51 18.81
CA VAL A 32 -48.07 21.10 18.50
C VAL A 32 -47.57 20.24 19.69
N LYS A 33 -46.40 20.56 20.19
CA LYS A 33 -45.87 19.78 21.30
C LYS A 33 -46.82 19.87 22.50
N ASP A 34 -47.34 21.07 22.78
CA ASP A 34 -48.30 21.26 23.89
C ASP A 34 -49.60 20.50 23.66
N ALA A 35 -50.13 20.53 22.43
CA ALA A 35 -51.37 19.83 22.09
C ALA A 35 -51.23 18.32 22.23
N LEU A 36 -50.08 17.81 21.83
CA LEU A 36 -49.76 16.39 21.95
C LEU A 36 -49.68 15.94 23.41
N ALA A 37 -49.08 16.78 24.25
CA ALA A 37 -48.93 16.48 25.65
C ALA A 37 -50.31 16.49 26.31
N ARG A 38 -51.14 17.45 25.95
CA ARG A 38 -52.50 17.48 26.45
C ARG A 38 -53.22 16.20 26.08
N ALA A 39 -53.16 15.84 24.81
CA ALA A 39 -53.84 14.67 24.29
C ALA A 39 -53.41 13.40 25.02
N ASN A 40 -52.11 13.30 25.32
CA ASN A 40 -51.55 12.13 25.99
C ASN A 40 -51.98 12.03 27.46
N ALA A 41 -52.20 13.18 28.12
CA ALA A 41 -52.57 13.24 29.54
C ALA A 41 -54.08 13.20 29.77
N ASP A 42 -54.84 13.52 28.73
CA ASP A 42 -56.31 13.53 28.80
C ASP A 42 -56.80 12.09 28.71
N ASP A 43 -57.40 11.61 29.78
CA ASP A 43 -57.92 10.23 29.84
C ASP A 43 -59.06 9.99 28.86
N SER A 44 -59.78 11.05 28.50
CA SER A 44 -60.92 10.94 27.58
C SER A 44 -60.47 10.80 26.13
N VAL A 45 -59.17 10.95 25.89
CA VAL A 45 -58.65 10.82 24.54
C VAL A 45 -57.96 9.46 24.45
N ARG A 46 -58.37 8.67 23.46
CA ARG A 46 -57.85 7.32 23.27
C ARG A 46 -57.04 7.17 21.96
N ALA A 47 -57.07 8.19 21.10
CA ALA A 47 -56.31 8.18 19.87
C ALA A 47 -56.18 9.58 19.36
N VAL A 48 -55.15 9.84 18.54
CA VAL A 48 -54.78 11.18 18.10
C VAL A 48 -54.58 11.23 16.60
N VAL A 49 -55.24 12.22 15.95
CA VAL A 49 -54.98 12.51 14.53
C VAL A 49 -54.34 13.89 14.42
N VAL A 50 -53.28 13.99 13.63
CA VAL A 50 -52.70 15.31 13.25
C VAL A 50 -52.87 15.53 11.75
N TYR A 51 -53.36 16.70 11.43
CA TYR A 51 -53.81 17.05 10.10
C TYR A 51 -53.37 18.48 9.83
N GLY A 52 -52.88 18.74 8.61
CA GLY A 52 -52.53 20.10 8.23
C GLY A 52 -53.70 21.04 7.99
N GLY A 53 -54.92 20.49 7.83
CA GLY A 53 -56.08 21.28 7.49
C GLY A 53 -56.46 21.15 6.01
N ALA A 54 -57.71 21.44 5.70
CA ALA A 54 -58.20 21.40 4.32
C ALA A 54 -57.52 22.48 3.49
N GLU A 55 -56.95 22.10 2.34
CA GLU A 55 -56.41 23.07 1.38
C GLU A 55 -55.07 23.59 1.89
N ARG A 56 -54.49 22.83 2.80
CA ARG A 56 -53.24 23.23 3.40
C ARG A 56 -52.26 22.06 3.28
N SER A 57 -50.99 22.32 3.52
CA SER A 57 -50.00 21.25 3.56
C SER A 57 -49.86 20.74 4.98
N PHE A 58 -49.51 19.46 5.10
CA PHE A 58 -49.17 18.86 6.39
C PHE A 58 -48.08 19.70 7.06
N SER A 59 -46.95 19.85 6.36
CA SER A 59 -45.94 20.84 6.71
C SER A 59 -44.86 20.89 5.64
N ALA A 60 -44.63 22.10 5.14
CA ALA A 60 -43.47 22.41 4.29
C ALA A 60 -42.16 22.37 5.06
N GLY A 61 -42.23 22.17 6.38
CA GLY A 61 -41.04 21.92 7.21
C GLY A 61 -40.46 23.19 7.79
N GLY A 62 -39.20 23.18 8.17
CA GLY A 62 -38.56 24.39 8.66
C GLY A 62 -38.05 25.33 7.59
N ASP A 63 -37.79 26.58 7.96
CA ASP A 63 -37.21 27.53 7.02
C ASP A 63 -35.72 27.30 6.71
N PHE A 64 -35.44 26.82 5.50
CA PHE A 64 -34.09 26.46 5.12
C PHE A 64 -33.16 27.68 5.14
N ASN A 65 -33.72 28.86 4.80
CA ASN A 65 -32.99 30.15 4.87
C ASN A 65 -32.58 30.53 6.30
N GLU A 66 -33.44 30.22 7.27
CA GLU A 66 -33.13 30.41 8.70
C GLU A 66 -32.07 29.42 9.24
N VAL A 67 -31.99 28.23 8.64
CA VAL A 67 -30.95 27.25 9.00
C VAL A 67 -29.58 27.66 8.41
N LYS A 68 -29.55 28.03 7.13
CA LYS A 68 -28.31 28.43 6.44
C LYS A 68 -27.52 29.53 7.19
N GLN A 69 -28.21 30.27 8.05
CA GLN A 69 -27.69 31.46 8.68
C GLN A 69 -27.45 31.33 10.19
N LEU A 70 -27.59 30.13 10.76
CA LEU A 70 -27.48 29.98 12.23
C LEU A 70 -26.10 30.41 12.79
N ARG A 72 -24.17 30.71 14.89
CA ARG A 72 -23.60 30.64 16.25
C ARG A 72 -23.97 29.31 16.90
N SER A 73 -23.15 28.84 17.84
CA SER A 73 -23.29 27.47 18.36
C SER A 73 -24.45 27.23 19.35
N GLU A 74 -24.80 28.27 20.11
CA GLU A 74 -25.93 28.22 21.06
C GLU A 74 -27.21 27.99 20.26
N ASP A 75 -27.28 28.67 19.11
CA ASP A 75 -28.41 28.63 18.18
C ASP A 75 -28.44 27.32 17.38
N ILE A 76 -27.28 26.83 16.96
CA ILE A 76 -27.29 25.62 16.15
C ILE A 76 -27.68 24.40 17.01
N GLU A 77 -27.17 24.34 18.25
CA GLU A 77 -27.58 23.36 19.26
C GLU A 77 -29.06 23.48 19.64
N GLU A 78 -29.51 24.72 19.78
CA GLU A 78 -30.92 25.05 20.09
C GLU A 78 -31.92 24.62 19.02
N TRP A 79 -31.57 24.77 17.75
CA TRP A 79 -32.41 24.33 16.64
C TRP A 79 -32.49 22.80 16.53
N ILE A 80 -31.34 22.14 16.62
CA ILE A 80 -31.29 20.68 16.63
C ILE A 80 -32.16 20.13 17.73
N ASP A 81 -32.01 20.70 18.92
CA ASP A 81 -32.81 20.31 20.06
C ASP A 81 -34.32 20.44 19.81
N ARG A 82 -34.73 21.54 19.18
CA ARG A 82 -36.11 21.81 18.86
C ARG A 82 -36.68 20.74 17.92
N VAL A 83 -35.89 20.40 16.91
CA VAL A 83 -36.29 19.42 15.91
C VAL A 83 -36.51 18.06 16.56
N ILE A 84 -35.51 17.59 17.30
CA ILE A 84 -35.60 16.27 17.95
C ILE A 84 -36.72 16.26 19.01
N ASP A 85 -36.84 17.37 19.78
CA ASP A 85 -37.88 17.48 20.82
C ASP A 85 -39.27 17.39 20.21
N LEU A 86 -39.45 18.03 19.06
CA LEU A 86 -40.70 17.90 18.31
C LEU A 86 -41.05 16.44 18.01
N TYR A 87 -40.08 15.68 17.50
CA TYR A 87 -40.35 14.30 17.11
C TYR A 87 -40.50 13.39 18.35
N GLN A 88 -39.70 13.63 19.38
CA GLN A 88 -39.82 12.84 20.60
C GLN A 88 -41.21 13.03 21.19
N ALA A 89 -41.73 14.26 21.10
CA ALA A 89 -43.09 14.59 21.58
C ALA A 89 -44.16 13.67 20.96
N VAL A 90 -44.01 13.36 19.69
CA VAL A 90 -44.90 12.47 18.97
C VAL A 90 -44.71 11.02 19.44
N LEU A 91 -43.44 10.61 19.52
CA LEU A 91 -43.09 9.22 19.87
C LEU A 91 -43.51 8.90 21.27
N ASN A 92 -43.52 9.90 22.15
CA ASN A 92 -43.91 9.67 23.55
C ASN A 92 -45.41 9.75 23.86
N VAL A 93 -46.24 9.95 22.84
CA VAL A 93 -47.67 9.79 22.97
C VAL A 93 -47.99 8.31 22.98
N ASN A 94 -48.55 7.84 24.10
CA ASN A 94 -48.72 6.40 24.22
C ASN A 94 -50.08 5.84 23.77
N LYS A 95 -50.86 6.72 23.16
CA LYS A 95 -52.09 6.35 22.51
C LYS A 95 -51.78 6.30 21.00
N PRO A 96 -52.63 5.63 20.21
CA PRO A 96 -52.48 5.63 18.75
C PRO A 96 -52.38 7.03 18.16
N THR A 97 -51.41 7.23 17.28
CA THR A 97 -51.26 8.49 16.57
C THR A 97 -51.31 8.25 15.07
N ILE A 98 -52.10 9.10 14.41
CA ILE A 98 -52.36 9.00 12.97
C ILE A 98 -52.03 10.35 12.34
N ALA A 99 -51.19 10.32 11.30
CA ALA A 99 -50.89 11.48 10.48
C ALA A 99 -51.78 11.44 9.26
N ALA A 100 -52.51 12.54 9.01
CA ALA A 100 -53.31 12.69 7.78
C ALA A 100 -52.65 13.74 6.90
N VAL A 101 -51.94 13.27 5.87
CA VAL A 101 -51.06 14.14 5.06
C VAL A 101 -51.68 14.60 3.75
N ASP A 102 -51.96 15.89 3.66
CA ASP A 102 -52.39 16.46 2.38
C ASP A 102 -51.38 17.54 2.02
N GLY A 103 -51.41 17.98 0.78
CA GLY A 103 -50.41 18.90 0.26
C GLY A 103 -49.02 18.33 0.47
N TYR A 104 -48.12 19.17 0.97
CA TYR A 104 -46.71 18.81 1.09
C TYR A 104 -46.32 18.39 2.49
N ALA A 105 -45.47 17.36 2.54
CA ALA A 105 -44.74 16.99 3.71
C ALA A 105 -43.26 17.03 3.32
N ILE A 106 -42.60 18.15 3.63
CA ILE A 106 -41.24 18.42 3.15
C ILE A 106 -40.25 18.53 4.32
N GLY A 107 -39.09 17.86 4.21
CA GLY A 107 -38.05 17.99 5.23
C GLY A 107 -38.58 17.59 6.58
N MET A 108 -38.59 18.53 7.53
CA MET A 108 -39.12 18.28 8.88
C MET A 108 -40.51 17.76 8.85
N GLY A 109 -41.31 18.18 7.87
CA GLY A 109 -42.69 17.71 7.73
C GLY A 109 -42.74 16.23 7.42
N PHE A 110 -41.82 15.77 6.59
CA PHE A 110 -41.67 14.39 6.21
C PHE A 110 -41.20 13.59 7.45
N GLN A 111 -40.15 14.10 8.10
CA GLN A 111 -39.60 13.48 9.29
C GLN A 111 -40.62 13.40 10.41
N PHE A 112 -41.37 14.46 10.57
CA PHE A 112 -42.45 14.52 11.54
C PHE A 112 -43.51 13.44 11.33
N ALA A 113 -43.97 13.29 10.10
CA ALA A 113 -44.93 12.26 9.75
C ALA A 113 -44.44 10.83 10.06
N LEU A 114 -43.14 10.60 9.93
CA LEU A 114 -42.58 9.29 10.23
C LEU A 114 -42.62 8.91 11.68
N MET A 115 -42.96 9.85 12.54
CA MET A 115 -43.05 9.60 13.99
C MET A 115 -44.38 8.97 14.42
N PHE A 116 -45.37 9.04 13.52
CA PHE A 116 -46.73 8.57 13.79
C PHE A 116 -46.86 7.10 13.58
N ASP A 117 -47.76 6.50 14.33
CA ASP A 117 -47.98 5.08 14.23
C ASP A 117 -48.43 4.65 12.83
N GLN A 118 -49.30 5.47 12.20
CA GLN A 118 -49.82 5.21 10.85
C GLN A 118 -49.82 6.55 10.13
N ARG A 119 -49.70 6.50 8.81
CA ARG A 119 -49.85 7.66 7.92
C ARG A 119 -50.86 7.35 6.82
N LEU A 120 -51.78 8.28 6.59
CA LEU A 120 -52.54 8.29 5.32
C LEU A 120 -52.20 9.57 4.59
N MET A 121 -52.22 9.50 3.27
CA MET A 121 -52.04 10.70 2.49
C MET A 121 -53.15 10.81 1.46
N ALA A 122 -53.33 12.03 0.96
CA ALA A 122 -54.21 12.29 -0.14
C ALA A 122 -53.53 11.86 -1.40
N SER A 123 -54.31 11.50 -2.40
CA SER A 123 -53.78 11.02 -3.65
C SER A 123 -53.03 12.13 -4.38
N THR A 124 -53.26 13.39 -3.96
CA THR A 124 -52.65 14.56 -4.57
C THR A 124 -51.56 15.17 -3.68
N ALA A 125 -51.22 14.48 -2.59
CA ALA A 125 -50.14 14.94 -1.69
C ALA A 125 -48.76 14.48 -2.19
N ASN A 126 -47.71 15.08 -1.59
CA ASN A 126 -46.33 14.78 -1.91
C ASN A 126 -45.47 14.81 -0.66
N PHE A 127 -44.60 13.80 -0.55
CA PHE A 127 -43.51 13.78 0.43
C PHE A 127 -42.22 14.22 -0.28
N VAL A 128 -41.41 15.05 0.38
CA VAL A 128 -40.12 15.47 -0.19
C VAL A 128 -39.09 15.53 0.93
N MET A 129 -37.87 15.09 0.62
CA MET A 129 -36.68 15.28 1.48
C MET A 129 -35.57 15.93 0.63
N PRO A 130 -35.77 17.22 0.26
CA PRO A 130 -34.92 17.89 -0.72
C PRO A 130 -33.72 18.62 -0.14
N GLU A 131 -33.44 18.40 1.16
CA GLU A 131 -32.41 19.14 1.88
C GLU A 131 -31.11 19.30 1.09
N LEU A 132 -30.54 18.20 0.59
CA LEU A 132 -29.24 18.21 -0.05
C LEU A 132 -29.20 19.01 -1.32
N LYS A 133 -30.30 18.94 -2.07
CA LYS A 133 -30.49 19.72 -3.28
C LYS A 133 -30.42 21.24 -2.99
N HIS A 134 -30.84 21.63 -1.79
CA HIS A 134 -30.88 23.00 -1.36
C HIS A 134 -29.73 23.44 -0.46
N GLY A 135 -28.71 22.58 -0.33
CA GLY A 135 -27.53 22.90 0.46
C GLY A 135 -27.78 22.85 1.96
N ILE A 136 -28.77 22.04 2.36
CA ILE A 136 -29.14 21.86 3.76
C ILE A 136 -28.71 20.46 4.19
N GLY A 137 -28.06 20.34 5.35
CA GLY A 137 -27.67 19.04 5.85
C GLY A 137 -28.89 18.17 6.03
N CYS A 138 -28.75 16.88 5.76
CA CYS A 138 -29.87 15.96 5.93
C CYS A 138 -29.56 14.81 6.88
N SER A 139 -28.62 15.01 7.81
CA SER A 139 -28.20 13.90 8.63
C SER A 139 -29.32 13.44 9.56
N VAL A 140 -30.19 14.35 9.99
CA VAL A 140 -31.34 14.01 10.83
C VAL A 140 -32.40 13.24 10.06
N GLY A 141 -32.77 13.76 8.91
CA GLY A 141 -33.70 13.04 8.06
C GLY A 141 -33.19 11.68 7.60
N ALA A 142 -31.88 11.59 7.36
CA ALA A 142 -31.25 10.33 7.01
C ALA A 142 -31.33 9.29 8.15
N ALA A 143 -30.99 9.73 9.37
CA ALA A 143 -31.01 8.87 10.52
C ALA A 143 -32.40 8.32 10.71
N ILE A 144 -33.39 9.18 10.60
CA ILE A 144 -34.78 8.82 10.80
C ILE A 144 -35.27 7.83 9.72
N LEU A 145 -35.05 8.17 8.48
CA LEU A 145 -35.54 7.34 7.39
C LEU A 145 -34.82 5.99 7.34
N GLY A 146 -33.51 5.99 7.63
CA GLY A 146 -32.75 4.76 7.73
C GLY A 146 -33.31 3.85 8.82
N PHE A 147 -33.72 4.44 9.95
CA PHE A 147 -34.36 3.67 11.03
C PHE A 147 -35.72 3.11 10.60
N THR A 148 -36.53 3.97 9.99
CA THR A 148 -37.92 3.61 9.65
C THR A 148 -38.01 2.72 8.45
N HIS A 149 -37.20 3.03 7.43
CA HIS A 149 -37.35 2.38 6.13
C HIS A 149 -36.10 1.71 5.58
N GLY A 150 -35.05 1.67 6.38
CA GLY A 150 -33.83 0.99 6.06
C GLY A 150 -32.90 1.87 5.23
N PHE A 151 -31.66 1.41 5.13
CA PHE A 151 -30.58 2.20 4.62
C PHE A 151 -30.71 2.54 3.13
N SER A 152 -30.98 1.54 2.30
CA SER A 152 -30.97 1.73 0.85
C SER A 152 -32.14 2.59 0.37
N THR A 153 -33.29 2.43 1.00
CA THR A 153 -34.41 3.34 0.73
C THR A 153 -34.13 4.75 1.15
N MET A 154 -33.52 4.89 2.32
CA MET A 154 -33.12 6.20 2.80
C MET A 154 -32.16 6.88 1.81
N GLN A 155 -31.14 6.14 1.36
CA GLN A 155 -30.17 6.67 0.43
C GLN A 155 -30.83 7.20 -0.83
N GLU A 156 -31.73 6.39 -1.38
CA GLU A 156 -32.44 6.71 -2.60
C GLU A 156 -33.25 8.01 -2.42
N ILE A 157 -33.94 8.12 -1.30
CA ILE A 157 -34.78 9.27 -1.06
C ILE A 157 -33.97 10.54 -0.86
N ILE A 158 -32.98 10.53 0.02
CA ILE A 158 -32.22 11.75 0.35
C ILE A 158 -31.24 12.19 -0.78
N TYR A 159 -30.80 11.26 -1.61
CA TYR A 159 -29.85 11.57 -2.68
C TYR A 159 -30.53 11.94 -3.98
N GLN A 160 -31.78 11.52 -4.16
CA GLN A 160 -32.52 11.89 -5.34
C GLN A 160 -33.32 13.20 -5.18
N CYS A 161 -33.76 13.50 -3.96
CA CYS A 161 -34.47 14.72 -3.66
C CYS A 161 -35.67 14.96 -4.57
N GLN A 162 -36.42 13.90 -4.81
CA GLN A 162 -37.58 13.96 -5.66
C GLN A 162 -38.86 14.17 -4.88
N SER A 163 -39.82 14.77 -5.54
CA SER A 163 -41.15 14.87 -5.02
C SER A 163 -41.80 13.53 -5.14
N LEU A 164 -42.20 12.98 -3.99
CA LEU A 164 -42.77 11.63 -3.93
C LEU A 164 -44.26 11.71 -3.91
N ASP A 165 -44.88 11.37 -5.03
CA ASP A 165 -46.33 11.35 -5.12
C ASP A 165 -46.92 10.11 -4.44
N ALA A 166 -48.25 10.03 -4.45
CA ALA A 166 -48.93 8.98 -3.72
C ALA A 166 -48.48 7.58 -4.12
N PRO A 167 -48.48 7.27 -5.42
CA PRO A 167 -47.98 5.97 -5.85
C PRO A 167 -46.54 5.67 -5.44
N ARG A 168 -45.68 6.68 -5.46
CA ARG A 168 -44.29 6.51 -5.07
C ARG A 168 -44.17 6.25 -3.56
N CYS A 169 -44.99 6.93 -2.78
CA CYS A 169 -45.05 6.69 -1.32
C CYS A 169 -45.62 5.31 -0.98
N VAL A 170 -46.60 4.83 -1.75
CA VAL A 170 -47.10 3.46 -1.59
C VAL A 170 -45.96 2.44 -1.88
N ASP A 171 -45.29 2.64 -3.01
CA ASP A 171 -44.14 1.81 -3.36
C ASP A 171 -43.03 1.77 -2.28
N TYR A 172 -42.74 2.90 -1.64
CA TYR A 172 -41.78 2.97 -0.53
C TYR A 172 -42.32 2.47 0.79
N ARG A 173 -43.63 2.28 0.85
CA ARG A 173 -44.35 1.97 2.08
C ARG A 173 -44.21 3.11 3.07
N LEU A 174 -44.27 4.35 2.58
CA LEU A 174 -44.19 5.52 3.47
C LEU A 174 -45.53 5.81 4.10
N VAL A 175 -46.58 5.30 3.45
CA VAL A 175 -47.93 5.54 3.95
C VAL A 175 -48.73 4.24 3.93
N ASN A 176 -49.78 4.21 4.72
CA ASN A 176 -50.59 3.05 5.00
C ASN A 176 -51.77 3.01 4.07
N GLN A 177 -52.24 4.20 3.67
CA GLN A 177 -53.40 4.40 2.79
C GLN A 177 -53.28 5.65 1.97
N VAL A 178 -53.87 5.59 0.79
CA VAL A 178 -54.03 6.76 -0.06
C VAL A 178 -55.52 6.95 -0.31
N VAL A 179 -56.04 8.14 -0.07
CA VAL A 179 -57.45 8.46 -0.38
C VAL A 179 -57.56 9.88 -0.98
N GLU A 180 -58.73 10.27 -1.44
CA GLU A 180 -58.91 11.61 -2.00
C GLU A 180 -58.87 12.63 -0.84
N SER A 181 -58.40 13.83 -1.14
CA SER A 181 -58.31 14.90 -0.12
C SER A 181 -59.57 15.03 0.70
N SER A 182 -60.72 15.00 0.02
CA SER A 182 -62.00 15.23 0.68
C SER A 182 -62.41 14.10 1.61
N ALA A 183 -61.77 12.94 1.47
CA ALA A 183 -62.04 11.76 2.29
C ALA A 183 -60.94 11.52 3.35
N LEU A 184 -59.84 12.26 3.28
CA LEU A 184 -58.68 11.96 4.06
C LEU A 184 -58.90 12.03 5.56
N LEU A 185 -59.44 13.15 6.04
CA LEU A 185 -59.55 13.33 7.47
C LEU A 185 -60.47 12.27 8.10
N ASP A 186 -61.58 11.99 7.44
CA ASP A 186 -62.51 10.96 7.89
C ASP A 186 -61.88 9.57 7.89
N ALA A 187 -61.08 9.28 6.88
CA ALA A 187 -60.40 7.99 6.85
C ALA A 187 -59.38 7.87 8.02
N ALA A 188 -58.72 8.98 8.31
CA ALA A 188 -57.74 9.02 9.40
C ALA A 188 -58.41 8.89 10.76
N ILE A 189 -59.51 9.59 10.95
CA ILE A 189 -60.30 9.48 12.16
C ILE A 189 -60.83 8.05 12.35
N THR A 190 -61.32 7.46 11.25
CA THR A 190 -61.76 6.08 11.22
C THR A 190 -60.68 5.14 11.72
N GLN A 191 -59.46 5.24 11.17
CA GLN A 191 -58.35 4.37 11.65
C GLN A 191 -57.99 4.65 13.10
N ALA A 192 -58.13 5.90 13.52
CA ALA A 192 -57.88 6.25 14.91
C ALA A 192 -58.91 5.58 15.85
N HIS A 193 -60.16 5.47 15.39
CA HIS A 193 -61.19 4.80 16.13
C HIS A 193 -60.89 3.32 16.26
N VAL A 194 -60.44 2.71 15.16
CA VAL A 194 -60.09 1.31 15.16
C VAL A 194 -58.98 0.99 16.18
N MET A 195 -57.93 1.80 16.19
CA MET A 195 -56.82 1.62 17.08
C MET A 195 -57.14 2.00 18.52
N ALA A 196 -58.00 3.01 18.68
CA ALA A 196 -58.50 3.37 20.03
C ALA A 196 -59.30 2.23 20.70
N SER A 197 -59.89 1.33 19.89
CA SER A 197 -60.66 0.23 20.43
C SER A 197 -59.77 -0.91 20.91
N TYR A 198 -58.49 -0.88 20.57
CA TYR A 198 -57.55 -1.84 21.14
C TYR A 198 -57.41 -1.57 22.62
N PRO A 199 -57.61 -2.61 23.47
CA PRO A 199 -57.38 -2.41 24.91
C PRO A 199 -56.10 -1.63 25.21
N ALA A 200 -56.25 -0.58 26.03
CA ALA A 200 -55.23 0.45 26.17
C ALA A 200 -53.95 0.00 26.79
N SER A 201 -54.07 -0.83 27.81
CA SER A 201 -52.91 -1.27 28.56
C SER A 201 -51.93 -2.03 27.70
N ALA A 202 -52.42 -3.03 26.94
CA ALA A 202 -51.59 -3.80 26.03
C ALA A 202 -51.05 -2.89 24.97
N PHE A 203 -51.86 -1.97 24.46
CA PHE A 203 -51.39 -1.07 23.42
C PHE A 203 -50.23 -0.15 23.87
N ILE A 204 -50.45 0.51 25.00
CA ILE A 204 -49.49 1.44 25.60
C ILE A 204 -48.18 0.74 25.85
N ASN A 205 -48.24 -0.43 26.49
CA ASN A 205 -47.01 -1.15 26.82
C ASN A 205 -46.26 -1.61 25.56
N THR A 206 -47.00 -2.06 24.56
CA THR A 206 -46.43 -2.47 23.30
C THR A 206 -45.79 -1.31 22.59
N LYS A 207 -46.54 -0.21 22.46
CA LYS A 207 -46.04 0.98 21.75
C LYS A 207 -44.76 1.56 22.38
N ARG A 208 -44.71 1.57 23.71
CA ARG A 208 -43.54 1.99 24.41
C ARG A 208 -42.33 1.15 24.04
N ALA A 209 -42.48 -0.17 24.04
CA ALA A 209 -41.42 -1.10 23.64
C ALA A 209 -41.03 -0.91 22.17
N VAL A 210 -42.01 -0.68 21.31
CA VAL A 210 -41.81 -0.41 19.88
C VAL A 210 -41.02 0.89 19.62
N ASN A 211 -41.45 1.95 20.30
CA ASN A 211 -40.88 3.28 20.05
C ASN A 211 -39.58 3.53 20.79
N LYS A 212 -39.28 2.69 21.77
CA LYS A 212 -38.07 2.86 22.58
C LYS A 212 -36.78 2.97 21.74
N PRO A 213 -36.50 2.00 20.86
CA PRO A 213 -35.31 2.15 19.98
C PRO A 213 -35.34 3.36 19.02
N PHE A 214 -36.54 3.84 18.65
CA PHE A 214 -36.67 5.06 17.82
C PHE A 214 -36.26 6.28 18.63
N ILE A 215 -36.77 6.36 19.85
CA ILE A 215 -36.44 7.44 20.75
C ILE A 215 -34.95 7.48 21.03
N HIS A 216 -34.37 6.30 21.26
CA HIS A 216 -32.96 6.15 21.50
C HIS A 216 -32.16 6.61 20.27
N LEU A 217 -32.57 6.18 19.09
CA LEU A 217 -31.95 6.63 17.85
C LEU A 217 -31.98 8.18 17.74
N LEU A 218 -33.14 8.78 18.03
CA LEU A 218 -33.26 10.23 17.93
C LEU A 218 -32.32 10.94 18.88
N GLU A 219 -32.18 10.40 20.07
CA GLU A 219 -31.31 10.94 21.08
C GLU A 219 -29.85 10.85 20.67
N GLN A 220 -29.46 9.72 20.10
CA GLN A 220 -28.12 9.57 19.53
C GLN A 220 -27.89 10.54 18.39
N THR A 221 -28.93 10.77 17.60
CA THR A 221 -28.87 11.71 16.47
C THR A 221 -28.73 13.16 16.99
N ARG A 222 -29.46 13.50 18.04
CA ARG A 222 -29.33 14.80 18.67
C ARG A 222 -27.87 15.05 19.00
N ASP A 223 -27.26 14.09 19.70
CA ASP A 223 -25.92 14.21 20.18
C ASP A 223 -24.89 14.27 19.06
N ALA A 224 -25.11 13.46 18.04
CA ALA A 224 -24.18 13.35 16.94
C ALA A 224 -24.23 14.60 16.07
N SER A 225 -25.41 15.11 15.74
CA SER A 225 -25.48 16.39 14.98
C SER A 225 -24.72 17.51 15.72
N LYS A 226 -24.64 17.43 17.05
CA LYS A 226 -23.93 18.43 17.86
C LYS A 226 -22.42 18.21 18.04
N ALA A 227 -22.03 16.97 18.35
CA ALA A 227 -20.61 16.59 18.35
C ALA A 227 -19.99 17.10 17.05
N VAL A 228 -20.73 16.88 15.96
CA VAL A 228 -20.33 17.30 14.63
C VAL A 228 -20.20 18.82 14.50
N HIS A 229 -21.26 19.57 14.86
CA HIS A 229 -21.22 21.04 14.82
C HIS A 229 -20.35 21.65 15.94
N LYS A 230 -19.04 21.67 15.67
CA LYS A 230 -18.01 21.89 16.67
C LYS A 230 -16.77 21.07 16.25
N MET B 1 -46.18 -34.93 20.65
CA MET B 1 -47.05 -33.94 19.96
C MET B 1 -46.46 -33.49 18.65
N VAL B 2 -45.44 -34.20 18.18
CA VAL B 2 -44.89 -33.99 16.84
C VAL B 2 -44.62 -35.36 16.23
N PHE B 3 -44.62 -35.47 14.91
CA PHE B 3 -43.96 -36.64 14.32
C PHE B 3 -42.80 -36.28 13.46
N GLU B 4 -41.81 -37.16 13.48
CA GLU B 4 -40.52 -36.91 12.87
C GLU B 4 -40.36 -37.92 11.76
N GLU B 5 -40.12 -37.42 10.56
CA GLU B 5 -39.95 -38.23 9.39
C GLU B 5 -38.74 -37.79 8.64
N ASN B 6 -38.27 -38.66 7.75
CA ASN B 6 -37.08 -38.36 6.99
C ASN B 6 -37.28 -38.50 5.49
N SER B 7 -36.84 -37.47 4.75
CA SER B 7 -36.64 -37.58 3.30
C SER B 7 -35.14 -37.54 3.15
N ASP B 8 -34.52 -38.70 3.22
CA ASP B 8 -33.07 -38.82 3.30
C ASP B 8 -32.47 -37.92 4.37
N GLU B 9 -31.69 -36.93 3.95
CA GLU B 9 -30.97 -36.09 4.88
C GLU B 9 -31.83 -34.93 5.42
N VAL B 10 -33.09 -34.89 4.99
CA VAL B 10 -34.04 -33.88 5.46
C VAL B 10 -34.97 -34.46 6.54
N ARG B 11 -34.87 -33.88 7.73
CA ARG B 11 -35.78 -34.18 8.84
C ARG B 11 -37.04 -33.31 8.70
N VAL B 12 -38.20 -33.97 8.67
CA VAL B 12 -39.49 -33.32 8.61
C VAL B 12 -40.15 -33.49 9.97
N ILE B 13 -40.43 -32.38 10.63
CA ILE B 13 -41.13 -32.37 11.91
C ILE B 13 -42.54 -31.81 11.71
N THR B 14 -43.54 -32.66 11.93
CA THR B 14 -44.94 -32.25 11.76
C THR B 14 -45.55 -32.05 13.12
N LEU B 15 -46.11 -30.86 13.33
CA LEU B 15 -46.73 -30.53 14.59
C LEU B 15 -48.05 -31.30 14.66
N ASP B 16 -48.28 -31.93 15.82
CA ASP B 16 -49.38 -32.85 15.99
C ASP B 16 -50.09 -32.66 17.34
N HIS B 17 -50.38 -31.41 17.69
CA HIS B 17 -51.27 -31.12 18.81
C HIS B 17 -52.64 -31.76 18.58
N PRO B 18 -53.32 -32.20 19.64
CA PRO B 18 -54.68 -32.70 19.46
C PRO B 18 -55.60 -31.78 18.66
N ASN B 19 -55.48 -30.48 18.88
CA ASN B 19 -56.20 -29.47 18.09
C ASN B 19 -55.53 -29.21 16.74
N LYS B 20 -56.32 -29.29 15.67
CA LYS B 20 -55.80 -29.14 14.31
C LYS B 20 -55.12 -27.78 14.04
N HIS B 21 -55.26 -26.79 14.92
CA HIS B 21 -54.58 -25.49 14.74
C HIS B 21 -53.21 -25.37 15.41
N ASN B 22 -52.77 -26.44 16.06
CA ASN B 22 -51.44 -26.51 16.69
C ASN B 22 -51.13 -25.34 17.59
N PRO B 23 -52.03 -25.10 18.55
CA PRO B 23 -51.77 -24.06 19.52
C PRO B 23 -50.53 -24.41 20.35
N PHE B 24 -49.70 -23.40 20.63
CA PHE B 24 -48.49 -23.63 21.41
C PHE B 24 -48.84 -23.73 22.90
N SER B 25 -49.26 -24.92 23.28
CA SER B 25 -49.31 -25.32 24.67
C SER B 25 -47.87 -25.63 25.11
N ARG B 26 -47.67 -25.71 26.41
CA ARG B 26 -46.38 -26.07 26.96
C ARG B 26 -45.90 -27.44 26.47
N THR B 27 -46.79 -28.40 26.30
CA THR B 27 -46.46 -29.71 25.74
C THR B 27 -45.96 -29.65 24.31
N LEU B 28 -46.67 -28.92 23.44
CA LEU B 28 -46.22 -28.79 22.06
C LEU B 28 -44.88 -28.02 21.96
N GLU B 29 -44.71 -26.97 22.76
CA GLU B 29 -43.41 -26.26 22.80
C GLU B 29 -42.27 -27.23 23.12
N THR B 30 -42.46 -28.02 24.16
CA THR B 30 -41.45 -28.94 24.59
C THR B 30 -41.11 -29.99 23.52
N SER B 31 -42.15 -30.55 22.88
CA SER B 31 -41.98 -31.56 21.82
C SER B 31 -41.22 -31.01 20.65
N VAL B 32 -41.56 -29.80 20.25
CA VAL B 32 -40.91 -29.11 19.15
C VAL B 32 -39.46 -28.85 19.50
N LYS B 33 -39.22 -28.23 20.66
CA LYS B 33 -37.89 -27.90 21.12
C LYS B 33 -37.02 -29.15 21.17
N ASP B 34 -37.57 -30.23 21.71
CA ASP B 34 -36.89 -31.54 21.80
C ASP B 34 -36.55 -32.16 20.43
N ALA B 35 -37.48 -32.03 19.47
CA ALA B 35 -37.29 -32.54 18.13
C ALA B 35 -36.22 -31.77 17.37
N LEU B 36 -36.22 -30.46 17.56
CA LEU B 36 -35.27 -29.58 16.93
C LEU B 36 -33.87 -29.84 17.43
N ALA B 37 -33.78 -30.12 18.72
CA ALA B 37 -32.51 -30.43 19.39
C ALA B 37 -31.95 -31.77 18.91
N ARG B 38 -32.82 -32.74 18.71
CA ARG B 38 -32.43 -34.01 18.10
C ARG B 38 -31.97 -33.83 16.68
N ALA B 39 -32.74 -33.10 15.87
CA ALA B 39 -32.34 -32.83 14.50
C ALA B 39 -30.95 -32.16 14.42
N ASN B 40 -30.71 -31.22 15.33
CA ASN B 40 -29.47 -30.44 15.38
C ASN B 40 -28.22 -31.27 15.73
N ALA B 41 -28.42 -32.28 16.55
CA ALA B 41 -27.37 -33.17 17.06
C ALA B 41 -27.16 -34.41 16.20
N ASP B 42 -28.15 -34.74 15.36
CA ASP B 42 -28.10 -35.88 14.48
C ASP B 42 -27.33 -35.50 13.20
N ASP B 43 -26.23 -36.18 13.00
CA ASP B 43 -25.29 -35.93 11.93
C ASP B 43 -25.91 -36.34 10.57
N SER B 44 -26.86 -37.27 10.60
CA SER B 44 -27.52 -37.75 9.39
C SER B 44 -28.47 -36.72 8.85
N VAL B 45 -28.80 -35.73 9.66
CA VAL B 45 -29.77 -34.69 9.30
C VAL B 45 -29.03 -33.46 8.78
N ARG B 46 -29.31 -33.06 7.56
CA ARG B 46 -28.60 -31.95 6.97
C ARG B 46 -29.50 -30.74 6.69
N ALA B 47 -30.81 -30.92 6.90
CA ALA B 47 -31.76 -29.80 6.85
C ALA B 47 -32.99 -30.20 7.60
N VAL B 48 -33.81 -29.20 7.93
CA VAL B 48 -35.02 -29.40 8.75
C VAL B 48 -36.23 -28.68 8.17
N VAL B 49 -37.35 -29.40 8.02
CA VAL B 49 -38.62 -28.81 7.67
C VAL B 49 -39.61 -28.92 8.83
N VAL B 50 -40.28 -27.81 9.15
CA VAL B 50 -41.36 -27.82 10.13
C VAL B 50 -42.68 -27.49 9.45
N TYR B 51 -43.68 -28.32 9.69
CA TYR B 51 -44.94 -28.32 8.97
C TYR B 51 -46.04 -28.58 9.98
N GLY B 52 -47.14 -27.87 9.87
CA GLY B 52 -48.30 -28.08 10.75
C GLY B 52 -49.10 -29.35 10.46
N GLY B 53 -48.88 -29.95 9.28
CA GLY B 53 -49.62 -31.15 8.85
C GLY B 53 -50.72 -30.80 7.83
N ALA B 54 -51.16 -31.80 7.08
CA ALA B 54 -52.17 -31.59 6.06
C ALA B 54 -53.52 -31.26 6.68
N GLU B 55 -54.14 -30.20 6.16
CA GLU B 55 -55.43 -29.70 6.62
C GLU B 55 -55.39 -29.26 8.09
N ARG B 56 -54.23 -28.77 8.52
CA ARG B 56 -54.05 -28.23 9.86
C ARG B 56 -53.41 -26.86 9.68
N SER B 57 -53.31 -26.11 10.77
CA SER B 57 -52.62 -24.83 10.77
C SER B 57 -51.19 -25.00 11.24
N PHE B 58 -50.31 -24.15 10.74
CA PHE B 58 -48.93 -24.12 11.19
C PHE B 58 -48.91 -23.91 12.72
N SER B 59 -49.53 -22.82 13.16
CA SER B 59 -49.88 -22.65 14.58
C SER B 59 -50.72 -21.41 14.75
N ALA B 60 -51.88 -21.60 15.36
CA ALA B 60 -52.71 -20.51 15.81
C ALA B 60 -52.10 -19.77 17.01
N GLY B 61 -50.94 -20.25 17.50
CA GLY B 61 -50.17 -19.56 18.51
C GLY B 61 -50.50 -19.94 19.93
N GLY B 62 -50.20 -19.05 20.86
CA GLY B 62 -50.56 -19.26 22.26
C GLY B 62 -52.01 -19.06 22.57
N ASP B 63 -52.48 -20.02 23.39
CA ASP B 63 -53.66 -19.88 24.28
C ASP B 63 -53.84 -18.45 24.85
N PHE B 64 -54.93 -17.77 24.48
CA PHE B 64 -55.00 -16.30 24.59
C PHE B 64 -55.89 -15.78 25.76
N ASN B 65 -56.78 -16.60 26.30
CA ASN B 65 -57.37 -16.30 27.62
C ASN B 65 -56.48 -16.83 28.75
N GLU B 66 -55.62 -17.79 28.40
CA GLU B 66 -54.54 -18.25 29.27
C GLU B 66 -53.64 -17.07 29.62
N VAL B 67 -53.25 -16.26 28.65
CA VAL B 67 -52.38 -15.10 28.93
C VAL B 67 -53.13 -13.91 29.60
N LYS B 68 -54.44 -13.78 29.37
CA LYS B 68 -55.24 -12.79 30.12
C LYS B 68 -55.38 -13.21 31.59
N GLN B 69 -55.71 -14.49 31.82
CA GLN B 69 -55.85 -15.04 33.17
C GLN B 69 -54.49 -15.27 33.85
N LEU B 70 -53.47 -15.57 33.06
CA LEU B 70 -52.09 -15.33 33.48
C LEU B 70 -52.09 -13.95 34.14
N SER B 71 -51.77 -13.87 35.42
CA SER B 71 -51.81 -12.59 36.14
C SER B 71 -50.70 -12.37 37.18
N ARG B 72 -50.01 -13.45 37.57
CA ARG B 72 -48.97 -13.36 38.59
C ARG B 72 -47.61 -13.09 37.97
N SER B 73 -46.78 -12.31 38.67
CA SER B 73 -45.43 -11.97 38.21
C SER B 73 -44.69 -13.20 37.68
N GLU B 74 -44.56 -14.22 38.53
CA GLU B 74 -43.79 -15.41 38.18
C GLU B 74 -44.30 -16.10 36.92
N ASP B 75 -45.63 -16.08 36.76
CA ASP B 75 -46.31 -16.82 35.69
C ASP B 75 -46.16 -16.20 34.31
N ILE B 76 -46.21 -14.87 34.25
CA ILE B 76 -46.08 -14.14 32.97
C ILE B 76 -44.64 -14.21 32.43
N GLU B 77 -43.69 -14.18 33.37
CA GLU B 77 -42.26 -14.27 33.08
C GLU B 77 -41.84 -15.68 32.64
N GLU B 78 -42.29 -16.70 33.38
CA GLU B 78 -42.24 -18.11 32.95
C GLU B 78 -42.70 -18.26 31.49
N TRP B 79 -43.80 -17.60 31.20
CA TRP B 79 -44.35 -17.65 29.87
C TRP B 79 -43.48 -16.90 28.83
N ILE B 80 -42.96 -15.71 29.18
CA ILE B 80 -42.06 -14.99 28.27
C ILE B 80 -40.80 -15.85 28.01
N ASP B 81 -40.24 -16.46 29.05
CA ASP B 81 -39.13 -17.38 28.89
C ASP B 81 -39.43 -18.52 27.91
N ARG B 82 -40.62 -19.09 28.02
CA ARG B 82 -41.04 -20.18 27.13
C ARG B 82 -41.05 -19.76 25.69
N VAL B 83 -41.64 -18.59 25.46
CA VAL B 83 -41.78 -18.06 24.12
C VAL B 83 -40.39 -17.85 23.51
N ILE B 84 -39.53 -17.17 24.23
CA ILE B 84 -38.21 -16.85 23.68
C ILE B 84 -37.41 -18.14 23.51
N ASP B 85 -37.48 -19.02 24.50
CA ASP B 85 -36.79 -20.30 24.45
C ASP B 85 -37.19 -21.09 23.18
N LEU B 86 -38.47 -21.07 22.87
CA LEU B 86 -38.98 -21.71 21.65
C LEU B 86 -38.34 -21.21 20.38
N TYR B 87 -38.21 -19.88 20.30
CA TYR B 87 -37.64 -19.25 19.09
C TYR B 87 -36.17 -19.44 19.03
N GLN B 88 -35.49 -19.31 20.17
CA GLN B 88 -34.03 -19.56 20.24
C GLN B 88 -33.70 -20.98 19.79
N ALA B 89 -34.54 -21.92 20.16
CA ALA B 89 -34.40 -23.30 19.76
C ALA B 89 -34.31 -23.48 18.21
N VAL B 90 -35.10 -22.71 17.48
CA VAL B 90 -35.06 -22.72 16.03
C VAL B 90 -33.82 -21.97 15.50
N LEU B 91 -33.53 -20.81 16.07
CA LEU B 91 -32.41 -19.99 15.60
C LEU B 91 -31.09 -20.68 15.80
N ASN B 92 -31.01 -21.55 16.80
CA ASN B 92 -29.78 -22.25 17.12
C ASN B 92 -29.57 -23.55 16.37
N VAL B 93 -30.47 -23.90 15.47
CA VAL B 93 -30.29 -25.03 14.57
C VAL B 93 -29.28 -24.64 13.50
N ASN B 94 -28.21 -25.39 13.46
CA ASN B 94 -27.08 -25.01 12.70
C ASN B 94 -27.12 -25.57 11.23
N LYS B 95 -28.20 -26.22 10.87
CA LYS B 95 -28.47 -26.69 9.53
C LYS B 95 -29.65 -25.85 8.98
N PRO B 96 -29.88 -25.89 7.65
CA PRO B 96 -30.99 -25.17 7.04
C PRO B 96 -32.31 -25.52 7.70
N THR B 97 -33.14 -24.52 7.96
CA THR B 97 -34.50 -24.73 8.43
C THR B 97 -35.50 -24.11 7.50
N ILE B 98 -36.58 -24.87 7.25
CA ILE B 98 -37.64 -24.42 6.40
C ILE B 98 -38.97 -24.57 7.12
N ALA B 99 -39.76 -23.49 7.10
CA ALA B 99 -41.15 -23.51 7.59
C ALA B 99 -42.10 -23.71 6.41
N ALA B 100 -42.97 -24.72 6.52
CA ALA B 100 -44.02 -24.94 5.53
C ALA B 100 -45.34 -24.54 6.14
N VAL B 101 -45.83 -23.36 5.79
CA VAL B 101 -46.97 -22.79 6.47
C VAL B 101 -48.27 -22.97 5.72
N ASP B 102 -49.18 -23.72 6.33
CA ASP B 102 -50.54 -23.84 5.79
C ASP B 102 -51.48 -23.46 6.90
N GLY B 103 -52.73 -23.18 6.54
CA GLY B 103 -53.71 -22.71 7.50
C GLY B 103 -53.23 -21.42 8.08
N TYR B 104 -53.39 -21.28 9.40
CA TYR B 104 -53.06 -20.04 10.08
C TYR B 104 -51.68 -20.09 10.75
N ALA B 105 -50.99 -18.97 10.67
CA ALA B 105 -49.84 -18.67 11.52
C ALA B 105 -50.20 -17.38 12.24
N ILE B 106 -50.64 -17.50 13.49
CA ILE B 106 -51.13 -16.38 14.25
C ILE B 106 -50.28 -16.18 15.52
N GLY B 107 -49.86 -14.94 15.77
CA GLY B 107 -49.16 -14.54 16.97
C GLY B 107 -47.87 -15.28 17.12
N MET B 108 -47.77 -16.10 18.16
CA MET B 108 -46.57 -16.95 18.33
C MET B 108 -46.28 -17.83 17.11
N GLY B 109 -47.33 -18.24 16.40
CA GLY B 109 -47.17 -19.05 15.16
C GLY B 109 -46.47 -18.29 14.05
N PHE B 110 -46.82 -17.00 13.96
CA PHE B 110 -46.25 -16.04 13.02
C PHE B 110 -44.79 -15.78 13.40
N GLN B 111 -44.59 -15.44 14.65
CA GLN B 111 -43.26 -15.17 15.20
C GLN B 111 -42.35 -16.37 15.07
N PHE B 112 -42.87 -17.56 15.38
CA PHE B 112 -42.18 -18.83 15.20
C PHE B 112 -41.69 -19.04 13.77
N ALA B 113 -42.55 -18.78 12.80
CA ALA B 113 -42.16 -18.90 11.38
C ALA B 113 -41.06 -17.97 10.94
N LEU B 114 -40.98 -16.80 11.55
CA LEU B 114 -39.92 -15.85 11.24
C LEU B 114 -38.53 -16.28 11.70
N MET B 115 -38.44 -17.34 12.51
CA MET B 115 -37.16 -17.87 13.00
C MET B 115 -36.47 -18.77 12.02
N PHE B 116 -37.22 -19.25 11.02
CA PHE B 116 -36.73 -20.18 10.01
C PHE B 116 -35.93 -19.47 8.91
N ASP B 117 -35.00 -20.20 8.31
CA ASP B 117 -34.18 -19.63 7.27
C ASP B 117 -34.99 -19.26 6.07
N GLN B 118 -36.00 -20.07 5.77
CA GLN B 118 -36.91 -19.81 4.63
C GLN B 118 -38.31 -20.23 5.04
N ARG B 119 -39.29 -19.58 4.45
CA ARG B 119 -40.70 -19.85 4.64
C ARG B 119 -41.36 -20.06 3.27
N LEU B 120 -42.12 -21.14 3.13
CA LEU B 120 -43.10 -21.27 2.07
C LEU B 120 -44.48 -21.31 2.73
N MET B 121 -45.47 -20.78 2.02
CA MET B 121 -46.84 -20.88 2.47
C MET B 121 -47.73 -21.34 1.35
N ALA B 122 -48.87 -21.90 1.75
CA ALA B 122 -49.91 -22.29 0.83
C ALA B 122 -50.63 -21.06 0.36
N SER B 123 -51.23 -21.13 -0.82
CA SER B 123 -51.92 -19.98 -1.39
C SER B 123 -53.17 -19.63 -0.58
N THR B 124 -53.61 -20.56 0.25
CA THR B 124 -54.82 -20.41 1.07
C THR B 124 -54.50 -20.18 2.55
N ALA B 125 -53.20 -19.98 2.85
CA ALA B 125 -52.75 -19.71 4.21
C ALA B 125 -52.81 -18.24 4.57
N ASN B 126 -52.80 -17.98 5.86
CA ASN B 126 -52.84 -16.62 6.43
C ASN B 126 -51.86 -16.46 7.58
N PHE B 127 -51.14 -15.34 7.56
CA PHE B 127 -50.34 -14.87 8.69
C PHE B 127 -51.14 -13.78 9.41
N VAL B 128 -51.15 -13.80 10.74
CA VAL B 128 -51.86 -12.77 11.51
C VAL B 128 -51.09 -12.42 12.78
N MET B 129 -51.02 -11.13 13.08
CA MET B 129 -50.44 -10.65 14.34
C MET B 129 -51.46 -9.76 15.04
N PRO B 130 -52.57 -10.38 15.54
CA PRO B 130 -53.74 -9.66 16.01
C PRO B 130 -53.70 -9.30 17.48
N GLU B 131 -52.56 -9.52 18.13
CA GLU B 131 -52.46 -9.34 19.59
C GLU B 131 -53.17 -8.12 20.13
N LEU B 132 -52.87 -6.96 19.57
CA LEU B 132 -53.36 -5.67 20.09
C LEU B 132 -54.87 -5.55 19.98
N LYS B 133 -55.42 -6.07 18.89
CA LYS B 133 -56.85 -6.10 18.66
C LYS B 133 -57.55 -6.87 19.79
N HIS B 134 -56.85 -7.87 20.34
CA HIS B 134 -57.39 -8.75 21.38
C HIS B 134 -56.96 -8.40 22.79
N GLY B 135 -56.28 -7.27 22.94
CA GLY B 135 -55.86 -6.80 24.25
C GLY B 135 -54.68 -7.56 24.79
N ILE B 136 -53.92 -8.16 23.90
CA ILE B 136 -52.68 -8.89 24.27
C ILE B 136 -51.45 -8.04 23.86
N GLY B 137 -50.49 -7.94 24.76
CA GLY B 137 -49.27 -7.21 24.43
C GLY B 137 -48.55 -7.81 23.23
N CYS B 138 -48.01 -6.95 22.37
CA CYS B 138 -47.29 -7.47 21.20
C CYS B 138 -45.82 -7.04 21.17
N SER B 139 -45.22 -6.80 22.30
CA SER B 139 -43.87 -6.27 22.29
C SER B 139 -42.86 -7.26 21.77
N VAL B 140 -43.09 -8.53 22.01
CA VAL B 140 -42.21 -9.58 21.48
C VAL B 140 -42.38 -9.73 19.97
N GLY B 141 -43.62 -9.78 19.49
CA GLY B 141 -43.87 -9.82 18.05
C GLY B 141 -43.34 -8.59 17.33
N ALA B 142 -43.47 -7.43 17.97
CA ALA B 142 -42.96 -6.18 17.41
C ALA B 142 -41.42 -6.22 17.30
N ALA B 143 -40.76 -6.69 18.35
CA ALA B 143 -39.31 -6.71 18.37
C ALA B 143 -38.82 -7.57 17.19
N ILE B 144 -39.43 -8.71 17.03
CA ILE B 144 -39.02 -9.70 16.03
C ILE B 144 -39.26 -9.17 14.61
N LEU B 145 -40.45 -8.64 14.40
CA LEU B 145 -40.82 -8.24 13.08
C LEU B 145 -40.06 -6.95 12.68
N GLY B 146 -39.79 -6.10 13.67
CA GLY B 146 -38.93 -4.95 13.48
C GLY B 146 -37.50 -5.34 13.07
N PHE B 147 -37.00 -6.43 13.64
CA PHE B 147 -35.68 -6.95 13.28
C PHE B 147 -35.69 -7.59 11.87
N THR B 148 -36.69 -8.40 11.59
CA THR B 148 -36.72 -9.18 10.36
C THR B 148 -37.14 -8.38 9.18
N HIS B 149 -38.11 -7.47 9.35
CA HIS B 149 -38.72 -6.74 8.27
C HIS B 149 -38.67 -5.19 8.34
N GLY B 150 -38.06 -4.69 9.39
CA GLY B 150 -37.89 -3.26 9.55
C GLY B 150 -39.09 -2.65 10.28
N PHE B 151 -38.85 -1.45 10.74
CA PHE B 151 -39.74 -0.78 11.64
C PHE B 151 -41.10 -0.45 11.06
N SER B 152 -41.15 0.16 9.89
CA SER B 152 -42.40 0.62 9.31
C SER B 152 -43.34 -0.52 8.89
N THR B 153 -42.75 -1.62 8.38
CA THR B 153 -43.51 -2.80 8.06
C THR B 153 -44.05 -3.44 9.34
N MET B 154 -43.21 -3.52 10.36
CA MET B 154 -43.68 -4.01 11.66
C MET B 154 -44.85 -3.18 12.18
N GLN B 155 -44.75 -1.85 12.14
CA GLN B 155 -45.81 -0.99 12.63
C GLN B 155 -47.12 -1.28 11.95
N GLU B 156 -47.07 -1.36 10.62
CA GLU B 156 -48.23 -1.64 9.79
C GLU B 156 -48.88 -2.97 10.22
N ILE B 157 -48.10 -4.00 10.34
CA ILE B 157 -48.65 -5.29 10.65
C ILE B 157 -49.25 -5.36 12.07
N ILE B 158 -48.51 -4.90 13.07
CA ILE B 158 -48.97 -4.99 14.45
C ILE B 158 -50.10 -4.04 14.80
N TYR B 159 -50.20 -2.91 14.11
CA TYR B 159 -51.27 -1.93 14.38
C TYR B 159 -52.54 -2.11 13.54
N GLN B 160 -52.42 -2.76 12.39
CA GLN B 160 -53.62 -3.06 11.58
C GLN B 160 -54.30 -4.37 11.95
N CYS B 161 -53.52 -5.34 12.47
CA CYS B 161 -54.05 -6.63 12.95
C CYS B 161 -54.93 -7.30 11.91
N GLN B 162 -54.47 -7.29 10.65
CA GLN B 162 -55.18 -7.90 9.54
C GLN B 162 -54.73 -9.31 9.27
N SER B 163 -55.64 -10.09 8.73
CA SER B 163 -55.30 -11.39 8.19
C SER B 163 -54.51 -11.16 6.90
N LEU B 164 -53.29 -11.68 6.86
CA LEU B 164 -52.41 -11.49 5.71
C LEU B 164 -52.45 -12.72 4.83
N ASP B 165 -53.11 -12.60 3.70
CA ASP B 165 -53.21 -13.72 2.76
C ASP B 165 -51.92 -13.83 1.94
N ALA B 166 -51.82 -14.84 1.09
CA ALA B 166 -50.59 -15.12 0.36
C ALA B 166 -50.04 -13.91 -0.42
N PRO B 167 -50.85 -13.27 -1.23
CA PRO B 167 -50.36 -12.06 -1.94
C PRO B 167 -49.84 -10.98 -1.02
N ARG B 168 -50.52 -10.80 0.11
CA ARG B 168 -50.12 -9.80 1.08
C ARG B 168 -48.79 -10.19 1.72
N CYS B 169 -48.59 -11.49 1.95
CA CYS B 169 -47.33 -11.99 2.49
C CYS B 169 -46.17 -11.87 1.50
N VAL B 170 -46.43 -12.12 0.23
CA VAL B 170 -45.46 -11.92 -0.83
C VAL B 170 -45.07 -10.44 -0.89
N ASP B 171 -46.06 -9.55 -0.93
CA ASP B 171 -45.83 -8.11 -0.91
C ASP B 171 -44.97 -7.60 0.29
N TYR B 172 -45.17 -8.19 1.47
CA TYR B 172 -44.36 -7.88 2.66
C TYR B 172 -43.01 -8.59 2.67
N ARG B 173 -42.85 -9.56 1.77
CA ARG B 173 -41.70 -10.44 1.77
C ARG B 173 -41.64 -11.30 3.04
N LEU B 174 -42.79 -11.75 3.50
CA LEU B 174 -42.83 -12.59 4.69
C LEU B 174 -42.53 -14.04 4.36
N VAL B 175 -42.67 -14.39 3.09
CA VAL B 175 -42.44 -15.75 2.65
C VAL B 175 -41.65 -15.67 1.37
N ASN B 176 -41.01 -16.79 1.05
CA ASN B 176 -40.15 -16.92 -0.11
C ASN B 176 -40.84 -17.57 -1.28
N GLN B 177 -41.89 -18.34 -1.01
CA GLN B 177 -42.66 -19.03 -2.05
C GLN B 177 -44.08 -19.23 -1.61
N VAL B 178 -44.99 -19.19 -2.58
CA VAL B 178 -46.39 -19.56 -2.39
C VAL B 178 -46.68 -20.75 -3.33
N VAL B 179 -47.27 -21.80 -2.79
CA VAL B 179 -47.73 -22.93 -3.60
C VAL B 179 -49.10 -23.44 -3.09
N GLU B 180 -49.68 -24.38 -3.82
CA GLU B 180 -50.94 -24.98 -3.42
C GLU B 180 -50.70 -25.87 -2.21
N SER B 181 -51.70 -25.94 -1.33
CA SER B 181 -51.59 -26.74 -0.10
C SER B 181 -51.04 -28.11 -0.40
N SER B 182 -51.53 -28.75 -1.46
CA SER B 182 -51.18 -30.13 -1.81
C SER B 182 -49.75 -30.28 -2.33
N ALA B 183 -49.12 -29.17 -2.70
CA ALA B 183 -47.75 -29.18 -3.17
C ALA B 183 -46.78 -28.64 -2.15
N LEU B 184 -47.29 -28.10 -1.05
CA LEU B 184 -46.47 -27.32 -0.10
C LEU B 184 -45.36 -28.11 0.57
N LEU B 185 -45.69 -29.26 1.13
CA LEU B 185 -44.69 -30.01 1.87
C LEU B 185 -43.53 -30.48 0.99
N ASP B 186 -43.88 -30.98 -0.18
CA ASP B 186 -42.94 -31.38 -1.19
C ASP B 186 -42.03 -30.19 -1.68
N ALA B 187 -42.63 -29.01 -1.88
CA ALA B 187 -41.86 -27.83 -2.25
C ALA B 187 -40.89 -27.45 -1.12
N ALA B 188 -41.31 -27.63 0.13
CA ALA B 188 -40.48 -27.29 1.27
C ALA B 188 -39.31 -28.29 1.43
N ILE B 189 -39.60 -29.57 1.29
CA ILE B 189 -38.60 -30.62 1.29
C ILE B 189 -37.58 -30.39 0.16
N THR B 190 -38.07 -30.05 -1.02
CA THR B 190 -37.19 -29.74 -2.15
C THR B 190 -36.19 -28.64 -1.81
N GLN B 191 -36.69 -27.54 -1.26
CA GLN B 191 -35.83 -26.44 -0.85
C GLN B 191 -34.84 -26.82 0.26
N ALA B 192 -35.27 -27.70 1.14
CA ALA B 192 -34.42 -28.23 2.20
C ALA B 192 -33.28 -29.09 1.62
N HIS B 193 -33.59 -29.82 0.53
CA HIS B 193 -32.55 -30.58 -0.18
C HIS B 193 -31.55 -29.64 -0.85
N VAL B 194 -32.04 -28.55 -1.41
CA VAL B 194 -31.16 -27.59 -2.09
C VAL B 194 -30.20 -26.96 -1.07
N MET B 195 -30.74 -26.55 0.06
CA MET B 195 -29.92 -25.93 1.09
C MET B 195 -29.02 -26.90 1.83
N ALA B 196 -29.46 -28.16 1.96
CA ALA B 196 -28.64 -29.24 2.49
C ALA B 196 -27.42 -29.54 1.61
N SER B 197 -27.53 -29.31 0.31
CA SER B 197 -26.42 -29.56 -0.61
C SER B 197 -25.32 -28.48 -0.50
N TYR B 198 -25.62 -27.36 0.13
CA TYR B 198 -24.59 -26.36 0.39
C TYR B 198 -23.58 -26.98 1.37
N PRO B 199 -22.27 -26.96 1.05
CA PRO B 199 -21.26 -27.47 1.97
C PRO B 199 -21.53 -26.97 3.40
N ALA B 200 -21.56 -27.92 4.35
CA ALA B 200 -22.09 -27.68 5.69
C ALA B 200 -21.28 -26.66 6.45
N SER B 201 -19.97 -26.79 6.41
CA SER B 201 -19.12 -25.96 7.22
C SER B 201 -19.32 -24.46 6.93
N ALA B 202 -19.27 -24.10 5.65
CA ALA B 202 -19.48 -22.71 5.24
C ALA B 202 -20.90 -22.23 5.56
N PHE B 203 -21.86 -23.15 5.47
CA PHE B 203 -23.23 -22.83 5.78
C PHE B 203 -23.42 -22.55 7.23
N ILE B 204 -22.94 -23.46 8.08
CA ILE B 204 -23.04 -23.38 9.53
C ILE B 204 -22.41 -22.08 10.01
N ASN B 205 -21.19 -21.82 9.58
CA ASN B 205 -20.51 -20.61 10.00
C ASN B 205 -21.25 -19.35 9.60
N THR B 206 -21.75 -19.36 8.38
CA THR B 206 -22.47 -18.21 7.88
C THR B 206 -23.78 -18.00 8.67
N LYS B 207 -24.51 -19.09 8.88
CA LYS B 207 -25.76 -19.00 9.61
C LYS B 207 -25.56 -18.49 11.04
N ARG B 208 -24.53 -19.00 11.72
CA ARG B 208 -24.21 -18.53 13.08
C ARG B 208 -24.02 -17.01 13.09
N ALA B 209 -23.26 -16.51 12.13
CA ALA B 209 -23.02 -15.11 11.99
C ALA B 209 -24.26 -14.30 11.65
N VAL B 210 -25.08 -14.86 10.77
CA VAL B 210 -26.40 -14.29 10.40
C VAL B 210 -27.37 -14.19 11.61
N ASN B 211 -27.50 -15.26 12.35
CA ASN B 211 -28.48 -15.35 13.39
C ASN B 211 -28.04 -14.78 14.71
N LYS B 212 -26.75 -14.56 14.89
CA LYS B 212 -26.20 -13.99 16.13
C LYS B 212 -26.90 -12.74 16.62
N PRO B 213 -27.04 -11.69 15.77
CA PRO B 213 -27.78 -10.52 16.20
C PRO B 213 -29.29 -10.76 16.42
N PHE B 214 -29.88 -11.77 15.76
CA PHE B 214 -31.27 -12.14 15.98
C PHE B 214 -31.40 -12.77 17.38
N ILE B 215 -30.50 -13.70 17.70
CA ILE B 215 -30.46 -14.36 18.99
C ILE B 215 -30.27 -13.32 20.10
N HIS B 216 -29.37 -12.37 19.87
CA HIS B 216 -29.08 -11.34 20.80
C HIS B 216 -30.31 -10.45 20.99
N LEU B 217 -30.96 -10.09 19.89
CA LEU B 217 -32.20 -9.34 19.98
C LEU B 217 -33.26 -10.06 20.85
N LEU B 218 -33.44 -11.35 20.64
CA LEU B 218 -34.41 -12.10 21.43
C LEU B 218 -34.09 -12.10 22.92
N GLU B 219 -32.81 -12.16 23.27
CA GLU B 219 -32.39 -12.11 24.65
C GLU B 219 -32.67 -10.77 25.28
N GLN B 220 -32.44 -9.70 24.53
CA GLN B 220 -32.75 -8.34 24.99
C GLN B 220 -34.26 -8.18 25.19
N THR B 221 -35.01 -8.81 24.29
CA THR B 221 -36.47 -8.79 24.31
C THR B 221 -37.00 -9.57 25.53
N ARG B 222 -36.38 -10.71 25.83
CA ARG B 222 -36.71 -11.50 26.98
C ARG B 222 -36.59 -10.63 28.22
N ASP B 223 -35.44 -9.97 28.35
CA ASP B 223 -35.16 -9.16 29.53
C ASP B 223 -36.08 -7.94 29.61
N ALA B 224 -36.33 -7.30 28.46
CA ALA B 224 -37.15 -6.07 28.43
C ALA B 224 -38.61 -6.36 28.75
N SER B 225 -39.18 -7.38 28.14
CA SER B 225 -40.57 -7.79 28.41
C SER B 225 -40.86 -8.25 29.85
N LYS B 226 -39.94 -9.01 30.43
CA LYS B 226 -40.07 -9.42 31.85
C LYS B 226 -39.93 -8.27 32.86
N ALA B 227 -39.18 -7.22 32.49
CA ALA B 227 -39.00 -6.09 33.40
C ALA B 227 -40.24 -5.20 33.36
N VAL B 228 -40.96 -5.28 32.24
CA VAL B 228 -42.29 -4.67 32.14
C VAL B 228 -43.28 -5.29 33.17
N HIS B 229 -43.60 -6.58 33.01
CA HIS B 229 -44.43 -7.27 34.02
C HIS B 229 -43.59 -7.63 35.29
N LYS B 230 -43.04 -6.59 35.93
CA LYS B 230 -42.22 -6.69 37.17
C LYS B 230 -41.82 -5.29 37.64
N MET C 1 -4.90 -1.03 -14.25
CA MET C 1 -6.09 -1.92 -14.36
C MET C 1 -7.42 -1.17 -14.25
N VAL C 2 -7.38 0.16 -14.36
CA VAL C 2 -8.56 1.01 -14.49
C VAL C 2 -8.19 2.12 -15.46
N PHE C 3 -9.17 2.71 -16.14
CA PHE C 3 -8.89 4.02 -16.73
C PHE C 3 -9.80 5.09 -16.16
N GLU C 4 -9.29 6.31 -16.17
CA GLU C 4 -9.91 7.43 -15.53
C GLU C 4 -10.22 8.43 -16.59
N GLU C 5 -11.48 8.85 -16.65
CA GLU C 5 -11.92 9.82 -17.63
C GLU C 5 -12.79 10.83 -16.94
N ASN C 6 -12.96 11.97 -17.58
CA ASN C 6 -13.71 13.05 -16.99
C ASN C 6 -14.81 13.56 -17.88
N SER C 7 -16.00 13.68 -17.30
CA SER C 7 -17.10 14.42 -17.90
C SER C 7 -17.24 15.66 -17.03
N ASP C 8 -16.44 16.67 -17.36
CA ASP C 8 -16.29 17.87 -16.54
C ASP C 8 -15.98 17.49 -15.08
N GLU C 9 -16.90 17.79 -14.16
CA GLU C 9 -16.66 17.58 -12.72
C GLU C 9 -16.91 16.14 -12.31
N VAL C 10 -17.34 15.28 -13.23
CA VAL C 10 -17.56 13.88 -12.99
C VAL C 10 -16.38 13.00 -13.40
N ARG C 11 -15.77 12.32 -12.44
CA ARG C 11 -14.72 11.34 -12.73
C ARG C 11 -15.34 10.00 -13.02
N VAL C 12 -14.99 9.44 -14.18
CA VAL C 12 -15.43 8.13 -14.55
C VAL C 12 -14.27 7.14 -14.48
N ILE C 13 -14.43 6.15 -13.60
CA ILE C 13 -13.44 5.10 -13.42
C ILE C 13 -13.99 3.80 -14.02
N THR C 14 -13.30 3.35 -15.07
CA THR C 14 -13.67 2.14 -15.75
C THR C 14 -12.68 1.04 -15.35
N LEU C 15 -13.23 -0.06 -14.84
CA LEU C 15 -12.43 -1.22 -14.47
C LEU C 15 -11.95 -1.92 -15.75
N ASP C 16 -10.67 -2.28 -15.74
CA ASP C 16 -9.98 -2.73 -16.93
C ASP C 16 -9.01 -3.87 -16.60
N HIS C 17 -9.52 -4.87 -15.87
CA HIS C 17 -8.82 -6.12 -15.70
C HIS C 17 -8.63 -6.73 -17.10
N PRO C 18 -7.52 -7.44 -17.33
CA PRO C 18 -7.41 -8.21 -18.60
C PRO C 18 -8.62 -9.12 -18.91
N ASN C 19 -9.20 -9.74 -17.89
CA ASN C 19 -10.45 -10.48 -18.02
C ASN C 19 -11.67 -9.54 -18.05
N LYS C 20 -12.58 -9.76 -18.99
CA LYS C 20 -13.71 -8.87 -19.22
C LYS C 20 -14.76 -8.96 -18.12
N HIS C 21 -14.61 -9.86 -17.17
CA HIS C 21 -15.54 -9.91 -16.05
C HIS C 21 -15.03 -9.14 -14.82
N ASN C 22 -13.85 -8.54 -14.94
CA ASN C 22 -13.31 -7.67 -13.89
C ASN C 22 -13.26 -8.34 -12.52
N PRO C 23 -12.65 -9.54 -12.47
CA PRO C 23 -12.45 -10.20 -11.20
C PRO C 23 -11.58 -9.37 -10.26
N PHE C 24 -11.94 -9.34 -9.00
CA PHE C 24 -11.15 -8.58 -8.04
C PHE C 24 -9.90 -9.38 -7.64
N SER C 25 -8.88 -9.24 -8.48
CA SER C 25 -7.53 -9.59 -8.12
C SER C 25 -6.99 -8.47 -7.26
N ARG C 26 -5.87 -8.74 -6.61
CA ARG C 26 -5.18 -7.81 -5.77
C ARG C 26 -4.85 -6.54 -6.55
N THR C 27 -4.35 -6.72 -7.76
CA THR C 27 -4.00 -5.61 -8.61
C THR C 27 -5.22 -4.75 -8.92
N LEU C 28 -6.35 -5.35 -9.30
CA LEU C 28 -7.52 -4.57 -9.62
C LEU C 28 -8.02 -3.82 -8.41
N GLU C 29 -8.04 -4.47 -7.24
CA GLU C 29 -8.44 -3.80 -6.01
C GLU C 29 -7.62 -2.55 -5.78
N THR C 30 -6.31 -2.71 -5.89
CA THR C 30 -5.39 -1.64 -5.60
C THR C 30 -5.58 -0.45 -6.54
N SER C 31 -5.73 -0.74 -7.83
CA SER C 31 -5.98 0.30 -8.82
C SER C 31 -7.28 1.04 -8.53
N VAL C 32 -8.31 0.30 -8.12
CA VAL C 32 -9.59 0.92 -7.83
C VAL C 32 -9.46 1.80 -6.61
N LYS C 33 -8.83 1.27 -5.55
CA LYS C 33 -8.69 1.99 -4.30
C LYS C 33 -7.92 3.28 -4.54
N ASP C 34 -6.84 3.19 -5.30
CA ASP C 34 -5.98 4.33 -5.63
C ASP C 34 -6.72 5.36 -6.48
N ALA C 35 -7.56 4.91 -7.39
CA ALA C 35 -8.31 5.82 -8.26
C ALA C 35 -9.36 6.60 -7.45
N LEU C 36 -9.98 5.90 -6.53
CA LEU C 36 -10.98 6.47 -5.65
C LEU C 36 -10.36 7.54 -4.76
N ALA C 37 -9.15 7.26 -4.26
CA ALA C 37 -8.47 8.17 -3.37
C ALA C 37 -8.03 9.42 -4.13
N ARG C 38 -7.62 9.27 -5.38
CA ARG C 38 -7.32 10.41 -6.20
C ARG C 38 -8.56 11.22 -6.49
N ALA C 39 -9.66 10.56 -6.81
CA ALA C 39 -10.91 11.26 -7.07
C ALA C 39 -11.35 12.08 -5.85
N ASN C 40 -11.19 11.49 -4.67
CA ASN C 40 -11.64 12.11 -3.44
C ASN C 40 -10.78 13.34 -3.09
N ALA C 41 -9.49 13.31 -3.43
CA ALA C 41 -8.60 14.41 -3.05
C ALA C 41 -8.50 15.48 -4.14
N ASP C 42 -8.98 15.15 -5.34
CA ASP C 42 -8.98 16.08 -6.49
C ASP C 42 -10.17 17.02 -6.40
N ASP C 43 -9.89 18.29 -6.21
CA ASP C 43 -10.95 19.30 -6.01
C ASP C 43 -11.78 19.52 -7.26
N SER C 44 -11.17 19.23 -8.40
CA SER C 44 -11.86 19.36 -9.68
C SER C 44 -12.91 18.25 -9.91
N VAL C 45 -12.91 17.25 -9.04
CA VAL C 45 -13.87 16.17 -9.13
C VAL C 45 -14.96 16.40 -8.11
N ARG C 46 -16.21 16.36 -8.55
CA ARG C 46 -17.34 16.61 -7.68
C ARG C 46 -18.28 15.41 -7.55
N ALA C 47 -18.06 14.38 -8.37
CA ALA C 47 -18.84 13.15 -8.30
C ALA C 47 -18.05 12.08 -9.06
N VAL C 48 -18.33 10.83 -8.75
CA VAL C 48 -17.56 9.71 -9.28
C VAL C 48 -18.49 8.59 -9.76
N VAL C 49 -18.20 8.12 -10.97
CA VAL C 49 -18.88 6.97 -11.54
C VAL C 49 -17.87 5.83 -11.66
N VAL C 50 -18.26 4.63 -11.19
CA VAL C 50 -17.50 3.40 -11.48
C VAL C 50 -18.32 2.46 -12.37
N TYR C 51 -17.65 1.96 -13.42
CA TYR C 51 -18.24 1.24 -14.51
C TYR C 51 -17.28 0.13 -14.94
N GLY C 52 -17.82 -1.06 -15.19
CA GLY C 52 -16.99 -2.18 -15.68
C GLY C 52 -16.48 -2.04 -17.10
N GLY C 53 -17.04 -1.13 -17.87
CA GLY C 53 -16.68 -0.98 -19.28
C GLY C 53 -17.73 -1.60 -20.19
N ALA C 54 -17.74 -1.19 -21.46
CA ALA C 54 -18.69 -1.72 -22.42
C ALA C 54 -18.42 -3.17 -22.71
N GLU C 55 -19.48 -3.99 -22.69
CA GLU C 55 -19.42 -5.43 -22.99
C GLU C 55 -18.56 -6.20 -21.98
N ARG C 56 -18.51 -5.64 -20.77
CA ARG C 56 -17.78 -6.23 -19.69
C ARG C 56 -18.73 -6.33 -18.51
N SER C 57 -18.33 -7.09 -17.50
CA SER C 57 -19.07 -7.15 -16.24
C SER C 57 -18.53 -6.12 -15.27
N PHE C 58 -19.43 -5.67 -14.39
CA PHE C 58 -19.07 -4.79 -13.28
C PHE C 58 -17.97 -5.44 -12.43
N SER C 59 -18.26 -6.63 -11.91
CA SER C 59 -17.24 -7.52 -11.36
C SER C 59 -17.84 -8.89 -11.05
N ALA C 60 -17.22 -9.93 -11.61
CA ALA C 60 -17.47 -11.30 -11.24
C ALA C 60 -16.96 -11.60 -9.81
N GLY C 61 -16.28 -10.64 -9.20
CA GLY C 61 -15.88 -10.75 -7.80
C GLY C 61 -14.53 -11.46 -7.63
N GLY C 62 -14.29 -11.95 -6.42
CA GLY C 62 -13.07 -12.73 -6.15
C GLY C 62 -13.12 -14.18 -6.64
N ASP C 63 -11.95 -14.77 -6.85
CA ASP C 63 -11.89 -16.18 -7.29
C ASP C 63 -12.26 -17.13 -6.13
N PHE C 64 -13.41 -17.81 -6.23
CA PHE C 64 -13.86 -18.71 -5.17
C PHE C 64 -12.90 -19.88 -4.97
N ASN C 65 -12.36 -20.40 -6.07
CA ASN C 65 -11.36 -21.46 -6.00
C ASN C 65 -10.14 -21.03 -5.21
N GLU C 66 -9.62 -19.84 -5.50
CA GLU C 66 -8.51 -19.31 -4.72
C GLU C 66 -8.84 -19.23 -3.24
N VAL C 67 -10.02 -18.74 -2.88
CA VAL C 67 -10.32 -18.60 -1.46
C VAL C 67 -10.42 -19.98 -0.74
N LYS C 68 -11.07 -20.96 -1.37
CA LYS C 68 -11.16 -22.31 -0.80
C LYS C 68 -9.80 -22.98 -0.65
N GLN C 69 -8.83 -22.57 -1.48
CA GLN C 69 -7.51 -23.22 -1.48
C GLN C 69 -6.50 -22.54 -0.52
N LEU C 70 -6.86 -21.40 0.05
CA LEU C 70 -6.00 -20.68 1.01
C LEU C 70 -5.57 -21.55 2.21
N SER C 71 -4.26 -21.74 2.36
CA SER C 71 -3.73 -22.74 3.30
C SER C 71 -3.52 -22.26 4.74
N ARG C 72 -3.58 -20.96 4.99
CA ARG C 72 -3.34 -20.42 6.33
C ARG C 72 -4.44 -19.46 6.77
N SER C 73 -4.69 -19.44 8.08
CA SER C 73 -5.62 -18.50 8.68
C SER C 73 -5.26 -17.05 8.24
N GLU C 74 -3.98 -16.71 8.38
CA GLU C 74 -3.42 -15.40 7.98
C GLU C 74 -3.67 -15.02 6.51
N ASP C 75 -3.65 -16.03 5.63
CA ASP C 75 -3.98 -15.84 4.20
C ASP C 75 -5.39 -15.32 4.00
N ILE C 76 -6.33 -15.93 4.73
CA ILE C 76 -7.72 -15.57 4.66
C ILE C 76 -8.01 -14.22 5.35
N GLU C 77 -7.39 -13.99 6.50
CA GLU C 77 -7.37 -12.69 7.16
C GLU C 77 -6.92 -11.50 6.27
N GLU C 78 -5.73 -11.62 5.68
CA GLU C 78 -5.21 -10.62 4.74
C GLU C 78 -6.21 -10.46 3.61
N TRP C 79 -6.84 -11.56 3.20
CA TRP C 79 -7.87 -11.45 2.17
C TRP C 79 -9.15 -10.73 2.67
N ILE C 80 -9.59 -11.03 3.90
CA ILE C 80 -10.72 -10.33 4.47
C ILE C 80 -10.39 -8.82 4.63
N ASP C 81 -9.19 -8.47 5.09
CA ASP C 81 -8.77 -7.07 5.17
C ASP C 81 -8.80 -6.37 3.82
N ARG C 82 -8.36 -7.05 2.79
CA ARG C 82 -8.45 -6.54 1.44
C ARG C 82 -9.87 -6.23 1.03
N VAL C 83 -10.76 -7.16 1.34
CA VAL C 83 -12.17 -7.04 0.94
C VAL C 83 -12.81 -5.84 1.65
N ILE C 84 -12.60 -5.75 2.97
CA ILE C 84 -13.21 -4.72 3.72
C ILE C 84 -12.58 -3.38 3.37
N ASP C 85 -11.27 -3.34 3.12
CA ASP C 85 -10.55 -2.12 2.73
C ASP C 85 -11.07 -1.59 1.41
N LEU C 86 -11.32 -2.49 0.46
CA LEU C 86 -11.92 -2.11 -0.82
C LEU C 86 -13.24 -1.34 -0.62
N TYR C 87 -14.10 -1.89 0.23
CA TYR C 87 -15.44 -1.32 0.44
C TYR C 87 -15.38 -0.03 1.24
N GLN C 88 -14.51 0.04 2.23
CA GLN C 88 -14.33 1.25 3.02
C GLN C 88 -13.82 2.37 2.14
N ALA C 89 -12.91 2.04 1.22
CA ALA C 89 -12.40 2.98 0.21
C ALA C 89 -13.55 3.70 -0.47
N VAL C 90 -14.60 2.95 -0.86
CA VAL C 90 -15.75 3.55 -1.55
C VAL C 90 -16.60 4.40 -0.57
N LEU C 91 -16.83 3.87 0.62
CA LEU C 91 -17.63 4.59 1.60
C LEU C 91 -17.00 5.89 2.06
N ASN C 92 -15.67 5.94 2.02
CA ASN C 92 -14.95 7.09 2.47
C ASN C 92 -14.76 8.19 1.42
N VAL C 93 -15.28 7.97 0.21
CA VAL C 93 -15.30 9.03 -0.80
C VAL C 93 -16.45 9.96 -0.44
N ASN C 94 -16.13 11.22 -0.15
CA ASN C 94 -17.14 12.15 0.38
C ASN C 94 -17.88 12.94 -0.72
N LYS C 95 -17.66 12.56 -1.96
CA LYS C 95 -18.38 13.05 -3.10
C LYS C 95 -19.37 11.98 -3.52
N PRO C 96 -20.43 12.36 -4.22
CA PRO C 96 -21.38 11.42 -4.80
C PRO C 96 -20.72 10.26 -5.54
N THR C 97 -21.15 9.04 -5.27
CA THR C 97 -20.63 7.86 -6.00
C THR C 97 -21.75 7.10 -6.66
N ILE C 98 -21.55 6.76 -7.93
CA ILE C 98 -22.55 6.08 -8.74
C ILE C 98 -21.91 4.86 -9.38
N ALA C 99 -22.54 3.71 -9.18
CA ALA C 99 -22.12 2.45 -9.77
C ALA C 99 -22.98 2.19 -10.99
N ALA C 100 -22.34 1.98 -12.14
CA ALA C 100 -23.02 1.64 -13.39
C ALA C 100 -22.75 0.18 -13.71
N VAL C 101 -23.75 -0.66 -13.38
CA VAL C 101 -23.60 -2.11 -13.40
C VAL C 101 -24.11 -2.76 -14.68
N ASP C 102 -23.18 -3.33 -15.42
CA ASP C 102 -23.53 -4.10 -16.59
C ASP C 102 -22.95 -5.49 -16.41
N GLY C 103 -23.40 -6.44 -17.23
CA GLY C 103 -22.97 -7.81 -17.07
C GLY C 103 -23.27 -8.26 -15.64
N TYR C 104 -22.30 -8.95 -15.07
CA TYR C 104 -22.46 -9.56 -13.76
C TYR C 104 -21.82 -8.77 -12.64
N ALA C 105 -22.56 -8.69 -11.52
CA ALA C 105 -22.05 -8.24 -10.22
C ALA C 105 -22.22 -9.46 -9.29
N ILE C 106 -21.13 -10.21 -9.09
CA ILE C 106 -21.18 -11.46 -8.36
C ILE C 106 -20.34 -11.37 -7.08
N GLY C 107 -20.90 -11.76 -5.96
CA GLY C 107 -20.16 -11.86 -4.70
C GLY C 107 -19.60 -10.51 -4.31
N MET C 108 -18.27 -10.42 -4.27
CA MET C 108 -17.61 -9.15 -4.02
C MET C 108 -18.08 -8.05 -4.94
N GLY C 109 -18.42 -8.41 -6.17
CA GLY C 109 -18.91 -7.43 -7.13
C GLY C 109 -20.25 -6.82 -6.76
N PHE C 110 -21.12 -7.68 -6.22
CA PHE C 110 -22.41 -7.32 -5.69
C PHE C 110 -22.23 -6.46 -4.40
N GLN C 111 -21.38 -6.93 -3.49
CA GLN C 111 -21.07 -6.18 -2.25
C GLN C 111 -20.42 -4.83 -2.53
N PHE C 112 -19.52 -4.82 -3.49
CA PHE C 112 -18.87 -3.59 -3.92
C PHE C 112 -19.92 -2.57 -4.36
N ALA C 113 -20.85 -3.00 -5.21
CA ALA C 113 -21.85 -2.10 -5.70
C ALA C 113 -22.70 -1.48 -4.61
N LEU C 114 -22.94 -2.23 -3.53
CA LEU C 114 -23.74 -1.76 -2.39
C LEU C 114 -23.10 -0.62 -1.58
N MET C 115 -21.83 -0.33 -1.85
CA MET C 115 -21.10 0.74 -1.18
C MET C 115 -21.35 2.12 -1.82
N PHE C 116 -21.88 2.10 -3.06
CA PHE C 116 -22.10 3.30 -3.82
C PHE C 116 -23.39 3.97 -3.36
N ASP C 117 -23.44 5.30 -3.49
CA ASP C 117 -24.63 6.08 -3.11
C ASP C 117 -25.81 5.72 -3.96
N GLN C 118 -25.58 5.46 -5.25
CA GLN C 118 -26.66 5.10 -6.15
C GLN C 118 -26.13 4.04 -7.11
N ARG C 119 -27.03 3.16 -7.55
CA ARG C 119 -26.69 2.09 -8.50
C ARG C 119 -27.66 2.20 -9.66
N LEU C 120 -27.13 2.15 -10.89
CA LEU C 120 -27.94 1.86 -12.07
C LEU C 120 -27.45 0.56 -12.71
N MET C 121 -28.35 -0.21 -13.28
CA MET C 121 -27.92 -1.40 -13.99
C MET C 121 -28.52 -1.43 -15.36
N ALA C 122 -27.89 -2.22 -16.22
CA ALA C 122 -28.41 -2.50 -17.53
C ALA C 122 -29.59 -3.49 -17.42
N SER C 123 -30.51 -3.44 -18.35
CA SER C 123 -31.67 -4.35 -18.28
C SER C 123 -31.25 -5.81 -18.48
N THR C 124 -30.01 -6.00 -18.95
CA THR C 124 -29.48 -7.31 -19.26
C THR C 124 -28.45 -7.72 -18.24
N ALA C 125 -28.29 -6.93 -17.17
CA ALA C 125 -27.33 -7.27 -16.10
C ALA C 125 -27.91 -8.20 -15.06
N ASN C 126 -27.02 -8.77 -14.26
CA ASN C 126 -27.39 -9.70 -13.18
C ASN C 126 -26.58 -9.45 -11.93
N PHE C 127 -27.23 -9.42 -10.78
CA PHE C 127 -26.57 -9.47 -9.47
C PHE C 127 -26.67 -10.88 -8.91
N VAL C 128 -25.60 -11.38 -8.32
CA VAL C 128 -25.58 -12.73 -7.75
C VAL C 128 -24.79 -12.73 -6.44
N MET C 129 -25.31 -13.41 -5.43
CA MET C 129 -24.59 -13.67 -4.19
C MET C 129 -24.55 -15.21 -3.90
N PRO C 130 -23.78 -15.97 -4.71
CA PRO C 130 -23.91 -17.40 -4.83
C PRO C 130 -22.91 -18.15 -3.93
N GLU C 131 -22.30 -17.42 -3.01
CA GLU C 131 -21.23 -17.97 -2.17
C GLU C 131 -21.54 -19.33 -1.59
N LEU C 132 -22.68 -19.47 -0.94
CA LEU C 132 -23.02 -20.70 -0.24
C LEU C 132 -23.19 -21.92 -1.16
N LYS C 133 -23.79 -21.66 -2.33
CA LYS C 133 -23.95 -22.66 -3.37
C LYS C 133 -22.58 -23.24 -3.74
N HIS C 134 -21.57 -22.39 -3.71
CA HIS C 134 -20.20 -22.78 -4.09
C HIS C 134 -19.29 -23.13 -2.90
N GLY C 135 -19.88 -23.25 -1.71
CA GLY C 135 -19.13 -23.68 -0.53
C GLY C 135 -18.21 -22.58 0.01
N ILE C 136 -18.56 -21.35 -0.28
CA ILE C 136 -17.81 -20.20 0.21
C ILE C 136 -18.64 -19.60 1.31
N GLY C 137 -18.00 -19.23 2.39
CA GLY C 137 -18.66 -18.52 3.48
C GLY C 137 -19.17 -17.16 3.00
N CYS C 138 -20.37 -16.78 3.43
CA CYS C 138 -21.02 -15.54 3.00
C CYS C 138 -21.27 -14.57 4.14
N SER C 139 -20.46 -14.62 5.19
CA SER C 139 -20.73 -13.80 6.35
C SER C 139 -20.53 -12.30 6.07
N VAL C 140 -19.60 -11.97 5.17
CA VAL C 140 -19.36 -10.57 4.79
C VAL C 140 -20.51 -10.06 3.93
N GLY C 141 -20.90 -10.83 2.93
CA GLY C 141 -22.02 -10.46 2.11
C GLY C 141 -23.31 -10.32 2.90
N ALA C 142 -23.50 -11.21 3.88
CA ALA C 142 -24.67 -11.21 4.71
C ALA C 142 -24.71 -9.98 5.59
N ALA C 143 -23.59 -9.63 6.17
CA ALA C 143 -23.60 -8.49 7.08
C ALA C 143 -23.94 -7.22 6.28
N ILE C 144 -23.40 -7.12 5.07
CA ILE C 144 -23.56 -5.94 4.21
C ILE C 144 -25.01 -5.81 3.72
N LEU C 145 -25.54 -6.91 3.18
CA LEU C 145 -26.89 -6.88 2.67
C LEU C 145 -27.93 -6.70 3.77
N GLY C 146 -27.69 -7.29 4.95
CA GLY C 146 -28.56 -7.11 6.06
C GLY C 146 -28.56 -5.66 6.56
N PHE C 147 -27.40 -5.00 6.48
CA PHE C 147 -27.34 -3.57 6.77
C PHE C 147 -28.08 -2.72 5.72
N THR C 148 -27.83 -3.02 4.46
CA THR C 148 -28.36 -2.18 3.39
C THR C 148 -29.84 -2.45 3.08
N HIS C 149 -30.25 -3.73 3.11
CA HIS C 149 -31.60 -4.11 2.68
C HIS C 149 -32.42 -4.87 3.74
N GLY C 150 -31.89 -5.01 4.93
CA GLY C 150 -32.64 -5.65 6.02
C GLY C 150 -32.44 -7.15 6.00
N PHE C 151 -32.83 -7.74 7.11
CA PHE C 151 -32.53 -9.09 7.44
C PHE C 151 -33.19 -10.12 6.54
N SER C 152 -34.48 -9.97 6.33
CA SER C 152 -35.22 -10.96 5.57
C SER C 152 -34.88 -10.98 4.07
N THR C 153 -34.66 -9.81 3.50
CA THR C 153 -34.18 -9.73 2.13
C THR C 153 -32.78 -10.36 1.99
N MET C 154 -31.89 -10.03 2.93
CA MET C 154 -30.59 -10.64 2.95
C MET C 154 -30.69 -12.17 3.00
N GLN C 155 -31.51 -12.72 3.90
CA GLN C 155 -31.66 -14.16 4.06
C GLN C 155 -32.10 -14.77 2.76
N GLU C 156 -33.08 -14.17 2.13
CA GLU C 156 -33.60 -14.71 0.89
C GLU C 156 -32.50 -14.79 -0.15
N ILE C 157 -31.76 -13.70 -0.32
CA ILE C 157 -30.75 -13.60 -1.38
C ILE C 157 -29.59 -14.56 -1.19
N ILE C 158 -29.07 -14.61 0.00
CA ILE C 158 -27.89 -15.38 0.35
C ILE C 158 -28.20 -16.88 0.41
N TYR C 159 -29.43 -17.23 0.76
CA TYR C 159 -29.85 -18.64 0.88
C TYR C 159 -30.43 -19.22 -0.43
N GLN C 160 -30.90 -18.38 -1.33
CA GLN C 160 -31.43 -18.87 -2.63
C GLN C 160 -30.36 -18.90 -3.69
N CYS C 161 -29.33 -18.04 -3.57
CA CYS C 161 -28.22 -18.05 -4.51
C CYS C 161 -28.67 -18.01 -6.00
N GLN C 162 -29.67 -17.18 -6.30
CA GLN C 162 -30.21 -17.06 -7.64
C GLN C 162 -29.52 -15.89 -8.33
N SER C 163 -29.52 -15.93 -9.66
CA SER C 163 -29.15 -14.78 -10.47
C SER C 163 -30.32 -13.86 -10.44
N LEU C 164 -30.03 -12.63 -10.04
CA LEU C 164 -31.04 -11.59 -9.91
C LEU C 164 -30.96 -10.69 -11.13
N ASP C 165 -31.95 -10.81 -12.02
CA ASP C 165 -32.04 -9.98 -13.21
C ASP C 165 -32.62 -8.60 -12.86
N ALA C 166 -32.72 -7.72 -13.86
CA ALA C 166 -33.09 -6.34 -13.62
C ALA C 166 -34.42 -6.20 -12.85
N PRO C 167 -35.48 -6.88 -13.31
CA PRO C 167 -36.75 -6.81 -12.60
C PRO C 167 -36.69 -7.30 -11.18
N ARG C 168 -35.91 -8.34 -10.95
CA ARG C 168 -35.70 -8.84 -9.58
C ARG C 168 -34.96 -7.87 -8.67
N CYS C 169 -33.98 -7.20 -9.24
CA CYS C 169 -33.26 -6.15 -8.57
C CYS C 169 -34.09 -4.89 -8.27
N VAL C 170 -35.00 -4.53 -9.18
CA VAL C 170 -35.95 -3.45 -8.96
C VAL C 170 -36.84 -3.82 -7.78
N ASP C 171 -37.39 -5.03 -7.82
CA ASP C 171 -38.20 -5.57 -6.75
C ASP C 171 -37.53 -5.57 -5.37
N TYR C 172 -36.25 -5.90 -5.30
CA TYR C 172 -35.49 -5.85 -4.07
C TYR C 172 -35.00 -4.45 -3.70
N ARG C 173 -35.20 -3.49 -4.59
CA ARG C 173 -34.65 -2.15 -4.50
C ARG C 173 -33.12 -2.21 -4.37
N LEU C 174 -32.49 -3.04 -5.20
CA LEU C 174 -31.02 -3.12 -5.19
C LEU C 174 -30.44 -2.05 -6.08
N VAL C 175 -31.24 -1.52 -6.98
CA VAL C 175 -30.79 -0.51 -7.92
C VAL C 175 -31.84 0.59 -7.94
N ASN C 176 -31.41 1.75 -8.46
CA ASN C 176 -32.20 2.95 -8.50
C ASN C 176 -32.80 3.17 -9.87
N GLN C 177 -32.15 2.59 -10.87
CA GLN C 177 -32.58 2.70 -12.26
C GLN C 177 -32.14 1.49 -13.06
N VAL C 178 -32.94 1.14 -14.06
CA VAL C 178 -32.61 0.19 -15.08
C VAL C 178 -32.66 0.85 -16.46
N VAL C 179 -31.61 0.71 -17.24
CA VAL C 179 -31.58 1.23 -18.60
C VAL C 179 -30.95 0.21 -19.54
N GLU C 180 -30.97 0.48 -20.84
CA GLU C 180 -30.28 -0.38 -21.80
C GLU C 180 -28.81 -0.24 -21.62
N SER C 181 -28.05 -1.30 -21.88
CA SER C 181 -26.59 -1.27 -21.83
C SER C 181 -26.00 -0.02 -22.50
N SER C 182 -26.50 0.30 -23.69
CA SER C 182 -25.94 1.37 -24.51
C SER C 182 -26.22 2.76 -23.92
N ALA C 183 -27.17 2.82 -23.03
CA ALA C 183 -27.56 4.07 -22.39
C ALA C 183 -27.04 4.19 -20.98
N LEU C 184 -26.43 3.12 -20.45
CA LEU C 184 -26.16 3.05 -19.00
C LEU C 184 -25.13 4.06 -18.53
N LEU C 185 -23.98 4.10 -19.18
CA LEU C 185 -22.91 4.94 -18.70
C LEU C 185 -23.34 6.41 -18.71
N ASP C 186 -24.03 6.83 -19.76
CA ASP C 186 -24.56 8.19 -19.87
C ASP C 186 -25.60 8.49 -18.80
N ALA C 187 -26.45 7.52 -18.51
CA ALA C 187 -27.45 7.68 -17.44
C ALA C 187 -26.79 7.86 -16.10
N ALA C 188 -25.70 7.12 -15.89
CA ALA C 188 -24.94 7.22 -14.65
C ALA C 188 -24.21 8.56 -14.51
N ILE C 189 -23.57 8.98 -15.59
CA ILE C 189 -22.92 10.28 -15.60
C ILE C 189 -23.95 11.38 -15.31
N THR C 190 -25.12 11.27 -15.94
CA THR C 190 -26.18 12.25 -15.73
C THR C 190 -26.55 12.36 -14.27
N GLN C 191 -26.78 11.23 -13.61
CA GLN C 191 -27.11 11.24 -12.18
C GLN C 191 -25.94 11.78 -11.35
N ALA C 192 -24.72 11.50 -11.79
CA ALA C 192 -23.54 12.04 -11.13
C ALA C 192 -23.47 13.57 -11.23
N HIS C 193 -23.87 14.11 -12.38
CA HIS C 193 -23.96 15.56 -12.53
C HIS C 193 -25.01 16.15 -11.58
N VAL C 194 -26.15 15.50 -11.48
CA VAL C 194 -27.24 15.96 -10.64
C VAL C 194 -26.81 16.03 -9.18
N MET C 195 -26.15 15.00 -8.70
CA MET C 195 -25.70 14.96 -7.33
C MET C 195 -24.49 15.87 -7.09
N ALA C 196 -23.66 16.04 -8.10
CA ALA C 196 -22.53 16.99 -8.03
C ALA C 196 -22.99 18.44 -7.89
N SER C 197 -24.20 18.72 -8.36
CA SER C 197 -24.76 20.06 -8.25
C SER C 197 -25.25 20.39 -6.82
N TYR C 198 -25.45 19.38 -5.98
CA TYR C 198 -25.81 19.62 -4.61
C TYR C 198 -24.64 20.33 -3.93
N PRO C 199 -24.90 21.44 -3.23
CA PRO C 199 -23.81 22.09 -2.51
C PRO C 199 -22.96 21.11 -1.71
N ALA C 200 -21.64 21.22 -1.89
CA ALA C 200 -20.74 20.16 -1.45
C ALA C 200 -20.69 20.00 0.06
N SER C 201 -20.66 21.12 0.76
CA SER C 201 -20.50 21.08 2.19
C SER C 201 -21.60 20.29 2.87
N ALA C 202 -22.85 20.62 2.55
CA ALA C 202 -23.99 19.96 3.13
C ALA C 202 -24.01 18.49 2.72
N PHE C 203 -23.64 18.21 1.48
CA PHE C 203 -23.58 16.85 1.01
C PHE C 203 -22.50 16.01 1.73
N ILE C 204 -21.29 16.54 1.79
CA ILE C 204 -20.20 15.85 2.44
C ILE C 204 -20.53 15.49 3.86
N ASN C 205 -21.01 16.48 4.60
CA ASN C 205 -21.36 16.30 6.00
C ASN C 205 -22.46 15.26 6.21
N THR C 206 -23.46 15.29 5.33
CA THR C 206 -24.59 14.37 5.41
C THR C 206 -24.12 12.97 5.09
N LYS C 207 -23.38 12.82 3.98
CA LYS C 207 -22.90 11.50 3.55
C LYS C 207 -22.01 10.85 4.62
N ARG C 208 -21.17 11.66 5.25
CA ARG C 208 -20.35 11.21 6.35
C ARG C 208 -21.18 10.62 7.48
N ALA C 209 -22.22 11.35 7.86
CA ALA C 209 -23.15 10.91 8.90
C ALA C 209 -23.92 9.65 8.49
N VAL C 210 -24.29 9.60 7.21
CA VAL C 210 -24.99 8.44 6.62
C VAL C 210 -24.13 7.15 6.61
N ASN C 211 -22.90 7.32 6.14
CA ASN C 211 -22.00 6.20 5.92
C ASN C 211 -21.31 5.70 7.18
N LYS C 212 -21.25 6.55 8.20
CA LYS C 212 -20.59 6.20 9.45
C LYS C 212 -21.03 4.83 10.02
N PRO C 213 -22.34 4.60 10.22
CA PRO C 213 -22.70 3.26 10.69
C PRO C 213 -22.38 2.10 9.75
N PHE C 214 -22.29 2.36 8.46
CA PHE C 214 -21.96 1.36 7.51
C PHE C 214 -20.47 1.01 7.67
N ILE C 215 -19.64 2.05 7.73
CA ILE C 215 -18.23 1.90 7.98
C ILE C 215 -18.02 1.13 9.28
N HIS C 216 -18.79 1.47 10.32
CA HIS C 216 -18.63 0.79 11.61
C HIS C 216 -19.01 -0.67 11.50
N LEU C 217 -20.10 -0.93 10.81
CA LEU C 217 -20.51 -2.27 10.53
C LEU C 217 -19.45 -3.09 9.80
N LEU C 218 -18.85 -2.52 8.76
CA LEU C 218 -17.83 -3.24 8.04
C LEU C 218 -16.60 -3.53 8.90
N GLU C 219 -16.23 -2.60 9.77
CA GLU C 219 -15.12 -2.82 10.69
C GLU C 219 -15.41 -3.96 11.71
N GLN C 220 -16.61 -3.99 12.26
CA GLN C 220 -17.06 -5.10 13.09
C GLN C 220 -17.03 -6.41 12.32
N THR C 221 -17.43 -6.37 11.05
CA THR C 221 -17.43 -7.55 10.21
C THR C 221 -15.99 -8.02 9.90
N ARG C 222 -15.08 -7.07 9.68
CA ARG C 222 -13.67 -7.38 9.52
C ARG C 222 -13.22 -8.23 10.68
N ASP C 223 -13.49 -7.75 11.90
CA ASP C 223 -13.01 -8.41 13.10
C ASP C 223 -13.70 -9.78 13.27
N ALA C 224 -15.03 -9.80 13.13
CA ALA C 224 -15.81 -10.99 13.41
C ALA C 224 -15.49 -12.12 12.45
N SER C 225 -15.38 -11.78 11.15
CA SER C 225 -15.03 -12.76 10.11
C SER C 225 -13.70 -13.45 10.30
N LYS C 226 -12.69 -12.79 10.77
CA LYS C 226 -11.48 -13.56 10.86
C LYS C 226 -11.60 -14.74 11.85
N ALA C 227 -12.51 -14.64 12.80
CA ALA C 227 -12.37 -15.45 14.02
C ALA C 227 -12.57 -16.94 13.82
N VAL C 228 -13.57 -17.31 13.04
CA VAL C 228 -13.85 -18.75 12.85
C VAL C 228 -12.70 -19.46 12.14
N HIS C 229 -12.07 -18.75 11.20
CA HIS C 229 -10.88 -19.27 10.49
C HIS C 229 -9.64 -19.42 11.38
N LYS C 230 -9.38 -18.47 12.27
CA LYS C 230 -8.32 -18.69 13.26
C LYS C 230 -8.58 -20.06 13.93
N ALA C 231 -9.80 -20.33 14.39
CA ALA C 231 -10.08 -21.59 15.07
C ALA C 231 -10.02 -22.85 14.18
N ALA C 232 -10.45 -22.75 12.92
CA ALA C 232 -10.44 -23.87 11.96
C ALA C 232 -9.01 -24.37 11.75
N PHE C 233 -8.12 -23.42 11.50
CA PHE C 233 -6.73 -23.76 11.20
C PHE C 233 -5.96 -24.10 12.46
N GLN C 234 -6.38 -23.54 13.59
CA GLN C 234 -5.78 -23.98 14.87
C GLN C 234 -5.98 -25.49 15.07
N ALA C 235 -7.18 -25.96 14.77
CA ALA C 235 -7.48 -27.39 14.85
C ALA C 235 -6.68 -28.23 13.80
N ARG C 236 -6.81 -27.89 12.52
CA ARG C 236 -6.08 -28.58 11.43
C ARG C 236 -4.56 -28.66 11.67
N ASP C 237 -3.97 -27.53 12.06
CA ASP C 237 -2.53 -27.42 12.16
C ASP C 237 -1.98 -28.12 13.39
N ALA C 238 -2.87 -28.50 14.30
CA ALA C 238 -2.50 -29.44 15.37
C ALA C 238 -2.18 -30.80 14.76
N MET D 1 2.07 9.96 -62.39
CA MET D 1 2.97 10.42 -61.30
C MET D 1 4.09 9.43 -60.98
N VAL D 2 4.25 8.41 -61.82
CA VAL D 2 5.39 7.49 -61.77
C VAL D 2 5.85 7.23 -63.19
N PHE D 3 7.08 6.79 -63.36
CA PHE D 3 7.49 6.15 -64.59
C PHE D 3 7.74 4.69 -64.35
N GLU D 4 7.51 3.90 -65.40
CA GLU D 4 7.71 2.47 -65.34
C GLU D 4 8.64 2.06 -66.44
N GLU D 5 9.80 1.53 -66.10
CA GLU D 5 10.80 1.25 -67.10
C GLU D 5 11.34 -0.14 -66.77
N ASN D 6 12.07 -0.74 -67.70
CA ASN D 6 12.51 -2.12 -67.54
C ASN D 6 14.00 -2.25 -67.77
N SER D 7 14.61 -3.04 -66.92
CA SER D 7 15.93 -3.56 -67.14
C SER D 7 15.72 -5.07 -67.24
N ASP D 8 15.41 -5.49 -68.46
CA ASP D 8 14.97 -6.84 -68.76
C ASP D 8 13.83 -7.24 -67.81
N GLU D 9 14.04 -8.25 -66.97
CA GLU D 9 12.98 -8.83 -66.16
C GLU D 9 12.73 -7.97 -64.87
N VAL D 10 13.49 -6.88 -64.72
CA VAL D 10 13.35 -5.96 -63.61
C VAL D 10 12.51 -4.72 -63.99
N ARG D 11 11.36 -4.57 -63.32
CA ARG D 11 10.56 -3.39 -63.43
C ARG D 11 11.05 -2.31 -62.48
N VAL D 12 11.37 -1.15 -63.02
CA VAL D 12 11.80 -0.01 -62.23
C VAL D 12 10.68 1.03 -62.21
N ILE D 13 10.19 1.29 -61.02
CA ILE D 13 9.15 2.30 -60.81
C ILE D 13 9.78 3.54 -60.15
N THR D 14 9.76 4.65 -60.86
CA THR D 14 10.33 5.90 -60.39
C THR D 14 9.19 6.85 -60.03
N LEU D 15 9.22 7.31 -58.78
CA LEU D 15 8.19 8.20 -58.29
C LEU D 15 8.40 9.59 -58.90
N ASP D 16 7.32 10.19 -59.38
CA ASP D 16 7.46 11.40 -60.18
C ASP D 16 6.43 12.44 -59.80
N HIS D 17 6.25 12.63 -58.49
CA HIS D 17 5.45 13.74 -57.99
C HIS D 17 5.98 15.10 -58.52
N PRO D 18 5.11 16.09 -58.74
CA PRO D 18 5.67 17.39 -59.17
C PRO D 18 6.75 17.93 -58.21
N ASN D 19 6.56 17.69 -56.93
CA ASN D 19 7.55 18.06 -55.90
C ASN D 19 8.68 17.02 -55.78
N LYS D 20 9.95 17.48 -55.73
CA LYS D 20 11.12 16.57 -55.81
C LYS D 20 11.26 15.66 -54.59
N HIS D 21 10.46 15.92 -53.57
CA HIS D 21 10.53 15.12 -52.36
C HIS D 21 9.49 13.99 -52.35
N ASN D 22 8.72 13.86 -53.41
CA ASN D 22 7.79 12.77 -53.59
C ASN D 22 6.87 12.58 -52.40
N PRO D 23 6.19 13.68 -51.98
CA PRO D 23 5.20 13.51 -50.95
C PRO D 23 4.08 12.57 -51.38
N PHE D 24 3.61 11.76 -50.43
CA PHE D 24 2.52 10.85 -50.69
C PHE D 24 1.18 11.53 -50.67
N SER D 25 0.87 12.18 -51.80
CA SER D 25 -0.45 12.66 -52.14
C SER D 25 -1.28 11.44 -52.53
N ARG D 26 -2.56 11.64 -52.57
CA ARG D 26 -3.51 10.69 -53.06
C ARG D 26 -3.13 10.21 -54.45
N THR D 27 -2.81 11.14 -55.32
CA THR D 27 -2.47 10.79 -56.67
C THR D 27 -1.18 9.94 -56.75
N LEU D 28 -0.16 10.29 -56.01
CA LEU D 28 1.03 9.45 -55.99
C LEU D 28 0.76 8.06 -55.40
N GLU D 29 -0.01 7.98 -54.32
CA GLU D 29 -0.39 6.66 -53.78
C GLU D 29 -1.03 5.79 -54.87
N THR D 30 -1.99 6.38 -55.55
CA THR D 30 -2.72 5.67 -56.55
C THR D 30 -1.81 5.14 -57.69
N SER D 31 -0.96 6.01 -58.20
CA SER D 31 -0.03 5.70 -59.27
C SER D 31 0.93 4.60 -58.88
N VAL D 32 1.39 4.66 -57.64
CA VAL D 32 2.27 3.65 -57.11
C VAL D 32 1.59 2.32 -56.98
N LYS D 33 0.43 2.31 -56.36
CA LYS D 33 -0.34 1.08 -56.14
C LYS D 33 -0.69 0.44 -57.49
N ASP D 34 -1.09 1.24 -58.44
CA ASP D 34 -1.43 0.76 -59.76
C ASP D 34 -0.22 0.13 -60.47
N ALA D 35 0.95 0.78 -60.36
CA ALA D 35 2.21 0.32 -60.98
C ALA D 35 2.65 -1.01 -60.38
N LEU D 36 2.52 -1.10 -59.07
CA LEU D 36 2.84 -2.31 -58.30
C LEU D 36 1.95 -3.47 -58.73
N ALA D 37 0.66 -3.18 -58.94
CA ALA D 37 -0.29 -4.19 -59.35
C ALA D 37 0.01 -4.69 -60.77
N ARG D 38 0.43 -3.76 -61.63
CA ARG D 38 0.84 -4.17 -62.98
C ARG D 38 2.11 -5.03 -62.94
N ALA D 39 3.09 -4.62 -62.15
CA ALA D 39 4.30 -5.38 -62.03
C ALA D 39 4.02 -6.81 -61.54
N ASN D 40 3.09 -6.94 -60.60
CA ASN D 40 2.79 -8.21 -59.97
C ASN D 40 2.11 -9.19 -60.92
N ALA D 41 1.28 -8.62 -61.79
CA ALA D 41 0.49 -9.36 -62.77
C ALA D 41 1.22 -9.58 -64.12
N ASP D 42 2.22 -8.78 -64.40
CA ASP D 42 3.04 -8.93 -65.61
C ASP D 42 4.07 -10.06 -65.46
N ASP D 43 3.84 -11.14 -66.20
CA ASP D 43 4.68 -12.34 -66.10
C ASP D 43 6.10 -12.10 -66.57
N SER D 44 6.29 -11.09 -67.39
CA SER D 44 7.62 -10.75 -67.87
C SER D 44 8.43 -10.00 -66.83
N VAL D 45 7.81 -9.64 -65.72
CA VAL D 45 8.49 -8.96 -64.63
C VAL D 45 8.79 -9.97 -63.57
N ARG D 46 10.04 -10.04 -63.14
CA ARG D 46 10.46 -11.02 -62.15
C ARG D 46 10.99 -10.37 -60.86
N ALA D 47 11.20 -9.07 -60.90
CA ALA D 47 11.63 -8.32 -59.73
C ALA D 47 11.28 -6.86 -59.93
N VAL D 48 11.16 -6.12 -58.83
CA VAL D 48 10.68 -4.74 -58.87
C VAL D 48 11.60 -3.85 -58.05
N VAL D 49 11.99 -2.71 -58.62
CA VAL D 49 12.73 -1.66 -57.91
C VAL D 49 11.84 -0.40 -57.87
N VAL D 50 11.72 0.20 -56.69
CA VAL D 50 11.08 1.51 -56.51
C VAL D 50 12.12 2.56 -56.07
N TYR D 51 12.13 3.69 -56.77
CA TYR D 51 13.17 4.69 -56.71
C TYR D 51 12.49 6.03 -56.78
N GLY D 52 12.93 6.97 -55.95
CA GLY D 52 12.43 8.36 -55.98
C GLY D 52 12.85 9.16 -57.22
N GLY D 53 13.91 8.70 -57.90
CA GLY D 53 14.47 9.40 -59.05
C GLY D 53 15.75 10.14 -58.65
N ALA D 54 16.55 10.49 -59.66
CA ALA D 54 17.84 11.19 -59.46
C ALA D 54 17.59 12.58 -58.93
N GLU D 55 18.35 12.93 -57.89
CA GLU D 55 18.27 14.24 -57.19
C GLU D 55 16.91 14.52 -56.58
N ARG D 56 16.19 13.43 -56.25
CA ARG D 56 14.90 13.52 -55.61
C ARG D 56 14.96 12.75 -54.32
N SER D 57 13.92 12.88 -53.50
CA SER D 57 13.78 12.09 -52.31
C SER D 57 12.93 10.85 -52.58
N PHE D 58 13.23 9.79 -51.86
CA PHE D 58 12.42 8.59 -51.90
C PHE D 58 10.95 8.97 -51.59
N SER D 59 10.71 9.50 -50.39
CA SER D 59 9.45 10.18 -50.07
C SER D 59 9.57 10.95 -48.76
N ALA D 60 9.28 12.26 -48.83
CA ALA D 60 9.07 13.08 -47.66
C ALA D 60 7.82 12.66 -46.86
N GLY D 61 7.04 11.74 -47.42
CA GLY D 61 5.88 11.16 -46.74
C GLY D 61 4.65 12.01 -46.94
N GLY D 62 3.67 11.86 -46.05
CA GLY D 62 2.47 12.69 -46.10
C GLY D 62 2.68 14.11 -45.57
N ASP D 63 1.92 15.09 -46.04
CA ASP D 63 1.97 16.46 -45.51
C ASP D 63 1.43 16.58 -44.03
N PHE D 64 2.30 17.03 -43.11
CA PHE D 64 1.96 17.10 -41.67
C PHE D 64 0.90 18.13 -41.37
N ASN D 65 0.88 19.22 -42.13
CA ASN D 65 -0.21 20.17 -42.06
C ASN D 65 -1.53 19.56 -42.53
N GLU D 66 -1.50 18.77 -43.60
CA GLU D 66 -2.74 18.14 -44.09
C GLU D 66 -3.30 17.26 -42.97
N VAL D 67 -2.42 16.42 -42.39
CA VAL D 67 -2.79 15.50 -41.31
C VAL D 67 -3.37 16.22 -40.08
N LYS D 68 -2.66 17.25 -39.60
CA LYS D 68 -3.13 18.08 -38.46
C LYS D 68 -4.47 18.77 -38.76
N GLN D 69 -4.69 19.13 -40.02
CA GLN D 69 -5.98 19.65 -40.44
C GLN D 69 -7.02 18.50 -40.52
N LEU D 70 -6.57 17.29 -40.86
CA LEU D 70 -7.42 16.09 -40.83
C LEU D 70 -7.81 15.74 -39.39
N SER D 73 -13.77 12.04 -38.25
CA SER D 73 -13.01 10.80 -37.98
C SER D 73 -12.81 10.05 -39.29
N GLU D 74 -13.91 9.89 -40.02
CA GLU D 74 -13.91 9.50 -41.43
C GLU D 74 -12.83 10.28 -42.19
N ASP D 75 -12.46 11.45 -41.67
CA ASP D 75 -11.28 12.21 -42.09
C ASP D 75 -10.06 11.28 -42.05
N ILE D 76 -9.64 10.93 -40.84
CA ILE D 76 -8.38 10.16 -40.68
C ILE D 76 -8.57 8.64 -40.90
N GLU D 77 -9.80 8.15 -40.70
CA GLU D 77 -10.13 6.74 -40.98
C GLU D 77 -9.90 6.38 -42.46
N GLU D 78 -10.26 7.27 -43.38
CA GLU D 78 -10.06 7.02 -44.82
C GLU D 78 -8.58 7.27 -45.16
N TRP D 79 -7.98 8.22 -44.46
CA TRP D 79 -6.54 8.43 -44.59
C TRP D 79 -5.76 7.23 -44.03
N ILE D 80 -6.15 6.72 -42.87
CA ILE D 80 -5.47 5.52 -42.33
C ILE D 80 -5.61 4.34 -43.33
N ASP D 81 -6.79 4.16 -43.92
CA ASP D 81 -6.99 3.13 -44.91
C ASP D 81 -6.10 3.28 -46.12
N ARG D 82 -5.93 4.51 -46.59
CA ARG D 82 -5.03 4.77 -47.71
C ARG D 82 -3.60 4.40 -47.38
N VAL D 83 -3.15 4.78 -46.20
CA VAL D 83 -1.77 4.54 -45.79
C VAL D 83 -1.52 3.03 -45.72
N ILE D 84 -2.37 2.27 -45.00
CA ILE D 84 -2.20 0.85 -44.86
C ILE D 84 -2.33 0.17 -46.21
N ASP D 85 -3.31 0.59 -47.00
CA ASP D 85 -3.47 0.04 -48.35
C ASP D 85 -2.21 0.20 -49.19
N LEU D 86 -1.57 1.38 -49.16
CA LEU D 86 -0.34 1.58 -49.87
C LEU D 86 0.71 0.54 -49.47
N TYR D 87 0.84 0.27 -48.19
CA TYR D 87 1.84 -0.63 -47.68
C TYR D 87 1.53 -2.06 -48.02
N GLN D 88 0.24 -2.43 -47.91
CA GLN D 88 -0.21 -3.75 -48.26
C GLN D 88 0.03 -4.04 -49.72
N ALA D 89 -0.14 -3.01 -50.55
CA ALA D 89 0.14 -3.15 -51.98
C ALA D 89 1.57 -3.62 -52.22
N VAL D 90 2.53 -3.12 -51.47
CA VAL D 90 3.91 -3.55 -51.61
C VAL D 90 4.11 -4.98 -51.07
N LEU D 91 3.53 -5.25 -49.93
CA LEU D 91 3.70 -6.54 -49.25
C LEU D 91 3.13 -7.68 -50.06
N ASN D 92 2.10 -7.39 -50.82
CA ASN D 92 1.43 -8.43 -51.59
C ASN D 92 2.05 -8.65 -52.98
N VAL D 93 3.10 -7.91 -53.33
CA VAL D 93 3.86 -8.20 -54.55
C VAL D 93 4.68 -9.46 -54.30
N ASN D 94 4.41 -10.51 -55.05
CA ASN D 94 5.07 -11.78 -54.73
C ASN D 94 6.36 -12.06 -55.51
N LYS D 95 6.89 -11.01 -56.12
CA LYS D 95 8.20 -11.00 -56.69
C LYS D 95 9.08 -10.19 -55.77
N PRO D 96 10.41 -10.38 -55.88
CA PRO D 96 11.39 -9.56 -55.17
C PRO D 96 11.12 -8.06 -55.34
N THR D 97 11.13 -7.32 -54.22
CA THR D 97 10.97 -5.85 -54.26
C THR D 97 12.16 -5.18 -53.56
N ILE D 98 12.68 -4.14 -54.21
CA ILE D 98 13.84 -3.44 -53.73
C ILE D 98 13.52 -1.94 -53.73
N ALA D 99 13.75 -1.30 -52.59
CA ALA D 99 13.67 0.14 -52.46
C ALA D 99 15.08 0.74 -52.60
N ALA D 100 15.22 1.72 -53.52
CA ALA D 100 16.45 2.47 -53.70
C ALA D 100 16.22 3.90 -53.15
N VAL D 101 16.75 4.14 -51.94
CA VAL D 101 16.44 5.33 -51.15
C VAL D 101 17.51 6.40 -51.25
N ASP D 102 17.17 7.52 -51.88
CA ASP D 102 18.05 8.66 -51.91
C ASP D 102 17.26 9.82 -51.33
N GLY D 103 17.97 10.90 -51.00
CA GLY D 103 17.36 12.02 -50.31
C GLY D 103 16.68 11.51 -49.05
N TYR D 104 15.46 11.98 -48.83
CA TYR D 104 14.76 11.73 -47.59
C TYR D 104 13.73 10.63 -47.69
N ALA D 105 13.69 9.81 -46.65
CA ALA D 105 12.58 8.88 -46.43
C ALA D 105 12.03 9.21 -45.06
N ILE D 106 10.96 10.02 -45.04
CA ILE D 106 10.39 10.60 -43.83
C ILE D 106 8.96 10.11 -43.58
N GLY D 107 8.69 9.67 -42.34
CA GLY D 107 7.33 9.27 -41.94
C GLY D 107 6.81 8.13 -42.81
N MET D 108 5.71 8.37 -43.54
CA MET D 108 5.19 7.40 -44.50
C MET D 108 6.22 6.88 -45.47
N GLY D 109 7.19 7.72 -45.86
CA GLY D 109 8.27 7.31 -46.77
C GLY D 109 9.18 6.28 -46.14
N PHE D 110 9.45 6.46 -44.85
CA PHE D 110 10.24 5.54 -44.05
C PHE D 110 9.43 4.22 -43.89
N GLN D 111 8.19 4.36 -43.48
CA GLN D 111 7.32 3.21 -43.34
C GLN D 111 7.11 2.42 -44.64
N PHE D 112 6.91 3.14 -45.73
CA PHE D 112 6.84 2.56 -47.08
C PHE D 112 8.09 1.74 -47.42
N ALA D 113 9.28 2.30 -47.17
CA ALA D 113 10.55 1.59 -47.44
C ALA D 113 10.65 0.27 -46.68
N LEU D 114 10.09 0.23 -45.46
CA LEU D 114 10.09 -0.99 -44.65
C LEU D 114 9.28 -2.16 -45.20
N MET D 115 8.46 -1.90 -46.22
CA MET D 115 7.63 -2.94 -46.82
C MET D 115 8.37 -3.74 -47.87
N PHE D 116 9.51 -3.24 -48.32
CA PHE D 116 10.28 -3.86 -49.37
C PHE D 116 11.14 -4.97 -48.81
N ASP D 117 11.42 -5.96 -49.66
CA ASP D 117 12.26 -7.06 -49.26
C ASP D 117 13.68 -6.63 -48.89
N GLN D 118 14.21 -5.66 -49.62
CA GLN D 118 15.55 -5.14 -49.39
C GLN D 118 15.51 -3.65 -49.62
N ARG D 119 16.41 -2.95 -48.93
CA ARG D 119 16.58 -1.49 -49.07
C ARG D 119 18.03 -1.22 -49.29
N LEU D 120 18.32 -0.38 -50.28
CA LEU D 120 19.63 0.26 -50.40
C LEU D 120 19.45 1.75 -50.28
N MET D 121 20.42 2.43 -49.68
CA MET D 121 20.35 3.86 -49.58
C MET D 121 21.60 4.49 -50.05
N ALA D 122 21.50 5.76 -50.46
CA ALA D 122 22.65 6.55 -50.84
C ALA D 122 23.37 6.97 -49.58
N SER D 123 24.68 7.19 -49.69
CA SER D 123 25.49 7.55 -48.53
C SER D 123 25.08 8.93 -48.00
N THR D 124 24.35 9.67 -48.81
CA THR D 124 23.89 11.00 -48.46
C THR D 124 22.42 11.06 -48.14
N ALA D 125 21.76 9.90 -48.13
CA ALA D 125 20.33 9.82 -47.79
C ALA D 125 20.10 9.85 -46.25
N ASN D 126 18.86 10.10 -45.89
CA ASN D 126 18.42 10.13 -44.49
C ASN D 126 17.05 9.52 -44.34
N PHE D 127 16.90 8.67 -43.33
CA PHE D 127 15.58 8.19 -42.89
C PHE D 127 15.20 9.00 -41.64
N VAL D 128 13.91 9.33 -41.52
CA VAL D 128 13.43 10.12 -40.37
C VAL D 128 12.01 9.69 -40.01
N MET D 129 11.74 9.59 -38.72
CA MET D 129 10.42 9.34 -38.19
C MET D 129 10.13 10.44 -37.16
N PRO D 130 9.91 11.68 -37.65
CA PRO D 130 9.81 12.81 -36.75
C PRO D 130 8.40 13.17 -36.26
N GLU D 131 7.43 12.26 -36.47
CA GLU D 131 6.01 12.54 -36.20
C GLU D 131 5.80 13.24 -34.88
N LEU D 132 6.29 12.64 -33.80
CA LEU D 132 6.02 13.12 -32.43
C LEU D 132 6.53 14.51 -32.15
N LYS D 133 7.70 14.79 -32.71
CA LYS D 133 8.31 16.11 -32.64
C LYS D 133 7.39 17.17 -33.27
N HIS D 134 6.62 16.79 -34.28
CA HIS D 134 5.74 17.72 -34.99
C HIS D 134 4.28 17.67 -34.56
N GLY D 135 3.99 16.86 -33.53
CA GLY D 135 2.63 16.73 -33.02
C GLY D 135 1.75 15.83 -33.86
N ILE D 136 2.38 14.89 -34.54
CA ILE D 136 1.69 13.93 -35.38
C ILE D 136 1.76 12.60 -34.65
N GLY D 137 0.65 11.87 -34.59
CA GLY D 137 0.63 10.55 -34.00
C GLY D 137 1.52 9.64 -34.79
N CYS D 138 2.23 8.75 -34.10
CA CYS D 138 3.13 7.83 -34.75
C CYS D 138 2.81 6.37 -34.44
N SER D 139 1.56 6.06 -34.17
CA SER D 139 1.22 4.71 -33.78
C SER D 139 1.32 3.69 -34.96
N VAL D 140 1.13 4.13 -36.20
CA VAL D 140 1.31 3.27 -37.38
C VAL D 140 2.80 3.05 -37.64
N GLY D 141 3.58 4.11 -37.62
CA GLY D 141 5.04 4.00 -37.72
C GLY D 141 5.68 3.15 -36.66
N ALA D 142 5.14 3.27 -35.43
CA ALA D 142 5.61 2.51 -34.31
C ALA D 142 5.25 1.03 -34.42
N ALA D 143 4.05 0.71 -34.89
CA ALA D 143 3.64 -0.68 -35.08
C ALA D 143 4.54 -1.35 -36.09
N ILE D 144 4.80 -0.66 -37.19
CA ILE D 144 5.58 -1.16 -38.31
C ILE D 144 7.03 -1.38 -37.90
N LEU D 145 7.62 -0.39 -37.27
CA LEU D 145 9.03 -0.44 -36.94
C LEU D 145 9.27 -1.46 -35.85
N GLY D 146 8.34 -1.55 -34.88
CA GLY D 146 8.42 -2.56 -33.87
C GLY D 146 8.39 -3.95 -34.43
N PHE D 147 7.58 -4.15 -35.47
CA PHE D 147 7.46 -5.44 -36.17
C PHE D 147 8.78 -5.76 -36.89
N THR D 148 9.28 -4.80 -37.64
CA THR D 148 10.43 -5.01 -38.49
C THR D 148 11.76 -5.02 -37.74
N HIS D 149 11.90 -4.15 -36.75
CA HIS D 149 13.19 -3.94 -36.07
C HIS D 149 13.15 -4.10 -34.53
N GLY D 150 12.01 -4.49 -34.00
CA GLY D 150 11.93 -4.76 -32.58
C GLY D 150 11.60 -3.52 -31.78
N PHE D 151 11.19 -3.79 -30.56
CA PHE D 151 10.60 -2.80 -29.72
C PHE D 151 11.54 -1.65 -29.37
N SER D 152 12.71 -2.00 -28.87
CA SER D 152 13.62 -0.98 -28.33
C SER D 152 14.22 -0.12 -29.41
N THR D 153 14.47 -0.70 -30.57
CA THR D 153 14.92 0.07 -31.68
C THR D 153 13.83 1.04 -32.11
N MET D 154 12.60 0.55 -32.19
CA MET D 154 11.48 1.40 -32.56
C MET D 154 11.31 2.58 -31.56
N GLN D 155 11.36 2.28 -30.25
CA GLN D 155 11.23 3.30 -29.25
C GLN D 155 12.29 4.39 -29.41
N GLU D 156 13.52 3.96 -29.62
CA GLU D 156 14.65 4.87 -29.81
C GLU D 156 14.38 5.76 -31.01
N ILE D 157 13.91 5.17 -32.10
CA ILE D 157 13.71 5.98 -33.34
C ILE D 157 12.54 6.97 -33.20
N ILE D 158 11.38 6.50 -32.72
CA ILE D 158 10.20 7.35 -32.69
C ILE D 158 10.26 8.39 -31.60
N TYR D 159 11.01 8.15 -30.54
CA TYR D 159 11.05 9.08 -29.44
C TYR D 159 12.19 10.09 -29.60
N GLN D 160 13.23 9.73 -30.32
CA GLN D 160 14.32 10.68 -30.53
C GLN D 160 14.06 11.58 -31.73
N CYS D 161 13.32 11.11 -32.75
CA CYS D 161 12.96 11.95 -33.92
C CYS D 161 14.19 12.57 -34.62
N GLN D 162 15.25 11.77 -34.76
CA GLN D 162 16.47 12.26 -35.38
C GLN D 162 16.53 11.90 -36.86
N SER D 163 17.29 12.67 -37.62
CA SER D 163 17.65 12.32 -38.97
C SER D 163 18.68 11.23 -38.89
N LEU D 164 18.36 10.08 -39.47
CA LEU D 164 19.22 8.93 -39.45
C LEU D 164 19.99 8.89 -40.76
N ASP D 165 21.30 9.18 -40.68
CA ASP D 165 22.16 9.16 -41.86
C ASP D 165 22.59 7.73 -42.15
N ALA D 166 23.31 7.56 -43.26
CA ALA D 166 23.63 6.23 -43.74
C ALA D 166 24.32 5.34 -42.69
N PRO D 167 25.37 5.83 -42.02
CA PRO D 167 25.97 5.07 -40.93
C PRO D 167 25.00 4.68 -39.80
N ARG D 168 24.09 5.57 -39.48
CA ARG D 168 23.10 5.29 -38.44
C ARG D 168 22.12 4.22 -38.91
N CYS D 169 21.76 4.28 -40.19
CA CYS D 169 20.88 3.29 -40.78
C CYS D 169 21.49 1.89 -40.84
N VAL D 170 22.79 1.84 -41.13
CA VAL D 170 23.54 0.59 -41.14
C VAL D 170 23.56 -0.02 -39.73
N ASP D 171 23.89 0.82 -38.75
CA ASP D 171 23.86 0.41 -37.36
C ASP D 171 22.51 -0.12 -36.88
N TYR D 172 21.41 0.48 -37.34
CA TYR D 172 20.06 -0.01 -36.99
C TYR D 172 19.65 -1.17 -37.86
N ARG D 173 20.43 -1.44 -38.91
CA ARG D 173 20.09 -2.45 -39.93
C ARG D 173 18.79 -2.07 -40.63
N LEU D 174 18.65 -0.77 -40.92
CA LEU D 174 17.49 -0.29 -41.64
C LEU D 174 17.64 -0.50 -43.12
N VAL D 175 18.87 -0.67 -43.57
CA VAL D 175 19.18 -0.86 -44.97
C VAL D 175 20.17 -1.99 -45.07
N ASN D 176 20.25 -2.55 -46.27
CA ASN D 176 21.07 -3.70 -46.61
C ASN D 176 22.36 -3.27 -47.25
N GLN D 177 22.36 -2.10 -47.94
CA GLN D 177 23.58 -1.57 -48.56
C GLN D 177 23.54 -0.08 -48.59
N VAL D 178 24.73 0.53 -48.54
CA VAL D 178 24.93 1.95 -48.75
C VAL D 178 25.87 2.16 -49.94
N VAL D 179 25.45 2.97 -50.90
CA VAL D 179 26.30 3.32 -52.05
C VAL D 179 26.13 4.80 -52.37
N GLU D 180 26.96 5.31 -53.29
CA GLU D 180 26.90 6.70 -53.70
C GLU D 180 25.65 6.94 -54.51
N SER D 181 25.08 8.13 -54.42
CA SER D 181 23.86 8.45 -55.18
C SER D 181 23.93 7.97 -56.62
N SER D 182 25.05 8.26 -57.29
CA SER D 182 25.22 7.97 -58.71
C SER D 182 25.28 6.47 -59.05
N ALA D 183 25.47 5.63 -58.03
CA ALA D 183 25.56 4.18 -58.24
C ALA D 183 24.35 3.46 -57.69
N LEU D 184 23.45 4.22 -57.05
CA LEU D 184 22.39 3.62 -56.26
C LEU D 184 21.38 2.82 -57.08
N LEU D 185 20.88 3.41 -58.15
CA LEU D 185 19.86 2.73 -58.95
C LEU D 185 20.41 1.44 -59.62
N ASP D 186 21.63 1.52 -60.13
CA ASP D 186 22.28 0.35 -60.71
C ASP D 186 22.51 -0.77 -59.68
N ALA D 187 22.89 -0.38 -58.47
CA ALA D 187 23.12 -1.31 -57.40
C ALA D 187 21.82 -2.02 -57.01
N ALA D 188 20.72 -1.27 -57.02
CA ALA D 188 19.40 -1.80 -56.69
C ALA D 188 18.86 -2.75 -57.78
N ILE D 189 19.00 -2.33 -59.04
CA ILE D 189 18.68 -3.16 -60.19
C ILE D 189 19.50 -4.48 -60.18
N THR D 190 20.80 -4.37 -59.87
CA THR D 190 21.68 -5.54 -59.74
C THR D 190 21.15 -6.53 -58.69
N GLN D 191 20.83 -6.04 -57.49
CA GLN D 191 20.22 -6.90 -56.47
C GLN D 191 18.87 -7.48 -56.89
N ALA D 192 18.06 -6.70 -57.61
CA ALA D 192 16.79 -7.20 -58.16
C ALA D 192 17.03 -8.31 -59.20
N HIS D 193 18.12 -8.23 -59.95
CA HIS D 193 18.46 -9.30 -60.86
C HIS D 193 18.86 -10.56 -60.14
N VAL D 194 19.63 -10.41 -59.08
CA VAL D 194 20.04 -11.53 -58.30
C VAL D 194 18.82 -12.27 -57.71
N MET D 195 17.90 -11.52 -57.14
CA MET D 195 16.72 -12.12 -56.51
C MET D 195 15.76 -12.66 -57.57
N ALA D 196 15.71 -12.01 -58.72
CA ALA D 196 14.90 -12.50 -59.83
C ALA D 196 15.35 -13.85 -60.34
N SER D 197 16.64 -14.19 -60.14
CA SER D 197 17.16 -15.47 -60.63
C SER D 197 16.78 -16.63 -59.69
N TYR D 198 16.35 -16.32 -58.48
CA TYR D 198 15.87 -17.36 -57.58
C TYR D 198 14.61 -17.96 -58.21
N PRO D 199 14.57 -19.31 -58.34
CA PRO D 199 13.34 -19.91 -58.83
C PRO D 199 12.07 -19.30 -58.22
N ALA D 200 11.12 -18.96 -59.08
CA ALA D 200 10.00 -18.11 -58.68
C ALA D 200 9.05 -18.79 -57.71
N SER D 201 8.79 -20.06 -57.95
CA SER D 201 7.83 -20.79 -57.17
C SER D 201 8.20 -20.89 -55.69
N ALA D 202 9.44 -21.30 -55.41
CA ALA D 202 9.92 -21.34 -54.05
C ALA D 202 10.02 -19.93 -53.43
N PHE D 203 10.43 -18.94 -54.24
CA PHE D 203 10.45 -17.60 -53.77
C PHE D 203 9.06 -17.09 -53.34
N ILE D 204 8.09 -17.22 -54.25
CA ILE D 204 6.72 -16.75 -54.03
C ILE D 204 6.11 -17.36 -52.80
N ASN D 205 6.24 -18.68 -52.70
CA ASN D 205 5.71 -19.36 -51.55
C ASN D 205 6.37 -18.93 -50.23
N THR D 206 7.68 -18.72 -50.26
CA THR D 206 8.42 -18.33 -49.09
C THR D 206 8.03 -16.91 -48.67
N LYS D 207 8.03 -15.98 -49.63
CA LYS D 207 7.70 -14.58 -49.36
C LYS D 207 6.27 -14.43 -48.80
N ARG D 208 5.32 -15.15 -49.37
CA ARG D 208 3.97 -15.16 -48.86
C ARG D 208 3.96 -15.56 -47.37
N ALA D 209 4.70 -16.61 -47.03
CA ALA D 209 4.81 -17.06 -45.63
C ALA D 209 5.48 -16.05 -44.74
N VAL D 210 6.51 -15.40 -45.28
CA VAL D 210 7.27 -14.35 -44.59
C VAL D 210 6.41 -13.10 -44.31
N ASN D 211 5.70 -12.66 -45.33
CA ASN D 211 4.95 -11.41 -45.25
C ASN D 211 3.61 -11.53 -44.54
N LYS D 212 3.09 -12.75 -44.46
CA LYS D 212 1.82 -13.00 -43.84
C LYS D 212 1.60 -12.32 -42.47
N PRO D 213 2.52 -12.55 -41.51
CA PRO D 213 2.37 -11.87 -40.22
C PRO D 213 2.56 -10.36 -40.28
N PHE D 214 3.24 -9.85 -41.31
CA PHE D 214 3.39 -8.41 -41.49
C PHE D 214 2.02 -7.84 -41.95
N ILE D 215 1.45 -8.50 -42.95
CA ILE D 215 0.15 -8.13 -43.51
C ILE D 215 -0.93 -8.15 -42.40
N HIS D 216 -0.85 -9.16 -41.53
CA HIS D 216 -1.76 -9.30 -40.41
C HIS D 216 -1.56 -8.18 -39.38
N LEU D 217 -0.31 -7.87 -39.08
CA LEU D 217 -0.01 -6.78 -38.20
C LEU D 217 -0.54 -5.46 -38.74
N LEU D 218 -0.40 -5.22 -40.04
CA LEU D 218 -0.90 -3.99 -40.65
C LEU D 218 -2.42 -3.87 -40.54
N GLU D 219 -3.11 -5.00 -40.69
CA GLU D 219 -4.56 -5.03 -40.58
C GLU D 219 -5.04 -4.75 -39.19
N GLN D 220 -4.36 -5.33 -38.22
CA GLN D 220 -4.60 -5.04 -36.82
C GLN D 220 -4.34 -3.57 -36.51
N THR D 221 -3.32 -3.01 -37.12
CA THR D 221 -2.97 -1.62 -36.93
C THR D 221 -4.03 -0.73 -37.56
N ARG D 222 -4.49 -1.07 -38.75
CA ARG D 222 -5.57 -0.37 -39.42
C ARG D 222 -6.72 -0.23 -38.45
N ASP D 223 -7.13 -1.37 -37.88
CA ASP D 223 -8.29 -1.43 -37.01
C ASP D 223 -8.07 -0.67 -35.72
N ALA D 224 -6.88 -0.83 -35.15
CA ALA D 224 -6.55 -0.18 -33.88
C ALA D 224 -6.51 1.35 -34.00
N SER D 225 -5.85 1.85 -35.04
CA SER D 225 -5.81 3.29 -35.29
C SER D 225 -7.17 3.95 -35.46
N LYS D 226 -8.11 3.22 -36.06
CA LYS D 226 -9.45 3.73 -36.31
C LYS D 226 -10.29 3.71 -35.07
N ALA D 227 -10.09 2.69 -34.24
CA ALA D 227 -10.84 2.57 -33.01
C ALA D 227 -10.48 3.69 -32.04
N VAL D 228 -9.21 4.09 -31.96
CA VAL D 228 -8.86 5.11 -30.99
C VAL D 228 -9.46 6.46 -31.40
N HIS D 229 -9.46 6.78 -32.70
CA HIS D 229 -10.18 7.95 -33.19
C HIS D 229 -11.72 7.83 -32.99
N LYS D 230 -12.39 6.93 -33.70
CA LYS D 230 -13.81 6.59 -33.36
C LYS D 230 -13.96 6.05 -31.92
N MET E 1 25.00 -43.11 -35.66
CA MET E 1 25.45 -41.93 -36.44
C MET E 1 25.85 -40.78 -35.55
N VAL E 2 25.98 -41.02 -34.24
CA VAL E 2 26.52 -40.03 -33.31
C VAL E 2 27.40 -40.76 -32.31
N PHE E 3 28.37 -40.09 -31.71
CA PHE E 3 28.94 -40.63 -30.50
C PHE E 3 28.66 -39.75 -29.33
N GLU E 4 28.61 -40.39 -28.18
CA GLU E 4 28.19 -39.76 -26.94
C GLU E 4 29.32 -39.92 -25.94
N GLU E 5 29.83 -38.80 -25.43
CA GLU E 5 30.96 -38.81 -24.53
C GLU E 5 30.66 -37.86 -23.40
N ASN E 6 31.41 -38.00 -22.31
CA ASN E 6 31.17 -37.22 -21.13
C ASN E 6 32.40 -36.47 -20.69
N SER E 7 32.22 -35.21 -20.38
CA SER E 7 33.20 -34.43 -19.65
C SER E 7 32.50 -34.15 -18.29
N ASP E 8 32.64 -35.12 -17.39
CA ASP E 8 31.87 -35.16 -16.14
C ASP E 8 30.37 -35.00 -16.39
N GLU E 9 29.80 -33.89 -15.92
CA GLU E 9 28.37 -33.68 -16.03
C GLU E 9 27.94 -33.15 -17.40
N VAL E 10 28.91 -32.91 -18.28
CA VAL E 10 28.61 -32.46 -19.65
C VAL E 10 28.61 -33.62 -20.64
N ARG E 11 27.46 -33.84 -21.26
CA ARG E 11 27.34 -34.82 -22.32
C ARG E 11 27.67 -34.19 -23.67
N VAL E 12 28.64 -34.76 -24.35
CA VAL E 12 29.04 -34.29 -25.68
C VAL E 12 28.55 -35.28 -26.75
N ILE E 13 27.72 -34.76 -27.63
CA ILE E 13 27.13 -35.52 -28.72
C ILE E 13 27.78 -35.08 -30.03
N THR E 14 28.56 -35.97 -30.64
CA THR E 14 29.27 -35.69 -31.87
C THR E 14 28.57 -36.35 -33.02
N LEU E 15 28.14 -35.53 -33.99
CA LEU E 15 27.48 -36.04 -35.19
C LEU E 15 28.49 -36.82 -36.02
N ASP E 16 28.10 -38.01 -36.45
CA ASP E 16 29.01 -38.95 -37.11
C ASP E 16 28.39 -39.61 -38.33
N HIS E 17 27.72 -38.80 -39.18
CA HIS E 17 27.27 -39.28 -40.51
C HIS E 17 28.50 -39.78 -41.30
N PRO E 18 28.33 -40.80 -42.16
CA PRO E 18 29.44 -41.21 -43.04
C PRO E 18 30.08 -40.06 -43.82
N ASN E 19 29.23 -39.13 -44.27
CA ASN E 19 29.66 -37.89 -44.90
C ASN E 19 30.10 -36.86 -43.87
N LYS E 20 31.21 -36.19 -44.15
CA LYS E 20 31.87 -35.27 -43.21
C LYS E 20 31.08 -34.00 -42.98
N HIS E 21 30.11 -33.75 -43.83
CA HIS E 21 29.30 -32.54 -43.67
C HIS E 21 28.04 -32.78 -42.84
N ASN E 22 27.87 -34.01 -42.36
CA ASN E 22 26.78 -34.32 -41.44
C ASN E 22 25.43 -33.89 -42.01
N PRO E 23 25.12 -34.35 -43.24
CA PRO E 23 23.79 -34.05 -43.75
C PRO E 23 22.71 -34.70 -42.88
N PHE E 24 21.60 -34.00 -42.70
CA PHE E 24 20.49 -34.58 -41.96
C PHE E 24 19.71 -35.57 -42.81
N SER E 25 20.20 -36.79 -42.84
CA SER E 25 19.44 -37.92 -43.29
C SER E 25 18.48 -38.29 -42.17
N ARG E 26 17.54 -39.16 -42.50
CA ARG E 26 16.58 -39.67 -41.52
C ARG E 26 17.28 -40.41 -40.36
N THR E 27 18.31 -41.18 -40.71
CA THR E 27 19.08 -41.87 -39.73
C THR E 27 19.81 -40.89 -38.80
N LEU E 28 20.46 -39.87 -39.34
CA LEU E 28 21.16 -38.91 -38.47
C LEU E 28 20.18 -38.17 -37.55
N GLU E 29 19.03 -37.75 -38.10
CA GLU E 29 17.98 -37.11 -37.29
C GLU E 29 17.54 -37.98 -36.12
N THR E 30 17.30 -39.25 -36.40
CA THR E 30 16.85 -40.18 -35.38
C THR E 30 17.91 -40.41 -34.28
N SER E 31 19.16 -40.54 -34.66
CA SER E 31 20.24 -40.73 -33.69
C SER E 31 20.40 -39.51 -32.81
N VAL E 32 20.29 -38.33 -33.42
CA VAL E 32 20.46 -37.08 -32.71
C VAL E 32 19.30 -36.85 -31.75
N LYS E 33 18.08 -37.13 -32.20
CA LYS E 33 16.91 -36.97 -31.35
C LYS E 33 16.95 -37.96 -30.20
N ASP E 34 17.31 -39.21 -30.46
CA ASP E 34 17.45 -40.21 -29.41
C ASP E 34 18.54 -39.84 -28.38
N ALA E 35 19.68 -39.34 -28.86
CA ALA E 35 20.79 -38.93 -27.99
C ALA E 35 20.39 -37.77 -27.06
N LEU E 36 19.64 -36.84 -27.61
CA LEU E 36 19.14 -35.67 -26.88
C LEU E 36 18.17 -36.05 -25.79
N ALA E 37 17.30 -37.02 -26.10
CA ALA E 37 16.33 -37.51 -25.13
C ALA E 37 17.01 -38.27 -24.04
N ARG E 38 18.04 -39.05 -24.36
CA ARG E 38 18.82 -39.74 -23.36
C ARG E 38 19.50 -38.75 -22.43
N ALA E 39 20.12 -37.74 -23.02
CA ALA E 39 20.81 -36.70 -22.25
C ALA E 39 19.88 -35.97 -21.29
N ASN E 40 18.65 -35.71 -21.76
CA ASN E 40 17.65 -35.02 -20.97
C ASN E 40 17.12 -35.87 -19.82
N ALA E 41 17.07 -37.19 -20.01
CA ALA E 41 16.54 -38.13 -19.03
C ALA E 41 17.61 -38.60 -18.04
N ASP E 42 18.87 -38.49 -18.42
CA ASP E 42 19.98 -38.92 -17.59
C ASP E 42 20.32 -37.87 -16.53
N ASP E 43 20.11 -38.23 -15.26
CA ASP E 43 20.31 -37.28 -14.16
C ASP E 43 21.77 -36.90 -13.96
N SER E 44 22.68 -37.75 -14.43
CA SER E 44 24.12 -37.48 -14.31
C SER E 44 24.59 -36.45 -15.34
N VAL E 45 23.72 -36.12 -16.29
CA VAL E 45 24.02 -35.10 -17.30
C VAL E 45 23.39 -33.77 -16.87
N ARG E 46 24.20 -32.72 -16.82
CA ARG E 46 23.70 -31.42 -16.40
C ARG E 46 23.82 -30.36 -17.50
N ALA E 47 24.46 -30.70 -18.60
CA ALA E 47 24.57 -29.81 -19.76
C ALA E 47 24.93 -30.63 -20.97
N VAL E 48 24.64 -30.09 -22.15
CA VAL E 48 24.80 -30.84 -23.39
C VAL E 48 25.51 -30.00 -24.44
N VAL E 49 26.53 -30.58 -25.07
CA VAL E 49 27.18 -29.99 -26.24
C VAL E 49 26.91 -30.85 -27.48
N VAL E 50 26.57 -30.21 -28.58
CA VAL E 50 26.48 -30.88 -29.86
C VAL E 50 27.52 -30.30 -30.82
N TYR E 51 28.27 -31.20 -31.44
CA TYR E 51 29.45 -30.85 -32.21
C TYR E 51 29.42 -31.71 -33.46
N GLY E 52 29.82 -31.15 -34.61
CA GLY E 52 29.93 -31.91 -35.87
C GLY E 52 31.15 -32.82 -35.96
N GLY E 53 32.13 -32.62 -35.10
CA GLY E 53 33.36 -33.41 -35.10
C GLY E 53 34.50 -32.61 -35.65
N ALA E 54 35.73 -33.04 -35.36
CA ALA E 54 36.92 -32.38 -35.85
C ALA E 54 37.01 -32.50 -37.36
N GLU E 55 37.24 -31.35 -38.01
CA GLU E 55 37.41 -31.31 -39.46
C GLU E 55 36.23 -31.88 -40.22
N ARG E 56 35.05 -31.61 -39.66
CA ARG E 56 33.74 -31.94 -40.22
C ARG E 56 32.88 -30.69 -40.10
N SER E 57 31.73 -30.70 -40.78
CA SER E 57 30.76 -29.59 -40.68
C SER E 57 29.74 -29.91 -39.62
N PHE E 58 29.22 -28.87 -38.96
CA PHE E 58 28.14 -29.00 -38.00
C PHE E 58 26.99 -29.74 -38.70
N SER E 59 26.48 -29.16 -39.79
CA SER E 59 25.61 -29.89 -40.71
C SER E 59 25.35 -29.07 -41.98
N ALA E 60 25.65 -29.67 -43.13
CA ALA E 60 25.26 -29.10 -44.43
C ALA E 60 23.74 -29.15 -44.65
N GLY E 61 23.01 -29.72 -43.70
CA GLY E 61 21.54 -29.66 -43.71
C GLY E 61 20.95 -30.86 -44.42
N GLY E 62 19.70 -30.71 -44.87
CA GLY E 62 19.07 -31.77 -45.66
C GLY E 62 19.55 -31.74 -47.11
N ASP E 63 19.64 -32.92 -47.73
CA ASP E 63 19.77 -33.00 -49.20
C ASP E 63 18.70 -32.16 -49.98
N PHE E 64 19.17 -31.15 -50.72
CA PHE E 64 18.30 -30.25 -51.49
C PHE E 64 17.66 -30.96 -52.69
N ASN E 65 18.37 -31.99 -53.21
CA ASN E 65 17.88 -32.89 -54.29
C ASN E 65 16.88 -33.98 -53.86
N GLU E 66 16.94 -34.42 -52.59
CA GLU E 66 15.91 -35.31 -52.01
C GLU E 66 14.60 -34.54 -51.84
N VAL E 67 14.73 -33.28 -51.40
CA VAL E 67 13.59 -32.38 -51.24
C VAL E 67 12.93 -31.98 -52.57
N LYS E 68 13.74 -31.78 -53.62
CA LYS E 68 13.22 -31.43 -54.93
C LYS E 68 12.64 -32.66 -55.63
N GLN E 69 12.95 -33.85 -55.14
CA GLN E 69 12.34 -35.09 -55.68
C GLN E 69 11.18 -35.59 -54.81
N LEU E 70 11.03 -34.99 -53.63
CA LEU E 70 9.91 -35.29 -52.71
C LEU E 70 8.56 -34.92 -53.37
N SER E 71 7.86 -35.93 -53.92
CA SER E 71 6.70 -35.67 -54.79
C SER E 71 5.35 -36.22 -54.30
N ARG E 72 5.35 -37.25 -53.46
CA ARG E 72 4.10 -37.73 -52.86
C ARG E 72 3.91 -36.96 -51.54
N SER E 73 2.69 -36.46 -51.29
CA SER E 73 2.42 -35.56 -50.13
C SER E 73 2.60 -36.19 -48.73
N GLU E 74 2.12 -37.42 -48.52
CA GLU E 74 2.31 -38.10 -47.25
C GLU E 74 3.77 -37.96 -46.87
N ASP E 75 4.62 -37.91 -47.90
CA ASP E 75 6.06 -37.77 -47.73
C ASP E 75 6.53 -36.34 -47.42
N ILE E 76 5.88 -35.35 -48.04
CA ILE E 76 6.14 -33.92 -47.71
C ILE E 76 5.74 -33.66 -46.26
N GLU E 77 4.49 -34.02 -45.94
CA GLU E 77 3.98 -34.02 -44.56
C GLU E 77 4.95 -34.67 -43.59
N GLU E 78 5.52 -35.81 -43.98
CA GLU E 78 6.48 -36.53 -43.15
C GLU E 78 7.82 -35.82 -43.08
N TRP E 79 8.25 -35.15 -44.15
CA TRP E 79 9.51 -34.43 -44.09
C TRP E 79 9.43 -33.12 -43.25
N ILE E 80 8.34 -32.37 -43.42
CA ILE E 80 8.06 -31.24 -42.56
C ILE E 80 8.03 -31.63 -41.07
N ASP E 81 7.32 -32.71 -40.77
CA ASP E 81 7.27 -33.24 -39.42
C ASP E 81 8.64 -33.62 -38.85
N ARG E 82 9.46 -34.25 -39.68
CA ARG E 82 10.81 -34.63 -39.28
C ARG E 82 11.67 -33.41 -38.93
N VAL E 83 11.56 -32.38 -39.76
CA VAL E 83 12.34 -31.18 -39.55
C VAL E 83 11.97 -30.52 -38.23
N ILE E 84 10.68 -30.28 -38.03
CA ILE E 84 10.19 -29.60 -36.82
C ILE E 84 10.42 -30.46 -35.59
N ASP E 85 10.20 -31.77 -35.70
CA ASP E 85 10.45 -32.71 -34.59
C ASP E 85 11.92 -32.68 -34.14
N LEU E 86 12.83 -32.62 -35.09
CA LEU E 86 14.26 -32.48 -34.80
C LEU E 86 14.55 -31.24 -33.96
N TYR E 87 13.98 -30.11 -34.32
CA TYR E 87 14.22 -28.87 -33.59
C TYR E 87 13.53 -28.85 -32.23
N GLN E 88 12.34 -29.42 -32.16
CA GLN E 88 11.62 -29.53 -30.92
C GLN E 88 12.39 -30.40 -29.92
N ALA E 89 13.04 -31.43 -30.42
CA ALA E 89 13.89 -32.30 -29.61
C ALA E 89 14.99 -31.50 -28.90
N VAL E 90 15.56 -30.52 -29.57
CA VAL E 90 16.54 -29.65 -28.94
C VAL E 90 15.89 -28.69 -27.92
N LEU E 91 14.84 -28.04 -28.33
CA LEU E 91 14.16 -27.06 -27.45
C LEU E 91 13.61 -27.70 -26.17
N ASN E 92 13.25 -28.99 -26.22
CA ASN E 92 12.68 -29.68 -25.08
C ASN E 92 13.71 -30.31 -24.13
N VAL E 93 15.00 -30.12 -24.39
CA VAL E 93 16.05 -30.49 -23.45
C VAL E 93 16.10 -29.38 -22.43
N ASN E 94 15.83 -29.70 -21.18
CA ASN E 94 15.71 -28.65 -20.20
C ASN E 94 17.00 -28.33 -19.45
N LYS E 95 18.07 -28.99 -19.84
CA LYS E 95 19.42 -28.70 -19.37
C LYS E 95 20.06 -27.71 -20.37
N PRO E 96 21.11 -26.97 -19.96
CA PRO E 96 21.85 -26.14 -20.93
C PRO E 96 22.26 -26.88 -22.19
N THR E 97 22.04 -26.26 -23.36
CA THR E 97 22.51 -26.86 -24.63
C THR E 97 23.41 -25.89 -25.37
N ILE E 98 24.54 -26.43 -25.85
CA ILE E 98 25.55 -25.64 -26.51
C ILE E 98 25.85 -26.28 -27.87
N ALA E 99 25.76 -25.49 -28.93
CA ALA E 99 26.17 -25.90 -30.28
C ALA E 99 27.55 -25.35 -30.58
N ALA E 100 28.45 -26.26 -30.93
CA ALA E 100 29.81 -25.94 -31.28
C ALA E 100 29.96 -26.14 -32.79
N VAL E 101 29.95 -25.03 -33.51
CA VAL E 101 29.78 -25.04 -34.95
C VAL E 101 31.11 -24.87 -35.66
N ASP E 102 31.54 -25.92 -36.37
CA ASP E 102 32.69 -25.81 -37.24
C ASP E 102 32.22 -26.17 -38.64
N GLY E 103 33.05 -25.87 -39.64
CA GLY E 103 32.71 -26.07 -41.05
C GLY E 103 31.44 -25.31 -41.35
N TYR E 104 30.53 -25.96 -42.07
CA TYR E 104 29.27 -25.36 -42.50
C TYR E 104 28.08 -25.73 -41.63
N ALA E 105 27.24 -24.71 -41.38
CA ALA E 105 25.91 -24.88 -40.87
C ALA E 105 24.97 -24.29 -41.93
N ILE E 106 24.42 -25.17 -42.78
CA ILE E 106 23.66 -24.75 -43.96
C ILE E 106 22.22 -25.24 -43.86
N GLY E 107 21.25 -24.33 -44.09
CA GLY E 107 19.83 -24.66 -44.09
C GLY E 107 19.36 -25.23 -42.79
N MET E 108 18.91 -26.48 -42.82
CA MET E 108 18.55 -27.19 -41.59
C MET E 108 19.65 -27.17 -40.55
N GLY E 109 20.92 -27.14 -40.96
CA GLY E 109 22.03 -27.09 -40.00
C GLY E 109 22.10 -25.77 -39.25
N PHE E 110 21.80 -24.70 -39.98
CA PHE E 110 21.72 -23.34 -39.46
C PHE E 110 20.51 -23.25 -38.52
N GLN E 111 19.37 -23.73 -39.00
CA GLN E 111 18.15 -23.76 -38.21
C GLN E 111 18.27 -24.58 -36.94
N PHE E 112 18.90 -25.74 -37.05
CA PHE E 112 19.21 -26.60 -35.91
C PHE E 112 20.04 -25.90 -34.84
N ALA E 113 21.08 -25.19 -35.28
CA ALA E 113 21.93 -24.43 -34.37
C ALA E 113 21.18 -23.35 -33.59
N LEU E 114 20.17 -22.77 -34.20
CA LEU E 114 19.36 -21.73 -33.59
C LEU E 114 18.49 -22.21 -32.46
N MET E 115 18.37 -23.54 -32.30
CA MET E 115 17.60 -24.13 -31.23
C MET E 115 18.35 -24.22 -29.90
N PHE E 116 19.69 -24.12 -29.94
CA PHE E 116 20.54 -24.28 -28.78
C PHE E 116 20.56 -23.03 -27.96
N ASP E 117 20.79 -23.18 -26.66
CA ASP E 117 20.82 -22.01 -25.78
C ASP E 117 21.95 -21.08 -26.11
N GLN E 118 23.06 -21.64 -26.54
CA GLN E 118 24.20 -20.87 -26.92
C GLN E 118 24.86 -21.53 -28.10
N ARG E 119 25.54 -20.72 -28.94
CA ARG E 119 26.33 -21.16 -30.08
C ARG E 119 27.73 -20.59 -30.00
N LEU E 120 28.73 -21.44 -30.19
CA LEU E 120 30.07 -20.98 -30.51
C LEU E 120 30.41 -21.48 -31.89
N MET E 121 31.20 -20.71 -32.62
CA MET E 121 31.69 -21.14 -33.91
C MET E 121 33.19 -20.95 -34.05
N ALA E 122 33.75 -21.72 -34.97
CA ALA E 122 35.14 -21.60 -35.34
C ALA E 122 35.30 -20.35 -36.20
N SER E 123 36.49 -19.76 -36.15
CA SER E 123 36.75 -18.55 -36.89
C SER E 123 36.69 -18.81 -38.40
N THR E 124 36.74 -20.09 -38.79
CA THR E 124 36.77 -20.54 -40.16
C THR E 124 35.43 -21.18 -40.58
N ALA E 125 34.43 -21.11 -39.71
CA ALA E 125 33.14 -21.70 -40.01
C ALA E 125 32.24 -20.72 -40.75
N ASN E 126 31.17 -21.26 -41.34
CA ASN E 126 30.20 -20.47 -42.08
C ASN E 126 28.78 -20.92 -41.81
N PHE E 127 27.87 -19.96 -41.59
CA PHE E 127 26.42 -20.20 -41.58
C PHE E 127 25.87 -19.79 -42.97
N VAL E 128 24.93 -20.56 -43.49
CA VAL E 128 24.29 -20.25 -44.76
C VAL E 128 22.82 -20.64 -44.74
N MET E 129 21.96 -19.77 -45.27
CA MET E 129 20.56 -20.09 -45.50
C MET E 129 20.24 -19.85 -46.98
N PRO E 130 20.77 -20.71 -47.87
CA PRO E 130 20.74 -20.48 -49.32
C PRO E 130 19.55 -21.09 -50.04
N GLU E 131 18.54 -21.53 -49.30
CA GLU E 131 17.38 -22.22 -49.86
C GLU E 131 16.89 -21.57 -51.16
N LEU E 132 16.59 -20.28 -51.09
CA LEU E 132 15.90 -19.60 -52.17
C LEU E 132 16.72 -19.55 -53.43
N LYS E 133 18.02 -19.37 -53.23
CA LYS E 133 19.02 -19.40 -54.30
C LYS E 133 19.01 -20.73 -55.05
N HIS E 134 18.66 -21.79 -54.34
CA HIS E 134 18.59 -23.13 -54.94
C HIS E 134 17.18 -23.60 -55.32
N GLY E 135 16.18 -22.73 -55.17
CA GLY E 135 14.81 -23.08 -55.52
C GLY E 135 14.16 -23.96 -54.50
N ILE E 136 14.59 -23.84 -53.24
CA ILE E 136 14.05 -24.58 -52.11
C ILE E 136 13.28 -23.57 -51.24
N GLY E 137 12.06 -23.91 -50.84
CA GLY E 137 11.30 -23.04 -49.99
C GLY E 137 12.00 -22.81 -48.65
N CYS E 138 11.91 -21.59 -48.14
CA CYS E 138 12.62 -21.26 -46.88
C CYS E 138 11.64 -20.77 -45.86
N SER E 139 10.38 -21.22 -45.90
CA SER E 139 9.39 -20.69 -44.98
C SER E 139 9.71 -21.11 -43.54
N VAL E 140 10.27 -22.31 -43.36
CA VAL E 140 10.63 -22.80 -42.00
C VAL E 140 11.82 -22.04 -41.44
N GLY E 141 12.87 -21.92 -42.23
CA GLY E 141 14.03 -21.12 -41.82
C GLY E 141 13.70 -19.67 -41.55
N ALA E 142 12.77 -19.12 -42.32
CA ALA E 142 12.29 -17.76 -42.16
C ALA E 142 11.52 -17.56 -40.88
N ALA E 143 10.65 -18.52 -40.55
CA ALA E 143 9.89 -18.50 -39.29
C ALA E 143 10.81 -18.50 -38.10
N ILE E 144 11.82 -19.34 -38.18
CA ILE E 144 12.79 -19.55 -37.11
C ILE E 144 13.65 -18.30 -36.87
N LEU E 145 14.19 -17.80 -37.94
CA LEU E 145 15.11 -16.72 -37.85
C LEU E 145 14.39 -15.41 -37.50
N GLY E 146 13.19 -15.24 -38.03
CA GLY E 146 12.38 -14.13 -37.64
C GLY E 146 12.02 -14.15 -36.16
N PHE E 147 11.80 -15.35 -35.60
CA PHE E 147 11.60 -15.51 -34.17
C PHE E 147 12.87 -15.21 -33.35
N THR E 148 13.99 -15.81 -33.75
CA THR E 148 15.24 -15.66 -32.99
C THR E 148 15.90 -14.29 -33.15
N HIS E 149 15.90 -13.75 -34.38
CA HIS E 149 16.66 -12.55 -34.71
C HIS E 149 15.86 -11.37 -35.27
N GLY E 150 14.55 -11.50 -35.30
CA GLY E 150 13.69 -10.44 -35.76
C GLY E 150 13.52 -10.47 -37.27
N PHE E 151 12.56 -9.70 -37.75
CA PHE E 151 12.07 -9.76 -39.09
C PHE E 151 13.07 -9.27 -40.15
N SER E 152 13.66 -8.09 -39.94
CA SER E 152 14.51 -7.49 -40.95
C SER E 152 15.85 -8.23 -41.04
N THR E 153 16.36 -8.74 -39.93
CA THR E 153 17.56 -9.56 -40.01
C THR E 153 17.27 -10.84 -40.84
N MET E 154 16.14 -11.48 -40.54
CA MET E 154 15.74 -12.67 -41.25
C MET E 154 15.61 -12.40 -42.77
N GLN E 155 14.93 -11.32 -43.13
CA GLN E 155 14.78 -10.95 -44.53
C GLN E 155 16.12 -10.83 -45.22
N GLU E 156 17.06 -10.15 -44.57
CA GLU E 156 18.39 -9.96 -45.12
C GLU E 156 19.07 -11.31 -45.36
N ILE E 157 19.02 -12.17 -44.36
CA ILE E 157 19.71 -13.45 -44.47
C ILE E 157 19.10 -14.37 -45.55
N ILE E 158 17.77 -14.54 -45.53
CA ILE E 158 17.15 -15.48 -46.44
C ILE E 158 17.09 -14.96 -47.87
N TYR E 159 17.12 -13.65 -48.09
CA TYR E 159 17.04 -13.07 -49.44
C TYR E 159 18.37 -12.82 -50.08
N GLN E 160 19.41 -12.68 -49.26
CA GLN E 160 20.77 -12.52 -49.78
C GLN E 160 21.49 -13.83 -50.01
N CYS E 161 21.14 -14.89 -49.25
CA CYS E 161 21.69 -16.24 -49.46
C CYS E 161 23.21 -16.28 -49.50
N GLN E 162 23.83 -15.52 -48.61
CA GLN E 162 25.26 -15.39 -48.56
C GLN E 162 25.86 -16.33 -47.53
N SER E 163 27.10 -16.72 -47.73
CA SER E 163 27.86 -17.42 -46.72
C SER E 163 28.24 -16.45 -45.64
N LEU E 164 27.81 -16.75 -44.42
CA LEU E 164 28.06 -15.88 -43.29
C LEU E 164 29.27 -16.37 -42.50
N ASP E 165 30.38 -15.65 -42.66
CA ASP E 165 31.59 -15.99 -41.96
C ASP E 165 31.52 -15.50 -40.51
N ALA E 166 32.53 -15.83 -39.72
CA ALA E 166 32.50 -15.58 -38.27
C ALA E 166 32.23 -14.09 -37.91
N PRO E 167 32.98 -13.16 -38.53
CA PRO E 167 32.64 -11.74 -38.33
C PRO E 167 31.19 -11.38 -38.62
N ARG E 168 30.66 -11.92 -39.71
CA ARG E 168 29.31 -11.63 -40.12
C ARG E 168 28.30 -12.23 -39.14
N CYS E 169 28.60 -13.42 -38.63
CA CYS E 169 27.79 -14.03 -37.58
C CYS E 169 27.87 -13.28 -36.25
N VAL E 170 29.04 -12.73 -35.92
CA VAL E 170 29.13 -11.89 -34.73
C VAL E 170 28.26 -10.65 -34.89
N ASP E 171 28.38 -9.99 -36.04
CA ASP E 171 27.58 -8.83 -36.33
C ASP E 171 26.07 -9.10 -36.24
N TYR E 172 25.62 -10.26 -36.72
CA TYR E 172 24.21 -10.62 -36.62
C TYR E 172 23.81 -11.10 -35.22
N ARG E 173 24.80 -11.33 -34.40
CA ARG E 173 24.62 -11.98 -33.10
C ARG E 173 24.03 -13.39 -33.28
N LEU E 174 24.52 -14.10 -34.30
CA LEU E 174 24.08 -15.48 -34.54
C LEU E 174 24.81 -16.43 -33.61
N VAL E 175 25.95 -15.98 -33.10
CA VAL E 175 26.78 -16.78 -32.20
C VAL E 175 27.25 -15.91 -31.03
N ASN E 176 27.64 -16.60 -29.96
CA ASN E 176 28.01 -15.99 -28.69
C ASN E 176 29.50 -15.86 -28.54
N GLN E 177 30.25 -16.73 -29.24
CA GLN E 177 31.73 -16.71 -29.24
C GLN E 177 32.28 -17.23 -30.54
N VAL E 178 33.44 -16.71 -30.94
CA VAL E 178 34.23 -17.22 -32.05
C VAL E 178 35.60 -17.62 -31.50
N VAL E 179 36.03 -18.85 -31.80
CA VAL E 179 37.37 -19.34 -31.41
C VAL E 179 37.96 -20.17 -32.55
N GLU E 180 39.22 -20.53 -32.44
CA GLU E 180 39.90 -21.37 -33.44
C GLU E 180 39.30 -22.76 -33.45
N SER E 181 39.25 -23.40 -34.62
CA SER E 181 38.74 -24.77 -34.69
C SER E 181 39.27 -25.64 -33.57
N SER E 182 40.59 -25.58 -33.33
CA SER E 182 41.27 -26.46 -32.40
C SER E 182 40.91 -26.21 -30.95
N ALA E 183 40.35 -25.03 -30.68
CA ALA E 183 39.95 -24.61 -29.34
C ALA E 183 38.46 -24.70 -29.13
N LEU E 184 37.70 -24.97 -30.19
CA LEU E 184 36.24 -24.83 -30.17
C LEU E 184 35.50 -25.78 -29.23
N LEU E 185 35.81 -27.06 -29.32
CA LEU E 185 35.08 -28.04 -28.52
C LEU E 185 35.31 -27.82 -27.01
N ASP E 186 36.55 -27.51 -26.65
CA ASP E 186 36.88 -27.16 -25.26
C ASP E 186 36.19 -25.90 -24.79
N ALA E 187 36.12 -24.89 -25.65
CA ALA E 187 35.46 -23.66 -25.28
C ALA E 187 33.97 -23.93 -25.04
N ALA E 188 33.39 -24.82 -25.83
CA ALA E 188 31.98 -25.18 -25.73
C ALA E 188 31.69 -25.97 -24.45
N ILE E 189 32.55 -26.96 -24.20
CA ILE E 189 32.51 -27.73 -22.95
C ILE E 189 32.66 -26.82 -21.70
N THR E 190 33.59 -25.88 -21.77
CA THR E 190 33.74 -24.89 -20.71
C THR E 190 32.44 -24.13 -20.45
N GLN E 191 31.80 -23.61 -21.49
CA GLN E 191 30.52 -22.91 -21.33
C GLN E 191 29.43 -23.82 -20.78
N ALA E 192 29.43 -25.06 -21.24
CA ALA E 192 28.50 -26.06 -20.77
C ALA E 192 28.68 -26.31 -19.28
N HIS E 193 29.93 -26.30 -18.80
CA HIS E 193 30.24 -26.42 -17.36
C HIS E 193 29.73 -25.23 -16.54
N VAL E 194 29.90 -24.04 -17.10
CA VAL E 194 29.45 -22.82 -16.47
C VAL E 194 27.95 -22.82 -16.25
N MET E 195 27.21 -23.15 -17.29
CA MET E 195 25.75 -23.17 -17.26
C MET E 195 25.22 -24.38 -16.47
N ALA E 196 25.95 -25.50 -16.50
CA ALA E 196 25.63 -26.65 -15.64
C ALA E 196 25.73 -26.33 -14.14
N SER E 197 26.55 -25.35 -13.77
CA SER E 197 26.73 -24.93 -12.36
C SER E 197 25.56 -24.06 -11.86
N TYR E 198 24.75 -23.55 -12.79
CA TYR E 198 23.54 -22.82 -12.41
C TYR E 198 22.57 -23.81 -11.74
N PRO E 199 22.09 -23.50 -10.52
CA PRO E 199 21.12 -24.39 -9.87
C PRO E 199 20.02 -24.87 -10.84
N ALA E 200 19.82 -26.18 -10.89
CA ALA E 200 19.06 -26.79 -11.99
C ALA E 200 17.59 -26.44 -12.01
N SER E 201 17.00 -26.34 -10.84
CA SER E 201 15.59 -26.06 -10.71
C SER E 201 15.21 -24.70 -11.32
N ALA E 202 15.94 -23.65 -10.92
CA ALA E 202 15.71 -22.33 -11.47
C ALA E 202 16.02 -22.28 -12.96
N PHE E 203 17.07 -22.99 -13.38
CA PHE E 203 17.41 -23.03 -14.81
C PHE E 203 16.32 -23.73 -15.66
N ILE E 204 15.89 -24.92 -15.25
CA ILE E 204 14.89 -25.70 -15.97
C ILE E 204 13.61 -24.93 -16.13
N ASN E 205 13.14 -24.37 -15.03
CA ASN E 205 11.90 -23.64 -15.03
C ASN E 205 11.95 -22.40 -15.86
N THR E 206 13.07 -21.69 -15.82
CA THR E 206 13.27 -20.51 -16.65
C THR E 206 13.35 -20.90 -18.14
N LYS E 207 14.15 -21.91 -18.46
CA LYS E 207 14.34 -22.32 -19.81
C LYS E 207 13.00 -22.78 -20.45
N ARG E 208 12.19 -23.55 -19.69
CA ARG E 208 10.84 -23.94 -20.14
C ARG E 208 10.01 -22.72 -20.53
N ALA E 209 10.00 -21.71 -19.68
CA ALA E 209 9.27 -20.47 -19.97
C ALA E 209 9.86 -19.72 -21.15
N VAL E 210 11.17 -19.74 -21.27
CA VAL E 210 11.90 -19.09 -22.41
C VAL E 210 11.59 -19.78 -23.75
N ASN E 211 11.61 -21.11 -23.73
CA ASN E 211 11.49 -21.86 -24.98
C ASN E 211 10.04 -22.07 -25.42
N LYS E 212 9.11 -21.95 -24.48
CA LYS E 212 7.69 -22.18 -24.74
C LYS E 212 7.17 -21.49 -25.99
N PRO E 213 7.36 -20.15 -26.13
CA PRO E 213 6.90 -19.48 -27.35
C PRO E 213 7.64 -19.91 -28.62
N PHE E 214 8.86 -20.43 -28.47
CA PHE E 214 9.61 -20.92 -29.61
C PHE E 214 9.01 -22.25 -30.07
N ILE E 215 8.75 -23.10 -29.10
CA ILE E 215 8.09 -24.37 -29.32
C ILE E 215 6.75 -24.12 -30.02
N HIS E 216 6.01 -23.14 -29.54
CA HIS E 216 4.71 -22.87 -30.09
C HIS E 216 4.87 -22.29 -31.55
N LEU E 217 5.83 -21.41 -31.74
CA LEU E 217 6.07 -20.92 -33.06
C LEU E 217 6.44 -22.07 -34.05
N LEU E 218 7.26 -23.02 -33.61
CA LEU E 218 7.56 -24.19 -34.46
C LEU E 218 6.33 -25.03 -34.77
N GLU E 219 5.41 -25.17 -33.82
CA GLU E 219 4.16 -25.92 -34.08
C GLU E 219 3.26 -25.22 -35.08
N GLN E 220 3.13 -23.92 -34.95
CA GLN E 220 2.42 -23.11 -35.92
C GLN E 220 3.03 -23.22 -37.29
N THR E 221 4.35 -23.27 -37.32
CA THR E 221 5.10 -23.39 -38.56
C THR E 221 4.88 -24.76 -39.21
N ARG E 222 4.83 -25.82 -38.39
CA ARG E 222 4.52 -27.16 -38.83
C ARG E 222 3.16 -27.16 -39.56
N ASP E 223 2.18 -26.59 -38.89
CA ASP E 223 0.82 -26.57 -39.37
C ASP E 223 0.65 -25.74 -40.63
N ALA E 224 1.33 -24.58 -40.66
CA ALA E 224 1.27 -23.66 -41.77
C ALA E 224 1.94 -24.26 -43.03
N SER E 225 3.17 -24.77 -42.89
CA SER E 225 3.88 -25.41 -44.01
C SER E 225 3.05 -26.54 -44.63
N LYS E 226 2.38 -27.35 -43.80
CA LYS E 226 1.55 -28.49 -44.26
C LYS E 226 0.21 -28.16 -44.89
N ALA E 227 -0.43 -27.09 -44.40
CA ALA E 227 -1.72 -26.65 -44.99
C ALA E 227 -1.44 -26.10 -46.38
N VAL E 228 -0.33 -25.38 -46.52
CA VAL E 228 0.06 -24.80 -47.83
C VAL E 228 0.32 -25.90 -48.88
N HIS E 229 1.00 -26.96 -48.44
CA HIS E 229 1.36 -28.09 -49.31
C HIS E 229 0.22 -29.08 -49.50
N LYS E 230 -0.57 -29.33 -48.46
CA LYS E 230 -1.75 -30.18 -48.63
C LYS E 230 -2.71 -29.51 -49.62
N ALA E 231 -2.88 -28.19 -49.58
CA ALA E 231 -3.71 -27.55 -50.65
C ALA E 231 -3.09 -27.63 -52.04
N ALA E 232 -1.77 -27.38 -52.16
CA ALA E 232 -1.10 -27.50 -53.46
C ALA E 232 -1.14 -28.95 -54.02
N PHE E 233 -0.93 -29.97 -53.15
CA PHE E 233 -1.09 -31.38 -53.53
C PHE E 233 -2.54 -31.76 -53.85
N GLN E 234 -3.48 -31.37 -53.00
CA GLN E 234 -4.92 -31.76 -53.18
C GLN E 234 -5.50 -31.28 -54.48
N ALA E 235 -4.91 -30.22 -55.01
CA ALA E 235 -5.25 -29.74 -56.35
C ALA E 235 -4.71 -30.70 -57.46
N ARG E 236 -3.57 -31.34 -57.21
CA ARG E 236 -2.98 -32.32 -58.14
C ARG E 236 -3.38 -33.75 -57.77
N MET F 1 11.09 7.32 0.98
CA MET F 1 12.11 6.52 0.27
C MET F 1 12.47 7.05 -1.11
N VAL F 2 11.88 8.16 -1.52
CA VAL F 2 12.26 8.83 -2.76
C VAL F 2 12.21 10.32 -2.47
N PHE F 3 12.96 11.13 -3.21
CA PHE F 3 12.62 12.55 -3.25
C PHE F 3 12.24 13.00 -4.64
N GLU F 4 11.39 14.01 -4.65
CA GLU F 4 10.75 14.48 -5.84
C GLU F 4 11.14 15.92 -6.00
N GLU F 5 11.71 16.22 -7.16
CA GLU F 5 12.19 17.56 -7.45
C GLU F 5 11.72 17.92 -8.85
N ASN F 6 11.76 19.21 -9.16
CA ASN F 6 11.26 19.69 -10.42
C ASN F 6 12.32 20.53 -11.11
N SER F 7 12.53 20.25 -12.39
CA SER F 7 13.23 21.18 -13.30
C SER F 7 12.13 21.62 -14.24
N ASP F 8 11.42 22.66 -13.84
CA ASP F 8 10.19 23.12 -14.48
C ASP F 8 9.18 22.02 -14.73
N GLU F 9 8.93 21.69 -15.99
CA GLU F 9 7.92 20.71 -16.33
C GLU F 9 8.40 19.27 -16.14
N VAL F 10 9.69 19.11 -15.80
CA VAL F 10 10.27 17.78 -15.64
C VAL F 10 10.32 17.42 -14.16
N ARG F 11 9.63 16.32 -13.82
CA ARG F 11 9.65 15.74 -12.48
C ARG F 11 10.84 14.78 -12.34
N VAL F 12 11.69 15.04 -11.35
CA VAL F 12 12.84 14.18 -11.10
C VAL F 12 12.62 13.41 -9.80
N ILE F 13 12.55 12.09 -9.94
CA ILE F 13 12.33 11.18 -8.81
C ILE F 13 13.64 10.48 -8.51
N THR F 14 14.17 10.73 -7.32
CA THR F 14 15.42 10.13 -6.92
C THR F 14 15.15 9.07 -5.88
N LEU F 15 15.61 7.85 -6.16
CA LEU F 15 15.44 6.76 -5.24
C LEU F 15 16.35 7.00 -4.01
N ASP F 16 15.75 6.81 -2.84
CA ASP F 16 16.41 7.17 -1.61
C ASP F 16 16.23 6.11 -0.53
N HIS F 17 16.43 4.84 -0.89
CA HIS F 17 16.52 3.77 0.09
C HIS F 17 17.66 4.11 1.10
N PRO F 18 17.50 3.74 2.37
CA PRO F 18 18.69 3.82 3.24
C PRO F 18 19.97 3.17 2.69
N ASN F 19 19.87 2.02 2.01
CA ASN F 19 21.02 1.43 1.35
C ASN F 19 21.30 2.12 0.01
N LYS F 20 22.58 2.39 -0.25
CA LYS F 20 22.98 3.20 -1.39
C LYS F 20 22.68 2.55 -2.72
N HIS F 21 22.45 1.22 -2.73
CA HIS F 21 22.20 0.47 -3.97
C HIS F 21 20.71 0.39 -4.33
N ASN F 22 19.87 1.03 -3.54
CA ASN F 22 18.44 1.14 -3.83
C ASN F 22 17.79 -0.19 -4.11
N PRO F 23 17.96 -1.16 -3.18
CA PRO F 23 17.29 -2.44 -3.34
C PRO F 23 15.79 -2.24 -3.32
N PHE F 24 15.07 -2.99 -4.15
CA PHE F 24 13.61 -2.91 -4.18
C PHE F 24 12.99 -3.66 -3.07
N SER F 25 12.94 -3.01 -1.91
CA SER F 25 12.12 -3.45 -0.78
C SER F 25 10.71 -3.01 -1.08
N ARG F 26 9.78 -3.46 -0.25
CA ARG F 26 8.38 -3.25 -0.57
C ARG F 26 8.06 -1.78 -0.35
N THR F 27 8.77 -1.19 0.62
CA THR F 27 8.70 0.22 0.86
C THR F 27 9.16 1.04 -0.36
N LEU F 28 10.33 0.72 -0.92
CA LEU F 28 10.81 1.50 -2.08
C LEU F 28 9.87 1.34 -3.27
N GLU F 29 9.39 0.13 -3.51
CA GLU F 29 8.42 -0.11 -4.58
C GLU F 29 7.21 0.80 -4.42
N THR F 30 6.64 0.81 -3.23
CA THR F 30 5.44 1.62 -2.97
C THR F 30 5.70 3.12 -3.17
N SER F 31 6.82 3.64 -2.66
CA SER F 31 7.18 5.05 -2.84
C SER F 31 7.32 5.39 -4.31
N VAL F 32 8.01 4.53 -5.04
CA VAL F 32 8.26 4.76 -6.45
C VAL F 32 6.96 4.76 -7.21
N LYS F 33 6.13 3.74 -6.98
CA LYS F 33 4.86 3.62 -7.69
C LYS F 33 4.01 4.85 -7.38
N ASP F 34 3.92 5.24 -6.11
CA ASP F 34 3.14 6.40 -5.69
C ASP F 34 3.66 7.70 -6.31
N ALA F 35 4.97 7.86 -6.39
CA ALA F 35 5.59 9.04 -6.99
C ALA F 35 5.25 9.16 -8.49
N LEU F 36 5.33 8.02 -9.17
CA LEU F 36 4.99 7.91 -10.59
C LEU F 36 3.49 8.23 -10.85
N ALA F 37 2.62 7.78 -9.97
CA ALA F 37 1.20 8.04 -10.14
C ALA F 37 0.90 9.51 -9.95
N ARG F 38 1.59 10.15 -8.99
CA ARG F 38 1.48 11.60 -8.77
C ARG F 38 2.00 12.38 -9.97
N ALA F 39 3.16 11.98 -10.48
CA ALA F 39 3.72 12.61 -11.68
C ALA F 39 2.77 12.53 -12.88
N ASN F 40 2.11 11.39 -13.01
CA ASN F 40 1.22 11.14 -14.12
C ASN F 40 -0.09 11.95 -14.05
N ALA F 41 -0.54 12.21 -12.81
CA ALA F 41 -1.78 12.94 -12.56
C ALA F 41 -1.57 14.44 -12.49
N ASP F 42 -0.35 14.85 -12.20
CA ASP F 42 -0.02 16.26 -12.05
C ASP F 42 0.16 16.89 -13.42
N ASP F 43 -0.71 17.84 -13.75
CA ASP F 43 -0.71 18.45 -15.10
C ASP F 43 0.45 19.41 -15.33
N SER F 44 1.09 19.81 -14.25
CA SER F 44 2.29 20.65 -14.34
C SER F 44 3.53 19.85 -14.74
N VAL F 45 3.41 18.52 -14.71
CA VAL F 45 4.49 17.63 -15.05
C VAL F 45 4.29 17.17 -16.47
N ARG F 46 5.31 17.32 -17.32
CA ARG F 46 5.23 16.91 -18.71
C ARG F 46 6.22 15.79 -19.09
N ALA F 47 7.16 15.49 -18.20
CA ALA F 47 8.08 14.39 -18.39
C ALA F 47 8.63 13.99 -17.01
N VAL F 48 9.18 12.79 -16.96
CA VAL F 48 9.63 12.22 -15.69
C VAL F 48 11.00 11.60 -15.86
N VAL F 49 11.90 11.89 -14.91
CA VAL F 49 13.22 11.26 -14.81
C VAL F 49 13.26 10.49 -13.50
N VAL F 50 13.74 9.25 -13.56
CA VAL F 50 14.03 8.44 -12.39
C VAL F 50 15.54 8.17 -12.32
N TYR F 51 16.13 8.44 -11.15
CA TYR F 51 17.56 8.43 -10.91
C TYR F 51 17.82 7.81 -9.56
N GLY F 52 18.86 6.98 -9.48
CA GLY F 52 19.22 6.37 -8.18
C GLY F 52 19.87 7.35 -7.21
N GLY F 53 20.31 8.50 -7.70
CA GLY F 53 21.03 9.48 -6.88
C GLY F 53 22.54 9.48 -7.10
N ALA F 54 23.20 10.55 -6.71
CA ALA F 54 24.66 10.64 -6.87
C ALA F 54 25.42 9.65 -5.96
N GLU F 55 26.38 8.94 -6.56
CA GLU F 55 27.19 7.93 -5.90
C GLU F 55 26.33 6.82 -5.27
N ARG F 56 25.23 6.50 -5.96
CA ARG F 56 24.30 5.43 -5.60
C ARG F 56 24.05 4.59 -6.84
N SER F 57 23.48 3.40 -6.65
CA SER F 57 23.06 2.57 -7.78
C SER F 57 21.63 2.88 -8.14
N PHE F 58 21.31 2.70 -9.42
CA PHE F 58 19.93 2.81 -9.91
C PHE F 58 19.05 1.83 -9.11
N SER F 59 19.39 0.54 -9.16
CA SER F 59 18.83 -0.45 -8.24
C SER F 59 19.57 -1.78 -8.37
N ALA F 60 20.12 -2.25 -7.26
CA ALA F 60 20.63 -3.60 -7.14
C ALA F 60 19.50 -4.65 -7.22
N GLY F 61 18.25 -4.19 -7.30
CA GLY F 61 17.09 -5.08 -7.53
C GLY F 61 16.50 -5.57 -6.23
N GLY F 62 15.78 -6.69 -6.30
CA GLY F 62 15.24 -7.36 -5.12
C GLY F 62 16.29 -8.16 -4.38
N ASP F 63 16.07 -8.31 -3.08
CA ASP F 63 16.94 -9.12 -2.25
C ASP F 63 16.85 -10.64 -2.57
N PHE F 64 17.94 -11.19 -3.13
CA PHE F 64 18.01 -12.61 -3.56
C PHE F 64 17.94 -13.56 -2.37
N ASN F 65 18.55 -13.20 -1.25
CA ASN F 65 18.37 -14.01 -0.06
C ASN F 65 16.88 -14.18 0.22
N GLU F 66 16.13 -13.10 0.08
CA GLU F 66 14.69 -13.13 0.38
C GLU F 66 13.87 -13.82 -0.69
N VAL F 67 14.30 -13.75 -1.94
CA VAL F 67 13.66 -14.57 -2.98
C VAL F 67 13.86 -16.06 -2.63
N LYS F 68 15.08 -16.42 -2.25
CA LYS F 68 15.37 -17.81 -1.86
C LYS F 68 14.54 -18.30 -0.66
N GLN F 69 14.25 -17.42 0.31
CA GLN F 69 13.42 -17.78 1.47
C GLN F 69 11.92 -17.99 1.11
N LEU F 70 11.49 -17.49 -0.04
CA LEU F 70 10.13 -17.73 -0.51
C LEU F 70 9.93 -19.23 -0.76
N SER F 71 9.02 -19.86 -0.02
CA SER F 71 8.90 -21.32 -0.06
C SER F 71 7.45 -21.73 -0.01
N ARG F 72 6.59 -20.88 -0.55
CA ARG F 72 5.16 -21.01 -0.37
C ARG F 72 4.52 -20.30 -1.52
N SER F 73 3.69 -21.03 -2.27
CA SER F 73 3.10 -20.50 -3.50
C SER F 73 2.43 -19.11 -3.32
N GLU F 74 1.83 -18.90 -2.16
CA GLU F 74 1.10 -17.69 -1.82
C GLU F 74 2.06 -16.50 -1.72
N ASP F 75 3.26 -16.74 -1.18
CA ASP F 75 4.24 -15.66 -1.09
C ASP F 75 4.94 -15.34 -2.39
N ILE F 76 5.28 -16.37 -3.17
CA ILE F 76 5.73 -16.23 -4.58
C ILE F 76 4.77 -15.35 -5.37
N GLU F 77 3.50 -15.71 -5.35
CA GLU F 77 2.50 -15.04 -6.15
C GLU F 77 2.38 -13.56 -5.79
N GLU F 78 2.37 -13.24 -4.49
CA GLU F 78 2.24 -11.85 -4.06
C GLU F 78 3.49 -11.01 -4.44
N TRP F 79 4.65 -11.63 -4.36
CA TRP F 79 5.90 -11.04 -4.79
C TRP F 79 5.90 -10.82 -6.31
N ILE F 80 5.47 -11.82 -7.08
CA ILE F 80 5.34 -11.68 -8.53
C ILE F 80 4.42 -10.51 -8.86
N ASP F 81 3.27 -10.40 -8.18
CA ASP F 81 2.40 -9.24 -8.40
C ASP F 81 3.07 -7.89 -8.13
N ARG F 82 3.86 -7.81 -7.05
CA ARG F 82 4.61 -6.61 -6.72
C ARG F 82 5.57 -6.20 -7.84
N VAL F 83 6.30 -7.21 -8.31
CA VAL F 83 7.27 -7.01 -9.37
C VAL F 83 6.57 -6.48 -10.62
N ILE F 84 5.53 -7.18 -11.08
CA ILE F 84 4.85 -6.75 -12.32
C ILE F 84 4.16 -5.40 -12.12
N ASP F 85 3.55 -5.20 -10.96
CA ASP F 85 2.87 -3.95 -10.65
C ASP F 85 3.81 -2.77 -10.69
N LEU F 86 5.02 -2.95 -10.15
CA LEU F 86 6.07 -1.93 -10.24
C LEU F 86 6.33 -1.50 -11.68
N TYR F 87 6.50 -2.47 -12.57
CA TYR F 87 6.81 -2.17 -13.96
C TYR F 87 5.61 -1.54 -14.69
N GLN F 88 4.43 -2.07 -14.43
CA GLN F 88 3.22 -1.55 -15.03
C GLN F 88 3.05 -0.09 -14.66
N ALA F 89 3.39 0.25 -13.43
CA ALA F 89 3.33 1.61 -12.94
C ALA F 89 4.16 2.56 -13.81
N VAL F 90 5.32 2.12 -14.25
CA VAL F 90 6.14 2.91 -15.18
C VAL F 90 5.49 2.97 -16.57
N LEU F 91 5.05 1.82 -17.09
CA LEU F 91 4.51 1.74 -18.46
C LEU F 91 3.22 2.53 -18.63
N ASN F 92 2.54 2.73 -17.51
CA ASN F 92 1.27 3.44 -17.54
C ASN F 92 1.38 4.93 -17.38
N VAL F 93 2.60 5.44 -17.21
CA VAL F 93 2.84 6.90 -17.19
C VAL F 93 2.76 7.37 -18.62
N ASN F 94 1.82 8.27 -18.90
CA ASN F 94 1.59 8.68 -20.31
C ASN F 94 2.42 9.87 -20.77
N LYS F 95 3.35 10.29 -19.93
CA LYS F 95 4.32 11.31 -20.19
C LYS F 95 5.68 10.67 -20.48
N PRO F 96 6.55 11.35 -21.22
CA PRO F 96 7.90 10.81 -21.40
C PRO F 96 8.56 10.39 -20.08
N THR F 97 9.19 9.22 -20.07
CA THR F 97 9.94 8.76 -18.91
C THR F 97 11.36 8.42 -19.27
N ILE F 98 12.28 8.85 -18.41
CA ILE F 98 13.69 8.67 -18.65
C ILE F 98 14.34 8.06 -17.41
N ALA F 99 15.11 6.99 -17.64
CA ALA F 99 15.90 6.37 -16.59
C ALA F 99 17.33 6.86 -16.69
N ALA F 100 17.86 7.39 -15.60
CA ALA F 100 19.24 7.81 -15.52
C ALA F 100 19.99 6.81 -14.64
N VAL F 101 20.72 5.91 -15.28
CA VAL F 101 21.31 4.78 -14.59
C VAL F 101 22.79 5.02 -14.25
N ASP F 102 23.07 5.07 -12.96
CA ASP F 102 24.47 5.08 -12.48
C ASP F 102 24.61 3.89 -11.54
N GLY F 103 25.84 3.54 -11.22
CA GLY F 103 26.12 2.34 -10.44
C GLY F 103 25.49 1.13 -11.11
N TYR F 104 24.86 0.27 -10.31
CA TYR F 104 24.32 -0.99 -10.81
C TYR F 104 22.84 -0.92 -11.10
N ALA F 105 22.46 -1.61 -12.15
CA ALA F 105 21.09 -1.94 -12.43
C ALA F 105 21.07 -3.46 -12.55
N ILE F 106 20.69 -4.13 -11.48
CA ILE F 106 20.77 -5.60 -11.40
C ILE F 106 19.38 -6.21 -11.23
N GLY F 107 19.07 -7.23 -12.02
CA GLY F 107 17.81 -7.96 -11.87
C GLY F 107 16.60 -7.08 -12.05
N MET F 108 15.80 -6.97 -11.01
CA MET F 108 14.66 -6.06 -11.03
C MET F 108 15.05 -4.66 -11.42
N GLY F 109 16.26 -4.24 -11.07
CA GLY F 109 16.72 -2.89 -11.47
C GLY F 109 16.91 -2.74 -12.96
N PHE F 110 17.45 -3.77 -13.58
CA PHE F 110 17.66 -3.86 -15.02
C PHE F 110 16.27 -3.90 -15.69
N GLN F 111 15.40 -4.79 -15.22
CA GLN F 111 14.04 -4.93 -15.74
C GLN F 111 13.24 -3.66 -15.62
N PHE F 112 13.35 -3.03 -14.47
CA PHE F 112 12.71 -1.75 -14.18
C PHE F 112 13.16 -0.66 -15.21
N ALA F 113 14.45 -0.60 -15.49
CA ALA F 113 14.99 0.33 -16.47
C ALA F 113 14.44 0.14 -17.86
N LEU F 114 14.13 -1.11 -18.21
CA LEU F 114 13.58 -1.42 -19.53
C LEU F 114 12.16 -0.91 -19.77
N MET F 115 11.50 -0.45 -18.70
CA MET F 115 10.15 0.07 -18.76
C MET F 115 10.08 1.54 -19.22
N PHE F 116 11.23 2.22 -19.14
CA PHE F 116 11.30 3.64 -19.41
C PHE F 116 11.38 3.83 -20.91
N ASP F 117 10.88 4.97 -21.37
CA ASP F 117 10.96 5.32 -22.76
C ASP F 117 12.39 5.42 -23.27
N GLN F 118 13.26 5.98 -22.46
CA GLN F 118 14.66 6.12 -22.84
C GLN F 118 15.49 5.81 -21.59
N ARG F 119 16.72 5.35 -21.80
CA ARG F 119 17.71 5.12 -20.74
C ARG F 119 19.02 5.82 -21.09
N LEU F 120 19.56 6.57 -20.13
CA LEU F 120 20.97 6.99 -20.22
C LEU F 120 21.70 6.32 -19.06
N MET F 121 22.96 5.97 -19.31
CA MET F 121 23.76 5.42 -18.25
C MET F 121 25.10 6.13 -18.15
N ALA F 122 25.68 6.07 -16.96
CA ALA F 122 27.02 6.59 -16.72
C ALA F 122 28.04 5.63 -17.33
N SER F 123 29.17 6.18 -17.75
CA SER F 123 30.19 5.38 -18.41
C SER F 123 30.71 4.30 -17.46
N THR F 124 30.48 4.50 -16.15
CA THR F 124 30.99 3.61 -15.11
C THR F 124 29.90 2.71 -14.54
N ALA F 125 28.70 2.78 -15.12
CA ALA F 125 27.58 2.00 -14.69
C ALA F 125 27.62 0.57 -15.29
N ASN F 126 26.83 -0.33 -14.71
CA ASN F 126 26.75 -1.73 -15.13
C ASN F 126 25.32 -2.21 -15.05
N PHE F 127 24.87 -2.90 -16.10
CA PHE F 127 23.62 -3.67 -16.11
C PHE F 127 23.98 -5.13 -15.87
N VAL F 128 23.18 -5.81 -15.04
CA VAL F 128 23.38 -7.27 -14.80
C VAL F 128 22.05 -8.00 -14.67
N MET F 129 21.96 -9.18 -15.31
CA MET F 129 20.79 -10.08 -15.10
C MET F 129 21.30 -11.45 -14.63
N PRO F 130 21.80 -11.50 -13.38
CA PRO F 130 22.57 -12.64 -12.89
C PRO F 130 21.73 -13.71 -12.18
N GLU F 131 20.41 -13.62 -12.30
CA GLU F 131 19.48 -14.49 -11.57
C GLU F 131 19.88 -15.96 -11.60
N LEU F 132 20.08 -16.50 -12.80
CA LEU F 132 20.37 -17.92 -12.98
C LEU F 132 21.65 -18.37 -12.28
N LYS F 133 22.69 -17.56 -12.40
CA LYS F 133 23.96 -17.81 -11.73
C LYS F 133 23.74 -17.96 -10.21
N HIS F 134 22.77 -17.22 -9.68
CA HIS F 134 22.47 -17.21 -8.25
C HIS F 134 21.33 -18.15 -7.84
N GLY F 135 20.83 -18.93 -8.79
CA GLY F 135 19.78 -19.91 -8.51
C GLY F 135 18.42 -19.30 -8.35
N ILE F 136 18.23 -18.15 -8.98
CA ILE F 136 16.97 -17.41 -8.95
C ILE F 136 16.34 -17.58 -10.33
N GLY F 137 15.06 -17.85 -10.38
CA GLY F 137 14.36 -17.93 -11.65
C GLY F 137 14.43 -16.60 -12.40
N CYS F 138 14.56 -16.67 -13.72
CA CYS F 138 14.64 -15.45 -14.51
C CYS F 138 13.57 -15.37 -15.57
N SER F 139 12.44 -16.01 -15.33
CA SER F 139 11.39 -16.06 -16.36
C SER F 139 10.80 -14.65 -16.66
N VAL F 140 10.76 -13.80 -15.64
CA VAL F 140 10.24 -12.43 -15.77
C VAL F 140 11.19 -11.54 -16.55
N GLY F 141 12.45 -11.59 -16.15
CA GLY F 141 13.47 -10.87 -16.85
C GLY F 141 13.59 -11.35 -18.27
N ALA F 142 13.44 -12.65 -18.50
CA ALA F 142 13.53 -13.23 -19.86
C ALA F 142 12.39 -12.79 -20.75
N ALA F 143 11.18 -12.79 -20.23
CA ALA F 143 10.04 -12.33 -20.99
C ALA F 143 10.18 -10.87 -21.38
N ILE F 144 10.68 -10.05 -20.46
CA ILE F 144 10.80 -8.63 -20.71
C ILE F 144 11.87 -8.35 -21.76
N LEU F 145 13.02 -8.95 -21.58
CA LEU F 145 14.13 -8.72 -22.48
C LEU F 145 13.89 -9.28 -23.87
N GLY F 146 13.25 -10.43 -23.91
CA GLY F 146 12.82 -10.99 -25.16
C GLY F 146 11.83 -10.08 -25.92
N PHE F 147 10.94 -9.42 -25.17
CA PHE F 147 10.04 -8.46 -25.75
C PHE F 147 10.78 -7.19 -26.23
N THR F 148 11.66 -6.66 -25.39
CA THR F 148 12.29 -5.37 -25.68
C THR F 148 13.41 -5.49 -26.68
N HIS F 149 14.21 -6.56 -26.61
CA HIS F 149 15.45 -6.69 -27.36
C HIS F 149 15.54 -7.92 -28.27
N GLY F 150 14.49 -8.76 -28.24
CA GLY F 150 14.47 -9.97 -29.04
C GLY F 150 15.05 -11.19 -28.33
N PHE F 151 14.78 -12.32 -28.93
CA PHE F 151 14.99 -13.61 -28.30
C PHE F 151 16.45 -13.96 -28.08
N SER F 152 17.24 -13.82 -29.11
CA SER F 152 18.64 -14.24 -29.05
C SER F 152 19.49 -13.31 -28.17
N THR F 153 19.19 -12.02 -28.16
CA THR F 153 19.85 -11.12 -27.23
C THR F 153 19.49 -11.50 -25.77
N MET F 154 18.21 -11.72 -25.54
CA MET F 154 17.75 -12.13 -24.24
C MET F 154 18.45 -13.38 -23.76
N GLN F 155 18.52 -14.40 -24.62
CA GLN F 155 19.21 -15.63 -24.29
C GLN F 155 20.64 -15.38 -23.86
N GLU F 156 21.37 -14.63 -24.66
CA GLU F 156 22.77 -14.32 -24.36
C GLU F 156 22.86 -13.70 -22.98
N ILE F 157 22.03 -12.71 -22.71
CA ILE F 157 22.13 -11.96 -21.46
C ILE F 157 21.81 -12.82 -20.23
N ILE F 158 20.67 -13.49 -20.28
CA ILE F 158 20.25 -14.26 -19.10
C ILE F 158 21.06 -15.56 -18.88
N TYR F 159 21.69 -16.10 -19.93
CA TYR F 159 22.48 -17.34 -19.79
C TYR F 159 23.95 -17.08 -19.52
N GLN F 160 24.46 -15.91 -19.88
CA GLN F 160 25.85 -15.53 -19.57
C GLN F 160 26.01 -14.86 -18.21
N CYS F 161 24.99 -14.15 -17.73
CA CYS F 161 24.99 -13.53 -16.41
C CYS F 161 26.22 -12.69 -16.15
N GLN F 162 26.62 -11.93 -17.16
CA GLN F 162 27.80 -11.07 -17.10
C GLN F 162 27.42 -9.66 -16.68
N SER F 163 28.36 -8.97 -16.07
CA SER F 163 28.22 -7.56 -15.82
C SER F 163 28.37 -6.84 -17.16
N LEU F 164 27.36 -6.08 -17.55
CA LEU F 164 27.36 -5.36 -18.82
C LEU F 164 27.77 -3.91 -18.59
N ASP F 165 28.99 -3.58 -19.00
CA ASP F 165 29.48 -2.22 -18.86
C ASP F 165 28.93 -1.33 -19.96
N ALA F 166 29.24 -0.04 -19.92
CA ALA F 166 28.67 0.92 -20.85
C ALA F 166 28.81 0.53 -22.32
N PRO F 167 30.03 0.17 -22.78
CA PRO F 167 30.18 -0.28 -24.18
C PRO F 167 29.31 -1.45 -24.54
N ARG F 168 29.19 -2.39 -23.61
CA ARG F 168 28.43 -3.61 -23.85
C ARG F 168 26.94 -3.28 -23.95
N CYS F 169 26.49 -2.35 -23.13
CA CYS F 169 25.10 -1.87 -23.19
C CYS F 169 24.80 -1.09 -24.48
N VAL F 170 25.77 -0.31 -24.98
CA VAL F 170 25.63 0.39 -26.25
C VAL F 170 25.50 -0.64 -27.37
N ASP F 171 26.36 -1.66 -27.34
CA ASP F 171 26.31 -2.71 -28.32
C ASP F 171 25.03 -3.54 -28.31
N TYR F 172 24.43 -3.77 -27.13
CA TYR F 172 23.14 -4.41 -27.04
C TYR F 172 21.97 -3.46 -27.33
N ARG F 173 22.26 -2.16 -27.43
CA ARG F 173 21.23 -1.14 -27.53
C ARG F 173 20.37 -1.11 -26.26
N LEU F 174 20.99 -1.31 -25.11
CA LEU F 174 20.23 -1.29 -23.83
C LEU F 174 20.01 0.12 -23.37
N VAL F 175 20.82 1.02 -23.87
CA VAL F 175 20.74 2.43 -23.47
C VAL F 175 20.82 3.29 -24.72
N ASN F 176 20.36 4.52 -24.59
CA ASN F 176 20.29 5.46 -25.71
C ASN F 176 21.51 6.41 -25.68
N GLN F 177 22.11 6.59 -24.50
CA GLN F 177 23.27 7.47 -24.32
C GLN F 177 24.17 7.01 -23.17
N VAL F 178 25.47 7.28 -23.28
CA VAL F 178 26.42 7.07 -22.20
C VAL F 178 27.11 8.38 -21.91
N VAL F 179 27.13 8.80 -20.63
CA VAL F 179 27.81 10.02 -20.20
C VAL F 179 28.53 9.81 -18.88
N GLU F 180 29.37 10.79 -18.49
CA GLU F 180 30.06 10.69 -17.19
C GLU F 180 29.03 10.80 -16.08
N SER F 181 29.30 10.12 -14.97
CA SER F 181 28.42 10.18 -13.81
C SER F 181 27.98 11.60 -13.49
N SER F 182 28.95 12.52 -13.50
CA SER F 182 28.74 13.90 -13.10
C SER F 182 27.83 14.68 -14.06
N ALA F 183 27.68 14.17 -15.28
CA ALA F 183 26.87 14.81 -16.30
C ALA F 183 25.54 14.08 -16.52
N LEU F 184 25.36 12.94 -15.88
CA LEU F 184 24.26 12.04 -16.17
C LEU F 184 22.87 12.62 -15.93
N LEU F 185 22.65 13.16 -14.74
CA LEU F 185 21.34 13.63 -14.38
C LEU F 185 20.91 14.81 -15.25
N ASP F 186 21.83 15.73 -15.52
CA ASP F 186 21.59 16.87 -16.41
C ASP F 186 21.29 16.41 -17.83
N ALA F 187 22.00 15.40 -18.31
CA ALA F 187 21.75 14.84 -19.64
C ALA F 187 20.36 14.21 -19.73
N ALA F 188 19.95 13.56 -18.65
CA ALA F 188 18.63 12.94 -18.55
C ALA F 188 17.50 13.97 -18.50
N ILE F 189 17.67 14.98 -17.65
CA ILE F 189 16.73 16.11 -17.59
C ILE F 189 16.64 16.82 -18.98
N THR F 190 17.77 17.02 -19.63
CA THR F 190 17.79 17.61 -20.96
C THR F 190 16.90 16.82 -21.93
N GLN F 191 17.08 15.51 -21.98
CA GLN F 191 16.27 14.65 -22.83
C GLN F 191 14.81 14.72 -22.47
N ALA F 192 14.54 14.84 -21.17
CA ALA F 192 13.17 14.91 -20.68
C ALA F 192 12.52 16.21 -21.13
N HIS F 193 13.29 17.29 -21.18
CA HIS F 193 12.77 18.56 -21.69
C HIS F 193 12.46 18.48 -23.18
N VAL F 194 13.29 17.76 -23.92
CA VAL F 194 13.09 17.58 -25.36
C VAL F 194 11.79 16.82 -25.65
N MET F 195 11.60 15.72 -24.95
CA MET F 195 10.40 14.92 -25.15
C MET F 195 9.16 15.59 -24.58
N ALA F 196 9.33 16.38 -23.51
CA ALA F 196 8.23 17.14 -22.94
C ALA F 196 7.72 18.21 -23.89
N SER F 197 8.57 18.66 -24.82
CA SER F 197 8.21 19.67 -25.84
C SER F 197 7.35 19.07 -26.96
N TYR F 198 7.38 17.75 -27.12
CA TYR F 198 6.49 17.07 -28.06
C TYR F 198 5.05 17.31 -27.67
N PRO F 199 4.22 17.86 -28.60
CA PRO F 199 2.80 18.05 -28.23
C PRO F 199 2.23 16.80 -27.52
N ALA F 200 1.57 17.05 -26.39
CA ALA F 200 1.22 15.99 -25.45
C ALA F 200 0.20 14.99 -26.03
N SER F 201 -0.81 15.51 -26.70
CA SER F 201 -1.88 14.66 -27.15
C SER F 201 -1.38 13.55 -28.08
N ALA F 202 -0.59 13.94 -29.08
CA ALA F 202 -0.01 12.97 -30.02
C ALA F 202 0.96 12.04 -29.32
N PHE F 203 1.73 12.58 -28.38
CA PHE F 203 2.65 11.75 -27.62
C PHE F 203 1.93 10.69 -26.77
N ILE F 204 0.94 11.13 -26.01
CA ILE F 204 0.20 10.24 -25.13
C ILE F 204 -0.42 9.12 -25.91
N ASN F 205 -1.11 9.47 -26.98
CA ASN F 205 -1.79 8.48 -27.80
C ASN F 205 -0.85 7.47 -28.42
N THR F 206 0.29 7.98 -28.86
CA THR F 206 1.30 7.12 -29.47
C THR F 206 1.90 6.17 -28.43
N LYS F 207 2.30 6.72 -27.29
CA LYS F 207 2.92 5.92 -26.24
C LYS F 207 1.98 4.84 -25.71
N ARG F 208 0.70 5.19 -25.56
CA ARG F 208 -0.31 4.24 -25.17
C ARG F 208 -0.36 3.06 -26.14
N ALA F 209 -0.35 3.34 -27.45
CA ALA F 209 -0.34 2.31 -28.48
C ALA F 209 0.96 1.48 -28.51
N VAL F 210 2.07 2.17 -28.26
CA VAL F 210 3.40 1.55 -28.17
C VAL F 210 3.50 0.59 -26.95
N ASN F 211 3.11 1.07 -25.79
CA ASN F 211 3.26 0.32 -24.57
C ASN F 211 2.20 -0.77 -24.35
N LYS F 212 1.08 -0.68 -25.07
CA LYS F 212 -0.01 -1.62 -24.94
C LYS F 212 0.41 -3.11 -25.03
N PRO F 213 1.12 -3.51 -26.11
CA PRO F 213 1.60 -4.88 -26.10
C PRO F 213 2.66 -5.24 -25.03
N PHE F 214 3.36 -4.26 -24.50
CA PHE F 214 4.34 -4.46 -23.43
C PHE F 214 3.55 -4.75 -22.12
N ILE F 215 2.51 -3.97 -21.92
CA ILE F 215 1.64 -4.12 -20.78
C ILE F 215 0.98 -5.49 -20.85
N HIS F 216 0.54 -5.86 -22.05
CA HIS F 216 -0.11 -7.13 -22.22
C HIS F 216 0.86 -8.28 -21.96
N LEU F 217 2.08 -8.14 -22.45
CA LEU F 217 3.10 -9.14 -22.19
C LEU F 217 3.36 -9.30 -20.69
N LEU F 218 3.44 -8.20 -19.95
CA LEU F 218 3.68 -8.28 -18.52
C LEU F 218 2.56 -8.98 -17.76
N GLU F 219 1.32 -8.76 -18.19
CA GLU F 219 0.16 -9.43 -17.62
C GLU F 219 0.14 -10.93 -17.88
N GLN F 220 0.47 -11.33 -19.10
CA GLN F 220 0.70 -12.74 -19.40
C GLN F 220 1.83 -13.32 -18.54
N THR F 221 2.86 -12.55 -18.36
CA THR F 221 4.01 -13.02 -17.58
C THR F 221 3.63 -13.16 -16.10
N ARG F 222 2.81 -12.24 -15.59
CA ARG F 222 2.29 -12.31 -14.25
C ARG F 222 1.60 -13.65 -14.07
N ASP F 223 0.69 -13.99 -15.00
CA ASP F 223 -0.11 -15.21 -14.87
C ASP F 223 0.77 -16.43 -15.07
N ALA F 224 1.66 -16.39 -16.05
CA ALA F 224 2.52 -17.56 -16.37
C ALA F 224 3.54 -17.89 -15.27
N SER F 225 4.18 -16.88 -14.71
CA SER F 225 5.09 -17.05 -13.55
C SER F 225 4.43 -17.63 -12.30
N LYS F 226 3.17 -17.38 -12.08
CA LYS F 226 2.55 -17.99 -10.92
C LYS F 226 2.18 -19.48 -11.11
N MET G 1 42.60 40.68 18.47
CA MET G 1 41.14 40.53 18.72
C MET G 1 40.81 39.66 19.96
N VAL G 2 41.82 39.28 20.76
CA VAL G 2 41.58 38.70 22.07
C VAL G 2 42.62 39.27 23.01
N PHE G 3 42.36 39.34 24.31
CA PHE G 3 43.49 39.57 25.22
C PHE G 3 43.68 38.40 26.14
N GLU G 4 44.92 38.20 26.55
CA GLU G 4 45.30 37.05 27.31
C GLU G 4 45.79 37.57 28.63
N GLU G 5 45.25 37.02 29.71
CA GLU G 5 45.67 37.36 31.05
C GLU G 5 45.81 36.10 31.83
N ASN G 6 46.51 36.21 32.95
CA ASN G 6 46.78 35.06 33.79
C ASN G 6 46.36 35.28 35.22
N SER G 7 45.67 34.29 35.76
CA SER G 7 45.48 34.17 37.20
C SER G 7 46.29 32.96 37.61
N ASP G 8 47.56 33.20 37.89
CA ASP G 8 48.53 32.14 38.10
C ASP G 8 48.48 31.12 36.98
N GLU G 9 48.10 29.89 37.27
CA GLU G 9 48.15 28.79 36.29
C GLU G 9 46.96 28.80 35.34
N VAL G 10 46.03 29.73 35.55
CA VAL G 10 44.83 29.85 34.74
C VAL G 10 44.98 30.96 33.68
N ARG G 11 44.94 30.58 32.40
CA ARG G 11 44.96 31.52 31.31
C ARG G 11 43.53 31.99 31.01
N VAL G 12 43.34 33.30 31.02
CA VAL G 12 42.04 33.90 30.69
C VAL G 12 42.15 34.57 29.33
N ILE G 13 41.31 34.10 28.41
CA ILE G 13 41.24 34.64 27.06
C ILE G 13 39.95 35.38 26.93
N THR G 14 40.04 36.68 26.69
CA THR G 14 38.88 37.53 26.53
C THR G 14 38.74 37.96 25.08
N LEU G 15 37.58 37.66 24.52
CA LEU G 15 37.29 38.00 23.14
C LEU G 15 37.11 39.48 23.05
N ASP G 16 37.76 40.09 22.05
CA ASP G 16 37.88 41.53 21.94
C ASP G 16 37.65 42.01 20.51
N HIS G 17 36.63 41.49 19.84
CA HIS G 17 36.20 42.02 18.54
C HIS G 17 35.82 43.49 18.75
N PRO G 18 36.03 44.36 17.73
CA PRO G 18 35.55 45.74 17.84
C PRO G 18 34.08 45.86 18.26
N ASN G 19 33.23 44.97 17.72
CA ASN G 19 31.82 44.87 18.10
C ASN G 19 31.64 44.14 19.43
N LYS G 20 30.75 44.70 20.26
CA LYS G 20 30.55 44.31 21.65
C LYS G 20 29.98 42.90 21.78
N HIS G 21 29.43 42.41 20.68
CA HIS G 21 28.82 41.09 20.65
C HIS G 21 29.75 39.97 20.18
N ASN G 22 31.02 40.29 19.91
CA ASN G 22 32.03 39.27 19.55
C ASN G 22 31.58 38.33 18.40
N PRO G 23 31.18 38.95 17.27
CA PRO G 23 30.81 38.10 16.15
C PRO G 23 32.03 37.33 15.67
N PHE G 24 31.85 36.07 15.28
CA PHE G 24 32.97 35.30 14.76
C PHE G 24 33.28 35.68 13.31
N SER G 25 34.05 36.75 13.17
CA SER G 25 34.71 37.11 11.94
C SER G 25 35.97 36.28 11.81
N ARG G 26 36.60 36.35 10.63
CA ARG G 26 37.74 35.49 10.30
C ARG G 26 38.91 35.80 11.20
N THR G 27 39.03 37.07 11.49
CA THR G 27 40.06 37.56 12.36
C THR G 27 39.82 37.09 13.80
N LEU G 28 38.59 37.17 14.31
CA LEU G 28 38.35 36.72 15.67
C LEU G 28 38.59 35.23 15.81
N GLU G 29 38.09 34.42 14.87
CA GLU G 29 38.33 32.97 14.88
C GLU G 29 39.84 32.65 14.94
N THR G 30 40.63 33.33 14.12
CA THR G 30 42.05 33.08 14.07
C THR G 30 42.72 33.44 15.43
N SER G 31 42.37 34.59 15.98
CA SER G 31 42.93 35.05 17.25
C SER G 31 42.61 34.06 18.35
N VAL G 32 41.38 33.58 18.35
CA VAL G 32 40.93 32.63 19.36
C VAL G 32 41.67 31.31 19.20
N LYS G 33 41.74 30.82 17.97
CA LYS G 33 42.44 29.57 17.70
C LYS G 33 43.91 29.67 18.09
N ASP G 34 44.57 30.77 17.73
CA ASP G 34 45.98 31.00 18.07
C ASP G 34 46.18 31.06 19.59
N ALA G 35 45.28 31.73 20.31
CA ALA G 35 45.39 31.87 21.75
C ALA G 35 45.24 30.52 22.46
N LEU G 36 44.33 29.72 21.96
CA LEU G 36 44.06 28.40 22.51
C LEU G 36 45.29 27.49 22.30
N ALA G 37 45.90 27.59 21.13
CA ALA G 37 47.07 26.79 20.82
C ALA G 37 48.27 27.22 21.69
N ARG G 38 48.41 28.51 21.93
CA ARG G 38 49.44 28.99 22.87
C ARG G 38 49.20 28.47 24.27
N ALA G 39 47.95 28.55 24.73
CA ALA G 39 47.59 28.09 26.06
C ALA G 39 47.91 26.61 26.25
N ASN G 40 47.65 25.83 25.20
CA ASN G 40 47.82 24.38 25.26
C ASN G 40 49.29 23.96 25.25
N ALA G 41 50.15 24.76 24.59
CA ALA G 41 51.57 24.47 24.51
C ALA G 41 52.37 25.08 25.63
N ASP G 42 51.79 26.04 26.34
CA ASP G 42 52.48 26.71 27.45
C ASP G 42 52.32 25.87 28.71
N ASP G 43 53.44 25.37 29.20
CA ASP G 43 53.46 24.49 30.36
C ASP G 43 53.06 25.20 31.64
N SER G 44 53.17 26.52 31.66
CA SER G 44 52.80 27.31 32.83
C SER G 44 51.31 27.52 32.94
N VAL G 45 50.57 27.13 31.90
CA VAL G 45 49.13 27.21 31.89
C VAL G 45 48.58 25.82 32.22
N ARG G 46 47.72 25.72 33.24
CA ARG G 46 47.14 24.43 33.63
C ARG G 46 45.61 24.38 33.45
N ALA G 47 45.01 25.51 33.11
CA ALA G 47 43.57 25.61 32.79
C ALA G 47 43.27 26.88 31.99
N VAL G 48 42.15 26.91 31.29
CA VAL G 48 41.84 28.00 30.39
C VAL G 48 40.41 28.48 30.57
N VAL G 49 40.24 29.79 30.68
CA VAL G 49 38.93 30.41 30.69
C VAL G 49 38.75 31.28 29.45
N VAL G 50 37.62 31.12 28.76
CA VAL G 50 37.26 32.00 27.65
C VAL G 50 36.02 32.78 28.03
N TYR G 51 36.11 34.09 27.83
CA TYR G 51 35.14 35.05 28.31
C TYR G 51 34.96 36.10 27.22
N GLY G 52 33.72 36.54 27.03
CA GLY G 52 33.43 37.62 26.06
C GLY G 52 33.85 39.00 26.51
N GLY G 53 34.13 39.18 27.79
CA GLY G 53 34.48 40.50 28.34
C GLY G 53 33.30 41.11 29.08
N ALA G 54 33.60 42.08 29.96
CA ALA G 54 32.59 42.76 30.75
C ALA G 54 31.71 43.58 29.82
N GLU G 55 30.38 43.49 29.99
CA GLU G 55 29.43 44.31 29.26
C GLU G 55 29.44 43.95 27.77
N ARG G 56 29.83 42.72 27.47
CA ARG G 56 29.91 42.22 26.09
C ARG G 56 29.20 40.87 26.04
N SER G 57 28.95 40.37 24.83
CA SER G 57 28.39 39.04 24.62
C SER G 57 29.51 38.02 24.40
N PHE G 58 29.25 36.79 24.83
CA PHE G 58 30.18 35.69 24.61
C PHE G 58 30.47 35.55 23.09
N SER G 59 29.42 35.31 22.31
CA SER G 59 29.48 35.52 20.86
C SER G 59 28.08 35.51 20.24
N ALA G 60 27.73 36.59 19.53
CA ALA G 60 26.55 36.61 18.67
C ALA G 60 26.68 35.60 17.50
N GLY G 61 27.86 35.00 17.34
CA GLY G 61 28.06 33.98 16.31
C GLY G 61 28.55 34.58 15.01
N GLY G 62 28.40 33.83 13.92
CA GLY G 62 28.78 34.29 12.60
C GLY G 62 27.73 35.21 12.03
N ASP G 63 28.16 36.05 11.09
CA ASP G 63 27.26 36.98 10.41
C ASP G 63 26.04 36.29 9.75
N GLU G 66 26.07 37.34 5.33
CA GLU G 66 27.37 36.76 4.97
C GLU G 66 27.19 35.31 4.61
N VAL G 67 26.58 34.54 5.53
CA VAL G 67 26.29 33.12 5.32
C VAL G 67 25.44 32.98 4.06
N LYS G 68 24.29 33.66 4.05
CA LYS G 68 23.35 33.59 2.92
C LYS G 68 23.96 34.13 1.62
N GLN G 69 24.95 35.03 1.73
CA GLN G 69 25.61 35.62 0.58
C GLN G 69 26.75 34.76 -0.03
N LEU G 70 27.04 33.59 0.58
CA LEU G 70 28.04 32.66 0.00
C LEU G 70 27.42 31.85 -1.14
N SER G 71 27.97 31.98 -2.35
CA SER G 71 27.46 31.25 -3.51
C SER G 71 28.58 30.74 -4.43
N ARG G 72 29.46 29.92 -3.87
CA ARG G 72 30.55 29.29 -4.62
C ARG G 72 31.03 28.01 -3.90
N SER G 73 31.41 27.00 -4.69
CA SER G 73 31.81 25.68 -4.18
C SER G 73 32.92 25.70 -3.11
N GLU G 74 34.07 26.28 -3.44
CA GLU G 74 35.22 26.34 -2.54
C GLU G 74 34.98 27.27 -1.34
N ASP G 75 33.89 28.04 -1.39
CA ASP G 75 33.63 29.13 -0.44
C ASP G 75 32.69 28.74 0.68
N ILE G 76 31.77 27.81 0.42
CA ILE G 76 30.89 27.29 1.48
C ILE G 76 31.73 26.35 2.29
N GLU G 77 32.55 25.60 1.56
CA GLU G 77 33.50 24.64 2.15
C GLU G 77 34.52 25.28 3.06
N GLU G 78 35.01 26.44 2.65
CA GLU G 78 35.95 27.20 3.44
C GLU G 78 35.28 27.63 4.75
N TRP G 79 34.02 28.07 4.65
CA TRP G 79 33.31 28.53 5.84
C TRP G 79 32.98 27.37 6.78
N ILE G 80 32.56 26.24 6.24
CA ILE G 80 32.31 25.05 7.06
C ILE G 80 33.60 24.61 7.75
N ASP G 81 34.68 24.54 6.99
CA ASP G 81 35.99 24.19 7.57
C ASP G 81 36.39 25.15 8.69
N ARG G 82 36.18 26.46 8.50
CA ARG G 82 36.45 27.44 9.53
C ARG G 82 35.72 27.14 10.81
N VAL G 83 34.44 26.87 10.67
CA VAL G 83 33.58 26.68 11.82
C VAL G 83 34.01 25.43 12.59
N ILE G 84 34.21 24.32 11.87
CA ILE G 84 34.57 23.06 12.52
C ILE G 84 35.99 23.18 13.11
N ASP G 85 36.88 23.85 12.38
CA ASP G 85 38.26 24.08 12.86
C ASP G 85 38.27 24.86 14.17
N LEU G 86 37.42 25.85 14.28
CA LEU G 86 37.27 26.61 15.49
C LEU G 86 36.97 25.70 16.67
N TYR G 87 35.98 24.82 16.48
CA TYR G 87 35.47 23.96 17.54
C TYR G 87 36.50 22.89 17.90
N GLN G 88 37.14 22.32 16.89
CA GLN G 88 38.19 21.34 17.13
C GLN G 88 39.32 21.92 17.97
N ALA G 89 39.66 23.19 17.68
CA ALA G 89 40.69 23.92 18.43
C ALA G 89 40.42 23.90 19.92
N VAL G 90 39.17 24.06 20.33
CA VAL G 90 38.77 24.00 21.73
C VAL G 90 38.90 22.56 22.26
N LEU G 91 38.37 21.63 21.48
CA LEU G 91 38.32 20.23 21.91
C LEU G 91 39.70 19.63 22.06
N ASN G 92 40.66 20.17 21.33
CA ASN G 92 42.03 19.62 21.35
C ASN G 92 42.93 20.25 22.44
N VAL G 93 42.39 21.18 23.23
CA VAL G 93 43.11 21.71 24.37
C VAL G 93 43.01 20.68 25.45
N ASN G 94 44.11 20.13 25.87
CA ASN G 94 44.00 18.98 26.78
C ASN G 94 44.11 19.38 28.29
N LYS G 95 44.01 20.68 28.54
CA LYS G 95 43.87 21.26 29.87
C LYS G 95 42.40 21.61 30.06
N PRO G 96 41.95 21.73 31.32
CA PRO G 96 40.59 22.18 31.58
C PRO G 96 40.22 23.45 30.84
N THR G 97 39.03 23.47 30.25
CA THR G 97 38.52 24.66 29.56
C THR G 97 37.18 25.05 30.12
N ILE G 98 37.05 26.36 30.42
CA ILE G 98 35.84 26.91 31.03
C ILE G 98 35.36 28.08 30.19
N ALA G 99 34.09 28.05 29.81
CA ALA G 99 33.46 29.15 29.12
C ALA G 99 32.64 29.96 30.13
N ALA G 100 32.88 31.28 30.16
CA ALA G 100 32.15 32.22 30.99
C ALA G 100 31.25 33.04 30.10
N VAL G 101 29.97 32.65 30.05
CA VAL G 101 29.03 33.25 29.10
C VAL G 101 28.23 34.39 29.74
N ASP G 102 28.43 35.58 29.22
CA ASP G 102 27.58 36.70 29.55
C ASP G 102 27.00 37.22 28.24
N GLY G 103 25.97 38.05 28.34
CA GLY G 103 25.26 38.51 27.15
C GLY G 103 24.73 37.33 26.36
N TYR G 104 24.91 37.41 25.04
CA TYR G 104 24.40 36.38 24.13
C TYR G 104 25.42 35.37 23.68
N ALA G 105 24.96 34.12 23.58
CA ALA G 105 25.66 33.04 22.90
C ALA G 105 24.70 32.55 21.84
N ILE G 106 24.87 33.02 20.63
CA ILE G 106 23.93 32.77 19.55
C ILE G 106 24.60 31.99 18.42
N GLY G 107 23.97 30.90 17.99
CA GLY G 107 24.44 30.14 16.84
C GLY G 107 25.81 29.55 17.08
N MET G 108 26.79 29.99 16.28
CA MET G 108 28.18 29.59 16.45
C MET G 108 28.66 29.83 17.87
N GLY G 109 28.17 30.88 18.51
CA GLY G 109 28.57 31.22 19.87
C GLY G 109 28.08 30.19 20.86
N PHE G 110 26.86 29.72 20.60
CA PHE G 110 26.24 28.65 21.38
C PHE G 110 27.05 27.35 21.16
N GLN G 111 27.25 27.04 19.88
CA GLN G 111 28.02 25.86 19.47
C GLN G 111 29.44 25.83 20.00
N PHE G 112 30.09 26.98 19.95
CA PHE G 112 31.42 27.18 20.54
C PHE G 112 31.45 26.92 22.05
N ALA G 113 30.47 27.46 22.78
CA ALA G 113 30.36 27.23 24.22
C ALA G 113 30.24 25.74 24.59
N LEU G 114 29.59 24.97 23.74
CA LEU G 114 29.39 23.54 23.96
C LEU G 114 30.67 22.67 23.86
N MET G 115 31.76 23.28 23.36
CA MET G 115 33.07 22.67 23.21
C MET G 115 33.90 22.68 24.49
N PHE G 116 33.51 23.52 25.43
CA PHE G 116 34.24 23.68 26.68
C PHE G 116 33.84 22.61 27.66
N ASP G 117 34.78 22.27 28.54
CA ASP G 117 34.53 21.26 29.56
C ASP G 117 33.42 21.63 30.50
N GLN G 118 33.36 22.91 30.86
CA GLN G 118 32.33 23.43 31.78
C GLN G 118 31.90 24.79 31.26
N ARG G 119 30.66 25.15 31.56
CA ARG G 119 30.08 26.44 31.18
C ARG G 119 29.41 27.07 32.37
N LEU G 120 29.75 28.32 32.64
CA LEU G 120 29.01 29.14 33.59
C LEU G 120 28.40 30.25 32.77
N MET G 121 27.24 30.71 33.17
CA MET G 121 26.62 31.85 32.53
C MET G 121 26.13 32.83 33.59
N ALA G 122 25.98 34.09 33.16
CA ALA G 122 25.39 35.13 33.99
C ALA G 122 23.90 34.92 34.03
N SER G 123 23.26 35.36 35.13
CA SER G 123 21.83 35.20 35.30
C SER G 123 21.04 35.99 34.26
N THR G 124 21.72 36.93 33.61
CA THR G 124 21.10 37.78 32.60
C THR G 124 21.51 37.38 31.18
N ALA G 125 22.23 36.28 31.05
CA ALA G 125 22.70 35.83 29.75
C ALA G 125 21.62 35.01 29.05
N ASN G 126 21.79 34.83 27.75
CA ASN G 126 20.91 34.01 26.92
C ASN G 126 21.69 33.18 25.91
N PHE G 127 21.27 31.92 25.76
CA PHE G 127 21.71 31.01 24.69
C PHE G 127 20.61 30.98 23.61
N VAL G 128 21.00 31.06 22.33
CA VAL G 128 20.05 31.04 21.23
C VAL G 128 20.59 30.23 20.07
N MET G 129 19.74 29.41 19.46
CA MET G 129 20.06 28.67 18.23
C MET G 129 18.98 28.97 17.22
N PRO G 130 18.93 30.22 16.72
CA PRO G 130 17.81 30.70 15.92
C PRO G 130 17.96 30.53 14.40
N GLU G 131 18.94 29.75 13.97
CA GLU G 131 19.29 29.62 12.57
C GLU G 131 18.08 29.44 11.67
N LEU G 132 17.22 28.47 12.00
CA LEU G 132 16.10 28.11 11.13
C LEU G 132 15.06 29.21 10.97
N LYS G 133 14.83 29.92 12.05
CA LYS G 133 13.97 31.07 12.04
C LYS G 133 14.47 32.11 11.05
N HIS G 134 15.78 32.19 10.88
CA HIS G 134 16.40 33.19 10.01
C HIS G 134 16.75 32.65 8.61
N GLY G 135 16.37 31.41 8.31
CA GLY G 135 16.63 30.85 6.99
C GLY G 135 18.07 30.39 6.86
N ILE G 136 18.72 30.12 7.99
CA ILE G 136 20.09 29.61 8.00
C ILE G 136 20.04 28.12 8.30
N GLY G 137 20.80 27.31 7.57
CA GLY G 137 20.87 25.91 7.91
C GLY G 137 21.39 25.72 9.32
N CYS G 138 20.90 24.71 10.02
CA CYS G 138 21.35 24.42 11.37
C CYS G 138 21.87 22.98 11.52
N SER G 139 22.37 22.40 10.45
CA SER G 139 22.90 21.06 10.48
C SER G 139 24.06 20.88 11.44
N VAL G 140 24.94 21.86 11.50
CA VAL G 140 26.12 21.78 12.39
C VAL G 140 25.71 21.92 13.84
N GLY G 141 24.90 22.95 14.13
CA GLY G 141 24.35 23.16 15.45
C GLY G 141 23.57 21.96 15.97
N ALA G 142 22.81 21.31 15.08
CA ALA G 142 22.02 20.13 15.41
C ALA G 142 22.91 18.91 15.72
N ALA G 143 23.94 18.70 14.92
CA ALA G 143 24.84 17.60 15.12
C ALA G 143 25.48 17.72 16.48
N ILE G 144 25.92 18.92 16.82
CA ILE G 144 26.67 19.22 18.02
C ILE G 144 25.78 19.08 19.25
N LEU G 145 24.59 19.68 19.18
CA LEU G 145 23.69 19.68 20.33
C LEU G 145 23.10 18.30 20.54
N GLY G 146 22.85 17.57 19.46
CA GLY G 146 22.41 16.21 19.60
C GLY G 146 23.45 15.34 20.25
N PHE G 147 24.73 15.56 19.96
CA PHE G 147 25.83 14.83 20.56
C PHE G 147 25.94 15.17 22.06
N THR G 148 25.87 16.46 22.38
CA THR G 148 26.12 16.94 23.74
C THR G 148 24.90 16.77 24.64
N HIS G 149 23.69 16.97 24.10
CA HIS G 149 22.49 17.00 24.92
C HIS G 149 21.40 16.03 24.49
N GLY G 150 21.68 15.19 23.49
CA GLY G 150 20.73 14.21 22.98
C GLY G 150 19.74 14.77 21.98
N PHE G 151 19.08 13.83 21.33
CA PHE G 151 18.26 14.13 20.17
C PHE G 151 17.06 15.02 20.49
N SER G 152 16.28 14.65 21.49
CA SER G 152 15.04 15.36 21.72
C SER G 152 15.24 16.78 22.25
N THR G 153 16.25 16.95 23.07
CA THR G 153 16.62 18.27 23.52
C THR G 153 17.08 19.15 22.37
N MET G 154 17.92 18.58 21.52
CA MET G 154 18.34 19.27 20.32
C MET G 154 17.17 19.68 19.43
N GLN G 155 16.25 18.76 19.17
CA GLN G 155 15.09 19.08 18.30
C GLN G 155 14.32 20.26 18.86
N GLU G 156 14.06 20.19 20.14
CA GLU G 156 13.30 21.25 20.82
C GLU G 156 14.00 22.60 20.67
N ILE G 157 15.30 22.62 20.87
CA ILE G 157 16.06 23.88 20.79
C ILE G 157 16.11 24.44 19.37
N ILE G 158 16.48 23.62 18.41
CA ILE G 158 16.64 24.12 17.04
C ILE G 158 15.33 24.45 16.33
N TYR G 159 14.24 23.79 16.73
CA TYR G 159 12.94 23.96 16.07
C TYR G 159 12.11 25.05 16.73
N GLN G 160 12.38 25.34 17.99
CA GLN G 160 11.67 26.44 18.64
C GLN G 160 12.35 27.79 18.51
N CYS G 161 13.68 27.80 18.35
CA CYS G 161 14.46 29.04 18.13
C CYS G 161 14.16 30.11 19.15
N GLN G 162 14.06 29.70 20.41
CA GLN G 162 13.78 30.63 21.49
C GLN G 162 15.07 31.11 22.14
N SER G 163 14.97 32.28 22.74
CA SER G 163 16.01 32.78 23.60
C SER G 163 15.96 32.02 24.92
N LEU G 164 17.07 31.34 25.24
CA LEU G 164 17.12 30.50 26.42
C LEU G 164 17.81 31.24 27.53
N ASP G 165 17.02 31.69 28.51
CA ASP G 165 17.54 32.44 29.65
C ASP G 165 18.18 31.50 30.68
N ALA G 166 18.72 32.04 31.76
CA ALA G 166 19.49 31.22 32.71
C ALA G 166 18.71 30.03 33.29
N PRO G 167 17.50 30.26 33.82
CA PRO G 167 16.69 29.10 34.25
C PRO G 167 16.45 28.03 33.17
N ARG G 168 16.19 28.47 31.94
CA ARG G 168 15.96 27.54 30.87
C ARG G 168 17.22 26.74 30.56
N CYS G 169 18.37 27.41 30.64
CA CYS G 169 19.64 26.74 30.43
C CYS G 169 19.95 25.73 31.56
N VAL G 170 19.63 26.08 32.79
CA VAL G 170 19.79 25.15 33.92
C VAL G 170 18.93 23.92 33.64
N ASP G 171 17.69 24.15 33.27
CA ASP G 171 16.75 23.08 32.93
C ASP G 171 17.27 22.12 31.89
N TYR G 172 17.84 22.68 30.83
CA TYR G 172 18.41 21.90 29.76
C TYR G 172 19.77 21.29 30.11
N ARG G 173 20.32 21.68 31.24
CA ARG G 173 21.68 21.33 31.63
C ARG G 173 22.69 21.85 30.63
N LEU G 174 22.44 23.05 30.11
CA LEU G 174 23.34 23.69 29.13
C LEU G 174 24.51 24.33 29.79
N VAL G 175 24.36 24.61 31.08
CA VAL G 175 25.41 25.24 31.88
C VAL G 175 25.54 24.52 33.22
N ASN G 176 26.67 24.71 33.86
CA ASN G 176 26.97 24.06 35.12
C ASN G 176 26.70 24.95 36.31
N GLN G 177 26.73 26.27 36.08
CA GLN G 177 26.54 27.30 37.09
C GLN G 177 25.91 28.57 36.51
N VAL G 178 25.07 29.23 37.32
CA VAL G 178 24.54 30.56 37.01
C VAL G 178 24.99 31.49 38.12
N VAL G 179 25.59 32.64 37.75
CA VAL G 179 25.96 33.69 38.72
C VAL G 179 25.71 35.10 38.15
N GLU G 180 25.80 36.13 38.98
CA GLU G 180 25.61 37.50 38.54
C GLU G 180 26.75 37.88 37.61
N SER G 181 26.47 38.73 36.62
CA SER G 181 27.49 39.17 35.67
C SER G 181 28.77 39.57 36.38
N SER G 182 28.65 40.34 37.47
CA SER G 182 29.81 40.87 38.19
C SER G 182 30.63 39.81 38.92
N ALA G 183 30.03 38.63 39.12
CA ALA G 183 30.69 37.52 39.81
C ALA G 183 31.18 36.44 38.83
N LEU G 184 30.77 36.54 37.57
CA LEU G 184 30.93 35.46 36.59
C LEU G 184 32.38 35.09 36.33
N LEU G 185 33.21 36.07 36.00
CA LEU G 185 34.59 35.80 35.62
C LEU G 185 35.36 35.15 36.76
N ASP G 186 35.20 35.69 37.97
CA ASP G 186 35.85 35.14 39.14
C ASP G 186 35.34 33.71 39.46
N ALA G 187 34.06 33.45 39.28
CA ALA G 187 33.52 32.11 39.47
C ALA G 187 34.12 31.12 38.46
N ALA G 188 34.32 31.57 37.22
CA ALA G 188 34.91 30.77 36.18
C ALA G 188 36.38 30.46 36.44
N ILE G 189 37.12 31.49 36.81
CA ILE G 189 38.51 31.35 37.21
C ILE G 189 38.66 30.37 38.40
N THR G 190 37.79 30.52 39.38
CA THR G 190 37.75 29.61 40.53
C THR G 190 37.60 28.13 40.09
N GLN G 191 36.61 27.84 39.25
CA GLN G 191 36.45 26.48 38.74
C GLN G 191 37.66 26.01 37.93
N ALA G 192 38.26 26.93 37.19
CA ALA G 192 39.47 26.62 36.45
C ALA G 192 40.60 26.26 37.40
N HIS G 193 40.68 26.93 38.54
CA HIS G 193 41.68 26.56 39.54
C HIS G 193 41.46 25.17 40.13
N VAL G 194 40.20 24.84 40.41
CA VAL G 194 39.83 23.53 40.93
C VAL G 194 40.20 22.40 39.96
N MET G 195 39.88 22.58 38.70
CA MET G 195 40.21 21.59 37.68
C MET G 195 41.72 21.52 37.38
N ALA G 196 42.40 22.65 37.45
CA ALA G 196 43.84 22.71 37.28
C ALA G 196 44.58 21.95 38.36
N SER G 197 43.96 21.81 39.55
CA SER G 197 44.55 21.05 40.64
C SER G 197 44.43 19.54 40.47
N TYR G 198 43.58 19.08 39.56
CA TYR G 198 43.54 17.64 39.26
C TYR G 198 44.86 17.28 38.62
N PRO G 199 45.53 16.22 39.10
CA PRO G 199 46.79 15.80 38.45
C PRO G 199 46.66 15.73 36.94
N ALA G 200 47.62 16.33 36.25
CA ALA G 200 47.50 16.64 34.83
C ALA G 200 47.44 15.43 33.96
N SER G 201 48.28 14.46 34.25
CA SER G 201 48.41 13.28 33.44
C SER G 201 47.09 12.54 33.30
N ALA G 202 46.46 12.26 34.43
CA ALA G 202 45.16 11.57 34.47
C ALA G 202 44.10 12.41 33.77
N PHE G 203 44.13 13.70 34.02
CA PHE G 203 43.14 14.58 33.41
C PHE G 203 43.25 14.61 31.88
N ILE G 204 44.46 14.83 31.38
CA ILE G 204 44.73 14.88 29.96
C ILE G 204 44.34 13.61 29.26
N ASN G 205 44.74 12.47 29.80
CA ASN G 205 44.39 11.20 29.19
C ASN G 205 42.88 10.96 29.16
N THR G 206 42.20 11.33 30.25
CA THR G 206 40.78 11.15 30.36
C THR G 206 40.06 12.05 29.39
N LYS G 207 40.47 13.33 29.36
CA LYS G 207 39.83 14.30 28.48
C LYS G 207 39.99 13.92 26.99
N ARG G 208 41.17 13.43 26.63
CA ARG G 208 41.40 12.92 25.28
C ARG G 208 40.40 11.87 24.93
N ALA G 209 40.23 10.89 25.82
CA ALA G 209 39.30 9.80 25.61
C ALA G 209 37.87 10.26 25.58
N VAL G 210 37.54 11.20 26.45
CA VAL G 210 36.20 11.85 26.46
C VAL G 210 35.87 12.63 25.18
N ASN G 211 36.81 13.43 24.72
CA ASN G 211 36.56 14.29 23.57
C ASN G 211 36.67 13.60 22.24
N LYS G 212 37.36 12.47 22.20
CA LYS G 212 37.59 11.75 20.95
C LYS G 212 36.33 11.53 20.10
N PRO G 213 35.25 10.96 20.67
CA PRO G 213 34.02 10.86 19.88
C PRO G 213 33.39 12.18 19.44
N PHE G 214 33.59 13.23 20.22
CA PHE G 214 33.07 14.54 19.88
C PHE G 214 33.84 15.09 18.66
N ILE G 215 35.15 14.97 18.72
CA ILE G 215 36.03 15.31 17.60
C ILE G 215 35.69 14.54 16.35
N HIS G 216 35.43 13.24 16.51
CA HIS G 216 35.10 12.38 15.38
C HIS G 216 33.74 12.81 14.81
N LEU G 217 32.78 13.08 15.68
CA LEU G 217 31.50 13.59 15.27
C LEU G 217 31.61 14.91 14.49
N LEU G 218 32.43 15.85 14.94
CA LEU G 218 32.62 17.09 14.21
C LEU G 218 33.22 16.84 12.82
N GLU G 219 34.18 15.92 12.72
CA GLU G 219 34.80 15.61 11.44
C GLU G 219 33.81 15.00 10.46
N GLN G 220 32.94 14.13 10.95
CA GLN G 220 31.86 13.59 10.14
C GLN G 220 30.90 14.67 9.72
N THR G 221 30.64 15.60 10.61
CA THR G 221 29.76 16.72 10.32
C THR G 221 30.38 17.66 9.25
N ARG G 222 31.69 17.93 9.38
CA ARG G 222 32.44 18.68 8.38
C ARG G 222 32.18 18.05 7.01
N ASP G 223 32.37 16.74 6.92
CA ASP G 223 32.29 16.03 5.67
C ASP G 223 30.86 15.98 5.12
N ALA G 224 29.89 15.79 6.01
CA ALA G 224 28.50 15.67 5.58
C ALA G 224 27.98 17.02 5.11
N SER G 225 28.23 18.09 5.85
CA SER G 225 27.86 19.46 5.45
C SER G 225 28.36 19.84 4.07
N LYS G 226 29.63 19.51 3.79
CA LYS G 226 30.26 19.74 2.46
C LYS G 226 29.74 18.88 1.31
N ALA G 227 29.51 17.61 1.61
CA ALA G 227 29.04 16.67 0.60
C ALA G 227 27.62 17.05 0.13
N VAL G 228 26.86 17.67 1.04
CA VAL G 228 25.51 18.12 0.75
C VAL G 228 25.56 19.41 -0.09
N HIS G 229 26.46 20.33 0.23
CA HIS G 229 26.70 21.46 -0.65
C HIS G 229 27.47 20.97 -1.89
N LYS G 230 26.76 20.19 -2.72
CA LYS G 230 27.34 19.37 -3.80
C LYS G 230 26.29 18.36 -4.25
N MET H 1 32.74 -14.41 49.42
CA MET H 1 32.70 -12.92 49.48
C MET H 1 31.36 -12.33 49.09
N VAL H 2 30.39 -13.18 48.78
CA VAL H 2 28.99 -12.75 48.64
C VAL H 2 28.12 -13.77 49.37
N PHE H 3 26.93 -13.37 49.81
CA PHE H 3 25.92 -14.42 50.12
C PHE H 3 24.75 -14.32 49.19
N GLU H 4 24.16 -15.49 48.95
CA GLU H 4 23.08 -15.66 48.01
C GLU H 4 21.85 -16.11 48.74
N GLU H 5 20.78 -15.35 48.56
CA GLU H 5 19.52 -15.65 49.20
C GLU H 5 18.42 -15.58 48.20
N ASN H 6 17.29 -16.16 48.55
CA ASN H 6 16.15 -16.17 47.64
C ASN H 6 14.90 -15.61 48.31
N SER H 7 14.23 -14.70 47.61
CA SER H 7 12.85 -14.36 47.91
C SER H 7 12.05 -14.94 46.75
N ASP H 8 11.68 -16.20 46.91
CA ASP H 8 11.06 -17.00 45.86
C ASP H 8 11.88 -16.92 44.57
N GLU H 9 11.34 -16.31 43.52
CA GLU H 9 12.04 -16.32 42.21
C GLU H 9 13.10 -15.21 42.11
N VAL H 10 13.22 -14.41 43.17
CA VAL H 10 14.21 -13.34 43.21
C VAL H 10 15.50 -13.79 43.91
N ARG H 11 16.62 -13.77 43.18
CA ARG H 11 17.93 -14.02 43.79
C ARG H 11 18.53 -12.77 44.32
N VAL H 12 18.85 -12.76 45.62
CA VAL H 12 19.48 -11.61 46.25
C VAL H 12 20.92 -11.96 46.55
N ILE H 13 21.82 -11.21 45.95
CA ILE H 13 23.25 -11.34 46.15
C ILE H 13 23.73 -10.17 46.99
N THR H 14 24.25 -10.49 48.18
CA THR H 14 24.78 -9.47 49.08
C THR H 14 26.31 -9.54 49.09
N LEU H 15 26.94 -8.41 48.76
CA LEU H 15 28.39 -8.33 48.72
C LEU H 15 28.88 -8.37 50.16
N ASP H 16 29.91 -9.20 50.39
CA ASP H 16 30.37 -9.56 51.72
C ASP H 16 31.91 -9.53 51.81
N HIS H 17 32.51 -8.48 51.27
CA HIS H 17 33.93 -8.27 51.48
C HIS H 17 34.15 -8.12 52.98
N PRO H 18 35.31 -8.57 53.48
CA PRO H 18 35.69 -8.27 54.86
C PRO H 18 35.56 -6.81 55.25
N ASN H 19 35.95 -5.89 54.36
CA ASN H 19 35.74 -4.47 54.57
C ASN H 19 34.30 -4.06 54.28
N LYS H 20 33.75 -3.25 55.17
CA LYS H 20 32.34 -2.89 55.12
C LYS H 20 31.97 -2.09 53.86
N HIS H 21 32.97 -1.51 53.18
CA HIS H 21 32.72 -0.70 52.00
C HIS H 21 32.78 -1.49 50.68
N ASN H 22 32.96 -2.81 50.77
CA ASN H 22 32.90 -3.70 49.60
C ASN H 22 33.79 -3.19 48.47
N PRO H 23 35.09 -3.00 48.78
CA PRO H 23 36.02 -2.65 47.71
C PRO H 23 36.15 -3.79 46.71
N PHE H 24 36.24 -3.46 45.43
CA PHE H 24 36.40 -4.48 44.40
C PHE H 24 37.81 -5.00 44.33
N SER H 25 38.09 -5.95 45.20
CA SER H 25 39.27 -6.78 45.10
C SER H 25 39.00 -7.83 44.04
N ARG H 26 40.05 -8.48 43.56
CA ARG H 26 39.92 -9.57 42.58
C ARG H 26 39.00 -10.67 43.11
N THR H 27 39.10 -10.93 44.41
CA THR H 27 38.26 -11.95 45.04
C THR H 27 36.79 -11.58 45.01
N LEU H 28 36.45 -10.34 45.36
CA LEU H 28 35.05 -9.90 45.31
C LEU H 28 34.50 -9.91 43.89
N GLU H 29 35.29 -9.39 42.94
CA GLU H 29 34.89 -9.40 41.54
C GLU H 29 34.58 -10.82 41.07
N THR H 30 35.44 -11.78 41.40
CA THR H 30 35.22 -13.18 40.99
C THR H 30 33.96 -13.81 41.62
N SER H 31 33.76 -13.57 42.92
CA SER H 31 32.55 -14.01 43.63
C SER H 31 31.29 -13.47 42.99
N VAL H 32 31.31 -12.17 42.72
CA VAL H 32 30.16 -11.49 42.14
C VAL H 32 29.85 -11.99 40.72
N LYS H 33 30.89 -12.05 39.91
CA LYS H 33 30.72 -12.53 38.55
C LYS H 33 30.18 -13.96 38.54
N ASP H 34 30.73 -14.87 39.38
CA ASP H 34 30.20 -16.26 39.44
C ASP H 34 28.73 -16.25 39.91
N ALA H 35 28.42 -15.46 40.94
CA ALA H 35 27.07 -15.43 41.50
C ALA H 35 26.04 -14.99 40.43
N LEU H 36 26.43 -14.00 39.66
CA LEU H 36 25.61 -13.46 38.57
C LEU H 36 25.39 -14.47 37.43
N ALA H 37 26.43 -15.24 37.14
CA ALA H 37 26.36 -16.24 36.10
C ALA H 37 25.56 -17.43 36.56
N ARG H 38 25.66 -17.82 37.85
CA ARG H 38 24.75 -18.85 38.37
C ARG H 38 23.32 -18.38 38.35
N ALA H 39 23.05 -17.15 38.79
CA ALA H 39 21.70 -16.62 38.79
C ALA H 39 21.11 -16.61 37.37
N ASN H 40 21.94 -16.32 36.38
CA ASN H 40 21.46 -16.22 34.99
C ASN H 40 21.14 -17.60 34.38
N ALA H 41 21.85 -18.66 34.86
CA ALA H 41 21.68 -20.00 34.33
C ALA H 41 20.67 -20.82 35.13
N ASP H 42 20.32 -20.36 36.34
CA ASP H 42 19.35 -21.00 37.20
C ASP H 42 17.94 -20.63 36.75
N ASP H 43 17.18 -21.62 36.30
CA ASP H 43 15.83 -21.39 35.77
C ASP H 43 14.81 -21.02 36.88
N SER H 44 15.17 -21.29 38.12
CA SER H 44 14.34 -20.96 39.26
C SER H 44 14.45 -19.48 39.61
N VAL H 45 15.43 -18.81 39.06
CA VAL H 45 15.68 -17.40 39.32
C VAL H 45 15.08 -16.66 38.17
N ARG H 46 14.22 -15.67 38.47
CA ARG H 46 13.59 -14.87 37.44
C ARG H 46 13.96 -13.37 37.53
N ALA H 47 14.65 -12.98 38.60
CA ALA H 47 15.17 -11.64 38.71
C ALA H 47 16.26 -11.65 39.75
N VAL H 48 17.12 -10.63 39.70
CA VAL H 48 18.31 -10.59 40.55
C VAL H 48 18.45 -9.22 41.19
N VAL H 49 18.69 -9.20 42.50
CA VAL H 49 19.04 -8.00 43.23
C VAL H 49 20.48 -8.11 43.79
N VAL H 50 21.27 -7.05 43.64
CA VAL H 50 22.59 -6.95 44.23
C VAL H 50 22.62 -5.79 45.21
N TYR H 51 23.12 -6.08 46.41
CA TYR H 51 23.02 -5.23 47.58
C TYR H 51 24.35 -5.31 48.32
N GLY H 52 24.81 -4.18 48.85
CA GLY H 52 26.04 -4.14 49.66
C GLY H 52 25.90 -4.73 51.06
N GLY H 53 24.67 -4.88 51.53
CA GLY H 53 24.41 -5.35 52.88
C GLY H 53 24.05 -4.22 53.82
N ALA H 54 23.40 -4.54 54.93
CA ALA H 54 22.98 -3.54 55.90
C ALA H 54 24.20 -2.92 56.57
N GLU H 55 24.24 -1.60 56.71
CA GLU H 55 25.37 -0.90 57.35
C GLU H 55 26.63 -0.91 56.53
N ARG H 56 26.52 -1.20 55.25
CA ARG H 56 27.68 -1.35 54.39
C ARG H 56 27.46 -0.47 53.20
N SER H 57 28.51 -0.27 52.41
CA SER H 57 28.45 0.44 51.13
C SER H 57 28.22 -0.55 50.01
N PHE H 58 27.55 -0.07 48.98
CA PHE H 58 27.38 -0.82 47.75
C PHE H 58 28.75 -1.24 47.21
N SER H 59 29.59 -0.25 46.91
CA SER H 59 31.04 -0.46 46.73
C SER H 59 31.83 0.85 46.71
N ALA H 60 32.83 0.94 47.57
CA ALA H 60 33.79 2.02 47.46
C ALA H 60 34.68 1.89 46.21
N GLY H 61 34.53 0.82 45.43
CA GLY H 61 35.21 0.69 44.14
C GLY H 61 36.56 0.03 44.31
N GLY H 62 37.43 0.19 43.32
CA GLY H 62 38.79 -0.32 43.38
C GLY H 62 39.72 0.57 44.21
N ASP H 63 40.74 -0.05 44.81
CA ASP H 63 41.78 0.63 45.61
C ASP H 63 42.61 1.70 44.81
N PHE H 64 42.42 2.99 45.08
CA PHE H 64 43.07 4.06 44.26
C PHE H 64 44.60 4.16 44.38
N ASN H 65 45.15 3.88 45.56
CA ASN H 65 46.61 3.90 45.69
C ASN H 65 47.26 2.64 45.12
N GLU H 66 46.48 1.56 45.08
CA GLU H 66 46.88 0.32 44.44
C GLU H 66 46.90 0.52 42.90
N VAL H 67 45.95 1.31 42.38
CA VAL H 67 45.92 1.65 40.95
C VAL H 67 47.16 2.46 40.52
N LYS H 68 47.72 3.24 41.44
CA LYS H 68 48.95 4.00 41.14
C LYS H 68 50.21 3.15 41.25
N GLN H 69 50.11 1.99 41.89
CA GLN H 69 51.25 1.06 41.99
C GLN H 69 51.45 0.28 40.68
N LEU H 70 50.48 0.37 39.76
CA LEU H 70 50.59 -0.24 38.43
C LEU H 70 51.70 0.45 37.63
N SER H 71 52.83 -0.26 37.55
CA SER H 71 54.04 0.21 36.87
C SER H 71 54.49 -0.87 35.91
N ARG H 72 53.53 -1.43 35.17
CA ARG H 72 53.82 -2.52 34.23
C ARG H 72 52.66 -2.69 33.27
N SER H 73 52.96 -3.05 32.03
CA SER H 73 51.92 -3.19 31.01
C SER H 73 50.94 -4.33 31.33
N GLU H 74 51.51 -5.48 31.71
CA GLU H 74 50.75 -6.70 32.03
C GLU H 74 49.73 -6.44 33.14
N ASP H 75 50.19 -5.65 34.13
CA ASP H 75 49.41 -5.21 35.28
C ASP H 75 48.23 -4.32 34.85
N ILE H 76 48.51 -3.28 34.06
CA ILE H 76 47.49 -2.31 33.66
C ILE H 76 46.38 -3.04 32.93
N GLU H 77 46.75 -3.93 32.01
CA GLU H 77 45.81 -4.56 31.07
C GLU H 77 44.90 -5.59 31.76
N GLU H 78 45.52 -6.58 32.39
CA GLU H 78 44.86 -7.43 33.37
C GLU H 78 43.77 -6.71 34.13
N TRP H 79 44.08 -5.51 34.63
CA TRP H 79 43.16 -4.72 35.46
C TRP H 79 41.99 -4.10 34.67
N ILE H 80 42.28 -3.58 33.48
CA ILE H 80 41.26 -3.09 32.57
C ILE H 80 40.27 -4.19 32.22
N ASP H 81 40.81 -5.34 31.85
CA ASP H 81 40.01 -6.53 31.53
C ASP H 81 39.08 -6.91 32.68
N ARG H 82 39.61 -6.91 33.89
CA ARG H 82 38.84 -7.22 35.07
C ARG H 82 37.65 -6.33 35.22
N VAL H 83 37.92 -5.04 35.06
CA VAL H 83 36.92 -4.02 35.25
C VAL H 83 35.79 -4.20 34.26
N ILE H 84 36.13 -4.34 32.99
CA ILE H 84 35.14 -4.49 31.94
C ILE H 84 34.43 -5.82 32.06
N ASP H 85 35.15 -6.89 32.37
CA ASP H 85 34.55 -8.21 32.56
C ASP H 85 33.50 -8.20 33.64
N LEU H 86 33.78 -7.49 34.72
CA LEU H 86 32.81 -7.32 35.82
C LEU H 86 31.49 -6.73 35.34
N TYR H 87 31.59 -5.67 34.54
CA TYR H 87 30.43 -4.95 34.07
C TYR H 87 29.67 -5.72 33.03
N GLN H 88 30.40 -6.39 32.14
CA GLN H 88 29.77 -7.26 31.18
C GLN H 88 28.97 -8.38 31.87
N ALA H 89 29.54 -8.92 32.93
CA ALA H 89 28.87 -9.98 33.65
C ALA H 89 27.46 -9.54 34.04
N VAL H 90 27.31 -8.29 34.47
CA VAL H 90 26.00 -7.74 34.85
C VAL H 90 25.10 -7.57 33.63
N LEU H 91 25.67 -6.99 32.58
CA LEU H 91 24.94 -6.68 31.36
C LEU H 91 24.44 -7.94 30.63
N ASN H 92 25.13 -9.07 30.83
CA ASN H 92 24.81 -10.34 30.19
C ASN H 92 23.85 -11.25 30.97
N VAL H 93 23.37 -10.75 32.12
CA VAL H 93 22.29 -11.39 32.84
C VAL H 93 21.05 -10.97 32.14
N ASN H 94 20.31 -11.95 31.61
CA ASN H 94 19.15 -11.60 30.79
C ASN H 94 17.83 -11.58 31.51
N LYS H 95 17.92 -11.77 32.83
CA LYS H 95 16.80 -11.58 33.72
C LYS H 95 16.89 -10.15 34.26
N PRO H 96 15.76 -9.63 34.77
CA PRO H 96 15.79 -8.32 35.48
C PRO H 96 16.91 -8.23 36.55
N THR H 97 17.66 -7.13 36.54
CA THR H 97 18.66 -6.89 37.58
C THR H 97 18.38 -5.55 38.26
N ILE H 98 18.50 -5.58 39.59
CA ILE H 98 18.24 -4.41 40.42
C ILE H 98 19.39 -4.20 41.39
N ALA H 99 19.92 -2.97 41.41
CA ALA H 99 20.96 -2.54 42.34
C ALA H 99 20.30 -1.82 43.47
N ALA H 100 20.58 -2.25 44.69
CA ALA H 100 20.12 -1.58 45.91
C ALA H 100 21.30 -0.92 46.58
N VAL H 101 21.43 0.38 46.37
CA VAL H 101 22.63 1.12 46.74
C VAL H 101 22.46 1.86 48.06
N ASP H 102 23.25 1.43 49.06
CA ASP H 102 23.32 2.11 50.32
C ASP H 102 24.80 2.47 50.55
N GLY H 103 25.06 3.36 51.50
CA GLY H 103 26.39 3.87 51.72
C GLY H 103 26.95 4.49 50.43
N TYR H 104 28.19 4.17 50.12
CA TYR H 104 28.89 4.75 48.98
C TYR H 104 28.94 3.83 47.78
N ALA H 105 28.72 4.44 46.61
CA ALA H 105 28.99 3.85 45.32
C ALA H 105 30.00 4.78 44.66
N ILE H 106 31.28 4.40 44.73
CA ILE H 106 32.40 5.25 44.31
C ILE H 106 33.19 4.61 43.19
N GLY H 107 33.40 5.35 42.10
CA GLY H 107 34.22 4.87 41.00
C GLY H 107 33.66 3.61 40.38
N MET H 108 34.39 2.51 40.44
CA MET H 108 33.90 1.23 39.97
C MET H 108 32.57 0.82 40.56
N GLY H 109 32.31 1.24 41.81
CA GLY H 109 31.01 1.03 42.45
C GLY H 109 29.86 1.73 41.77
N PHE H 110 30.14 2.96 41.36
CA PHE H 110 29.24 3.82 40.62
C PHE H 110 29.04 3.24 39.21
N GLN H 111 30.14 2.89 38.56
CA GLN H 111 30.10 2.28 37.24
C GLN H 111 29.36 0.94 37.24
N PHE H 112 29.65 0.13 38.23
CA PHE H 112 28.97 -1.14 38.44
C PHE H 112 27.45 -0.99 38.53
N ALA H 113 27.01 -0.03 39.32
CA ALA H 113 25.57 0.25 39.49
C ALA H 113 24.85 0.65 38.24
N LEU H 114 25.54 1.30 37.32
CA LEU H 114 24.97 1.71 36.03
C LEU H 114 24.70 0.57 35.07
N MET H 115 25.18 -0.63 35.37
CA MET H 115 25.01 -1.83 34.54
C MET H 115 23.66 -2.49 34.81
N PHE H 116 23.04 -2.14 35.93
CA PHE H 116 21.78 -2.78 36.36
C PHE H 116 20.64 -2.14 35.66
N ASP H 117 19.57 -2.90 35.47
CA ASP H 117 18.38 -2.38 34.79
C ASP H 117 17.73 -1.25 35.56
N GLN H 118 17.75 -1.36 36.87
CA GLN H 118 17.20 -0.32 37.72
C GLN H 118 18.08 -0.19 38.95
N ARG H 119 18.06 1.02 39.52
CA ARG H 119 18.81 1.35 40.72
C ARG H 119 17.86 2.00 41.73
N LEU H 120 17.87 1.49 42.96
CA LEU H 120 17.30 2.22 44.09
C LEU H 120 18.42 2.58 45.00
N MET H 121 18.32 3.73 45.63
CA MET H 121 19.30 4.10 46.63
C MET H 121 18.64 4.53 47.92
N ALA H 122 19.41 4.44 48.99
CA ALA H 122 18.95 4.93 50.28
C ALA H 122 19.09 6.45 50.28
N SER H 123 18.23 7.11 51.05
CA SER H 123 18.21 8.55 51.10
C SER H 123 19.50 9.10 51.68
N THR H 124 20.27 8.24 52.35
CA THR H 124 21.54 8.63 52.97
C THR H 124 22.77 8.11 52.22
N ALA H 125 22.52 7.58 51.01
CA ALA H 125 23.57 7.05 50.17
C ALA H 125 24.20 8.16 49.29
N ASN H 126 25.36 7.85 48.72
CA ASN H 126 26.12 8.79 47.88
C ASN H 126 26.76 8.09 46.72
N PHE H 127 26.62 8.63 45.53
CA PHE H 127 27.37 8.21 44.35
C PHE H 127 28.53 9.19 44.16
N VAL H 128 29.71 8.69 43.81
CA VAL H 128 30.88 9.55 43.57
C VAL H 128 31.72 9.01 42.42
N MET H 129 32.19 9.91 41.55
CA MET H 129 33.13 9.55 40.49
C MET H 129 34.35 10.50 40.62
N PRO H 130 35.13 10.31 41.70
CA PRO H 130 36.17 11.27 42.05
C PRO H 130 37.55 10.99 41.44
N GLU H 131 37.62 10.09 40.47
CA GLU H 131 38.89 9.61 39.92
C GLU H 131 39.86 10.74 39.64
N LEU H 132 39.42 11.74 38.87
CA LEU H 132 40.31 12.83 38.42
C LEU H 132 40.88 13.63 39.58
N LYS H 133 40.04 13.90 40.57
CA LYS H 133 40.48 14.59 41.79
C LYS H 133 41.61 13.84 42.49
N HIS H 134 41.64 12.52 42.34
CA HIS H 134 42.65 11.69 42.97
C HIS H 134 43.80 11.24 42.06
N GLY H 135 43.83 11.78 40.84
CA GLY H 135 44.89 11.46 39.88
C GLY H 135 44.73 10.09 39.27
N ILE H 136 43.48 9.62 39.21
CA ILE H 136 43.15 8.35 38.59
C ILE H 136 42.44 8.66 37.26
N GLY H 137 42.83 7.95 36.20
CA GLY H 137 42.15 8.08 34.92
C GLY H 137 40.68 7.73 35.03
N CYS H 138 39.86 8.47 34.33
CA CYS H 138 38.42 8.20 34.39
C CYS H 138 37.82 7.87 33.02
N SER H 139 38.63 7.38 32.10
CA SER H 139 38.15 7.21 30.74
C SER H 139 37.08 6.10 30.68
N VAL H 140 37.16 5.11 31.56
CA VAL H 140 36.13 4.03 31.60
C VAL H 140 34.81 4.54 32.16
N GLY H 141 34.89 5.26 33.28
CA GLY H 141 33.74 5.92 33.89
C GLY H 141 33.08 6.91 32.98
N ALA H 142 33.89 7.64 32.22
CA ALA H 142 33.41 8.63 31.28
C ALA H 142 32.66 7.98 30.13
N ALA H 143 33.21 6.90 29.58
CA ALA H 143 32.60 6.20 28.49
C ALA H 143 31.24 5.65 28.93
N ILE H 144 31.20 5.08 30.13
CA ILE H 144 29.98 4.48 30.65
C ILE H 144 28.88 5.52 30.87
N LEU H 145 29.22 6.62 31.52
CA LEU H 145 28.27 7.61 31.89
C LEU H 145 27.77 8.37 30.71
N GLY H 146 28.69 8.62 29.78
CA GLY H 146 28.33 9.22 28.53
C GLY H 146 27.34 8.37 27.73
N PHE H 147 27.49 7.08 27.78
CA PHE H 147 26.54 6.18 27.17
C PHE H 147 25.18 6.19 27.92
N THR H 148 25.24 6.09 29.23
CA THR H 148 24.03 5.92 30.03
C THR H 148 23.26 7.20 30.20
N HIS H 149 23.98 8.32 30.40
CA HIS H 149 23.38 9.60 30.74
C HIS H 149 23.70 10.76 29.82
N GLY H 150 24.43 10.49 28.76
CA GLY H 150 24.77 11.48 27.78
C GLY H 150 26.03 12.28 28.11
N PHE H 151 26.53 12.98 27.10
CA PHE H 151 27.83 13.62 27.16
C PHE H 151 27.96 14.71 28.23
N SER H 152 27.04 15.68 28.25
CA SER H 152 27.16 16.84 29.13
C SER H 152 26.96 16.50 30.60
N THR H 153 26.06 15.56 30.91
CA THR H 153 25.91 15.06 32.26
C THR H 153 27.18 14.36 32.73
N MET H 154 27.76 13.54 31.87
CA MET H 154 28.98 12.86 32.17
C MET H 154 30.11 13.84 32.45
N GLN H 155 30.26 14.86 31.60
CA GLN H 155 31.31 15.87 31.79
C GLN H 155 31.17 16.53 33.15
N GLU H 156 29.96 16.92 33.49
CA GLU H 156 29.70 17.58 34.78
C GLU H 156 30.15 16.67 35.93
N ILE H 157 29.74 15.42 35.87
CA ILE H 157 29.98 14.49 36.97
C ILE H 157 31.49 14.17 37.14
N ILE H 158 32.16 13.83 36.05
CA ILE H 158 33.56 13.45 36.12
C ILE H 158 34.51 14.63 36.38
N TYR H 159 34.12 15.84 36.01
CA TYR H 159 35.00 17.00 36.16
C TYR H 159 34.76 17.75 37.47
N GLN H 160 33.60 17.55 38.10
CA GLN H 160 33.31 18.15 39.36
C GLN H 160 33.70 17.26 40.54
N CYS H 161 33.67 15.94 40.35
CA CYS H 161 34.09 15.00 41.40
C CYS H 161 33.41 15.24 42.75
N GLN H 162 32.12 15.51 42.70
CA GLN H 162 31.34 15.79 43.88
C GLN H 162 30.67 14.50 44.39
N SER H 163 30.42 14.47 45.70
CA SER H 163 29.56 13.45 46.30
C SER H 163 28.14 13.76 45.90
N LEU H 164 27.50 12.81 45.24
CA LEU H 164 26.14 12.98 44.75
C LEU H 164 25.18 12.33 45.71
N ASP H 165 24.47 13.15 46.49
CA ASP H 165 23.49 12.64 47.44
C ASP H 165 22.17 12.28 46.75
N ALA H 166 21.23 11.74 47.51
CA ALA H 166 20.01 11.21 46.93
C ALA H 166 19.29 12.23 46.00
N PRO H 167 19.01 13.46 46.48
CA PRO H 167 18.38 14.47 45.61
C PRO H 167 19.18 14.78 44.35
N ARG H 168 20.50 14.78 44.45
CA ARG H 168 21.35 15.05 43.29
C ARG H 168 21.28 13.93 42.27
N CYS H 169 21.23 12.69 42.78
CA CYS H 169 21.07 11.49 41.97
C CYS H 169 19.67 11.39 41.30
N VAL H 170 18.63 11.84 41.99
CA VAL H 170 17.30 11.95 41.39
C VAL H 170 17.31 12.98 40.25
N ASP H 171 17.90 14.13 40.50
CA ASP H 171 18.07 15.18 39.49
C ASP H 171 18.81 14.69 38.23
N TYR H 172 19.88 13.92 38.41
CA TYR H 172 20.62 13.37 37.28
C TYR H 172 19.98 12.13 36.70
N ARG H 173 18.92 11.62 37.33
CA ARG H 173 18.28 10.38 36.90
C ARG H 173 19.20 9.20 37.00
N LEU H 174 20.04 9.19 38.06
CA LEU H 174 20.98 8.09 38.26
C LEU H 174 20.29 6.93 38.96
N VAL H 175 19.16 7.22 39.56
CA VAL H 175 18.43 6.22 40.31
C VAL H 175 16.95 6.35 39.99
N ASN H 176 16.23 5.27 40.22
CA ASN H 176 14.82 5.16 39.89
C ASN H 176 13.99 5.42 41.09
N GLN H 177 14.54 5.16 42.27
CA GLN H 177 13.83 5.37 43.52
C GLN H 177 14.80 5.72 44.65
N VAL H 178 14.31 6.51 45.60
CA VAL H 178 15.02 6.78 46.86
C VAL H 178 14.14 6.34 48.01
N VAL H 179 14.70 5.54 48.93
CA VAL H 179 13.98 5.13 50.16
C VAL H 179 14.91 5.14 51.36
N GLU H 180 14.37 4.93 52.53
CA GLU H 180 15.17 4.86 53.75
C GLU H 180 15.98 3.57 53.76
N SER H 181 17.19 3.64 54.30
CA SER H 181 18.08 2.47 54.32
C SER H 181 17.34 1.21 54.76
N SER H 182 16.51 1.34 55.80
CA SER H 182 15.83 0.18 56.38
C SER H 182 14.76 -0.41 55.47
N ALA H 183 14.32 0.37 54.49
CA ALA H 183 13.28 -0.05 53.55
C ALA H 183 13.86 -0.42 52.17
N LEU H 184 15.17 -0.21 51.99
CA LEU H 184 15.81 -0.33 50.70
C LEU H 184 15.79 -1.71 50.10
N LEU H 185 16.22 -2.71 50.86
CA LEU H 185 16.37 -4.03 50.29
C LEU H 185 14.99 -4.58 49.93
N ASP H 186 13.99 -4.33 50.77
CA ASP H 186 12.64 -4.78 50.46
C ASP H 186 12.02 -4.06 49.26
N ALA H 187 12.29 -2.77 49.13
CA ALA H 187 11.87 -2.00 47.96
C ALA H 187 12.46 -2.55 46.66
N ALA H 188 13.72 -2.96 46.74
CA ALA H 188 14.45 -3.53 45.60
C ALA H 188 13.93 -4.91 45.22
N ILE H 189 13.71 -5.76 46.22
CA ILE H 189 13.09 -7.05 46.02
C ILE H 189 11.68 -6.92 45.44
N THR H 190 10.91 -5.96 45.94
CA THR H 190 9.56 -5.70 45.40
C THR H 190 9.61 -5.38 43.89
N GLN H 191 10.50 -4.48 43.50
CA GLN H 191 10.72 -4.14 42.10
C GLN H 191 11.15 -5.33 41.27
N ALA H 192 12.02 -6.16 41.84
CA ALA H 192 12.49 -7.36 41.20
C ALA H 192 11.33 -8.35 40.95
N HIS H 193 10.40 -8.44 41.90
CA HIS H 193 9.20 -9.28 41.72
C HIS H 193 8.30 -8.76 40.59
N VAL H 194 8.16 -7.43 40.51
CA VAL H 194 7.38 -6.80 39.44
C VAL H 194 7.97 -7.10 38.05
N MET H 195 9.28 -6.93 37.89
CA MET H 195 9.92 -7.21 36.62
C MET H 195 9.99 -8.73 36.30
N ALA H 196 10.14 -9.54 37.33
CA ALA H 196 10.11 -10.99 37.19
C ALA H 196 8.77 -11.49 36.70
N SER H 197 7.71 -10.75 36.93
CA SER H 197 6.36 -11.13 36.46
C SER H 197 6.15 -10.84 34.96
N TYR H 198 7.00 -10.02 34.36
CA TYR H 198 6.98 -9.82 32.91
C TYR H 198 7.32 -11.14 32.24
N PRO H 199 6.46 -11.61 31.31
CA PRO H 199 6.83 -12.78 30.54
C PRO H 199 8.31 -12.78 30.09
N ALA H 200 8.98 -13.88 30.37
CA ALA H 200 10.44 -13.98 30.31
C ALA H 200 10.99 -13.89 28.90
N SER H 201 10.33 -14.54 27.96
CA SER H 201 10.80 -14.56 26.60
C SER H 201 10.88 -13.15 25.98
N ALA H 202 9.79 -12.39 26.06
CA ALA H 202 9.78 -11.03 25.55
C ALA H 202 10.77 -10.15 26.32
N PHE H 203 10.91 -10.36 27.63
CA PHE H 203 11.86 -9.57 28.45
C PHE H 203 13.33 -9.83 28.07
N ILE H 204 13.69 -11.10 28.01
CA ILE H 204 15.03 -11.54 27.64
C ILE H 204 15.45 -11.06 26.26
N ASN H 205 14.57 -11.17 25.29
CA ASN H 205 14.90 -10.76 23.96
C ASN H 205 15.00 -9.25 23.83
N THR H 206 14.15 -8.53 24.56
CA THR H 206 14.21 -7.11 24.62
C THR H 206 15.51 -6.66 25.27
N LYS H 207 15.79 -7.17 26.45
CA LYS H 207 16.97 -6.77 27.19
C LYS H 207 18.27 -7.04 26.43
N ARG H 208 18.35 -8.13 25.68
CA ARG H 208 19.52 -8.43 24.81
C ARG H 208 19.71 -7.33 23.78
N ALA H 209 18.62 -6.92 23.13
CA ALA H 209 18.65 -5.84 22.15
C ALA H 209 19.01 -4.48 22.79
N VAL H 210 18.49 -4.23 23.99
CA VAL H 210 18.76 -3.02 24.77
C VAL H 210 20.22 -2.92 25.21
N ASN H 211 20.73 -4.01 25.76
CA ASN H 211 22.08 -4.01 26.32
C ASN H 211 23.20 -4.21 25.30
N LYS H 212 22.87 -4.72 24.11
CA LYS H 212 23.85 -5.00 23.07
C LYS H 212 24.77 -3.81 22.75
N PRO H 213 24.20 -2.64 22.48
CA PRO H 213 25.07 -1.46 22.28
C PRO H 213 25.92 -1.05 23.50
N PHE H 214 25.44 -1.34 24.70
CA PHE H 214 26.16 -1.06 25.93
C PHE H 214 27.36 -2.01 26.04
N ILE H 215 27.10 -3.28 25.79
CA ILE H 215 28.12 -4.28 25.76
C ILE H 215 29.17 -3.96 24.70
N HIS H 216 28.73 -3.51 23.53
CA HIS H 216 29.66 -3.17 22.45
C HIS H 216 30.50 -1.95 22.84
N LEU H 217 29.88 -0.94 23.46
CA LEU H 217 30.58 0.20 23.97
C LEU H 217 31.68 -0.21 24.96
N LEU H 218 31.35 -1.09 25.90
CA LEU H 218 32.33 -1.51 26.89
C LEU H 218 33.52 -2.24 26.27
N GLU H 219 33.26 -3.01 25.24
CA GLU H 219 34.30 -3.75 24.51
C GLU H 219 35.23 -2.78 23.72
N GLN H 220 34.65 -1.74 23.12
CA GLN H 220 35.44 -0.69 22.49
C GLN H 220 36.26 0.02 23.52
N THR H 221 35.67 0.25 24.69
CA THR H 221 36.39 0.93 25.77
C THR H 221 37.57 0.07 26.28
N ARG H 222 37.34 -1.23 26.43
CA ARG H 222 38.39 -2.19 26.81
C ARG H 222 39.57 -2.02 25.88
N ASP H 223 39.30 -2.03 24.58
CA ASP H 223 40.35 -1.98 23.59
C ASP H 223 41.00 -0.57 23.51
N ALA H 224 40.23 0.50 23.66
CA ALA H 224 40.76 1.86 23.62
C ALA H 224 41.63 2.19 24.85
N SER H 225 41.15 1.86 26.06
CA SER H 225 41.94 2.01 27.28
C SER H 225 43.32 1.29 27.19
N LYS H 226 43.35 0.11 26.55
CA LYS H 226 44.55 -0.71 26.41
C LYS H 226 45.56 -0.21 25.35
N ALA H 227 45.02 0.21 24.20
CA ALA H 227 45.85 0.74 23.15
C ALA H 227 46.52 1.97 23.67
N VAL H 228 45.77 2.83 24.38
CA VAL H 228 46.32 4.05 24.96
C VAL H 228 47.52 3.79 25.85
N HIS H 229 47.37 2.86 26.78
CA HIS H 229 48.47 2.48 27.69
C HIS H 229 49.66 1.81 27.03
N LYS H 230 49.58 1.61 25.71
CA LYS H 230 50.77 1.40 24.92
C LYS H 230 51.23 2.75 24.29
N ALA H 231 51.37 3.76 25.14
CA ALA H 231 52.17 4.96 24.85
C ALA H 231 53.65 4.67 25.14
N MET I 1 -9.79 6.20 6.71
CA MET I 1 -9.46 6.09 8.18
C MET I 1 -8.71 7.30 8.73
N VAL I 2 -8.62 8.36 7.94
CA VAL I 2 -8.15 9.65 8.44
C VAL I 2 -8.99 10.70 7.76
N PHE I 3 -9.11 11.88 8.35
CA PHE I 3 -9.52 13.02 7.56
C PHE I 3 -8.42 14.05 7.50
N GLU I 4 -8.44 14.80 6.41
CA GLU I 4 -7.41 15.78 6.10
C GLU I 4 -8.08 17.10 6.01
N GLU I 5 -7.56 18.05 6.76
CA GLU I 5 -8.09 19.41 6.77
C GLU I 5 -6.96 20.38 6.68
N ASN I 6 -7.28 21.60 6.31
CA ASN I 6 -6.27 22.63 6.16
C ASN I 6 -6.58 23.88 6.96
N SER I 7 -5.57 24.34 7.68
CA SER I 7 -5.57 25.68 8.23
C SER I 7 -4.50 26.44 7.42
N ASP I 8 -4.94 26.96 6.29
CA ASP I 8 -4.06 27.56 5.30
C ASP I 8 -2.94 26.58 4.91
N GLU I 9 -1.70 26.91 5.24
CA GLU I 9 -0.55 26.11 4.81
C GLU I 9 -0.30 24.89 5.72
N VAL I 10 -1.10 24.79 6.78
CA VAL I 10 -1.00 23.70 7.74
C VAL I 10 -2.01 22.60 7.39
N ARG I 11 -1.51 21.40 7.07
CA ARG I 11 -2.36 20.24 6.87
C ARG I 11 -2.56 19.53 8.18
N VAL I 12 -3.82 19.35 8.54
CA VAL I 12 -4.20 18.61 9.73
C VAL I 12 -4.75 17.23 9.36
N ILE I 13 -4.08 16.20 9.84
CA ILE I 13 -4.50 14.82 9.63
C ILE I 13 -5.05 14.28 10.94
N THR I 14 -6.34 13.93 10.91
CA THR I 14 -6.98 13.39 12.07
C THR I 14 -7.21 11.93 11.87
N LEU I 15 -6.69 11.14 12.79
CA LEU I 15 -6.86 9.71 12.76
C LEU I 15 -8.32 9.41 13.06
N ASP I 16 -8.90 8.51 12.25
CA ASP I 16 -10.32 8.24 12.27
C ASP I 16 -10.61 6.71 12.10
N HIS I 17 -9.90 5.88 12.88
CA HIS I 17 -10.28 4.49 13.02
C HIS I 17 -11.70 4.42 13.57
N PRO I 18 -12.50 3.41 13.15
CA PRO I 18 -13.77 3.24 13.84
C PRO I 18 -13.71 3.20 15.36
N ASN I 19 -12.68 2.58 15.95
CA ASN I 19 -12.48 2.63 17.39
C ASN I 19 -11.85 3.96 17.81
N LYS I 20 -12.41 4.59 18.85
CA LYS I 20 -11.98 5.91 19.32
C LYS I 20 -10.53 5.97 19.86
N HIS I 21 -9.90 4.82 20.10
CA HIS I 21 -8.50 4.80 20.54
C HIS I 21 -7.47 4.66 19.42
N ASN I 22 -7.94 4.67 18.18
CA ASN I 22 -7.07 4.73 16.99
C ASN I 22 -5.97 3.68 17.03
N PRO I 23 -6.37 2.41 17.21
CA PRO I 23 -5.41 1.34 17.13
C PRO I 23 -4.78 1.27 15.75
N PHE I 24 -3.49 1.00 15.71
CA PHE I 24 -2.79 0.87 14.44
C PHE I 24 -3.04 -0.49 13.86
N SER I 25 -4.17 -0.60 13.17
CA SER I 25 -4.46 -1.68 12.29
C SER I 25 -3.69 -1.42 11.00
N ARG I 26 -3.65 -2.45 10.15
CA ARG I 26 -2.98 -2.37 8.89
C ARG I 26 -3.55 -1.20 8.06
N THR I 27 -4.88 -1.09 8.00
CA THR I 27 -5.63 -0.02 7.31
C THR I 27 -5.29 1.38 7.82
N LEU I 28 -5.32 1.58 9.14
CA LEU I 28 -4.97 2.91 9.67
C LEU I 28 -3.51 3.31 9.36
N GLU I 29 -2.60 2.34 9.45
CA GLU I 29 -1.21 2.61 9.07
C GLU I 29 -1.09 3.04 7.61
N THR I 30 -1.80 2.36 6.71
CA THR I 30 -1.80 2.70 5.30
C THR I 30 -2.38 4.10 5.04
N SER I 31 -3.52 4.42 5.64
CA SER I 31 -4.16 5.73 5.48
C SER I 31 -3.26 6.87 5.94
N VAL I 32 -2.60 6.64 7.07
CA VAL I 32 -1.71 7.59 7.68
C VAL I 32 -0.47 7.79 6.81
N LYS I 33 0.14 6.70 6.37
CA LYS I 33 1.32 6.79 5.49
C LYS I 33 0.95 7.53 4.21
N ASP I 34 -0.18 7.21 3.61
CA ASP I 34 -0.62 7.85 2.38
C ASP I 34 -0.92 9.35 2.55
N ALA I 35 -1.56 9.70 3.66
CA ALA I 35 -1.88 11.10 3.97
C ALA I 35 -0.61 11.96 4.16
N LEU I 36 0.38 11.36 4.81
CA LEU I 36 1.70 11.98 5.07
C LEU I 36 2.47 12.19 3.75
N ALA I 37 2.36 11.22 2.87
CA ALA I 37 3.01 11.27 1.55
C ALA I 37 2.38 12.33 0.69
N ARG I 38 1.07 12.43 0.77
CA ARG I 38 0.36 13.48 0.08
C ARG I 38 0.73 14.88 0.60
N ALA I 39 0.79 15.01 1.92
CA ALA I 39 1.16 16.26 2.57
C ALA I 39 2.57 16.70 2.14
N ASN I 40 3.49 15.76 2.05
CA ASN I 40 4.87 16.06 1.76
C ASN I 40 5.07 16.47 0.29
N ALA I 41 4.22 15.95 -0.59
CA ALA I 41 4.35 16.22 -2.03
C ALA I 41 3.53 17.43 -2.47
N ASP I 42 2.54 17.81 -1.66
CA ASP I 42 1.69 18.97 -1.90
C ASP I 42 2.41 20.29 -1.53
N ASP I 43 2.72 21.11 -2.53
CA ASP I 43 3.49 22.34 -2.34
C ASP I 43 2.74 23.39 -1.55
N SER I 44 1.42 23.27 -1.49
CA SER I 44 0.60 24.19 -0.73
C SER I 44 0.63 23.91 0.77
N VAL I 45 1.21 22.77 1.14
CA VAL I 45 1.31 22.38 2.52
C VAL I 45 2.72 22.70 2.99
N ARG I 46 2.84 23.47 4.08
CA ARG I 46 4.16 23.82 4.62
C ARG I 46 4.40 23.27 6.04
N ALA I 47 3.38 22.69 6.64
CA ALA I 47 3.54 22.04 7.94
C ALA I 47 2.41 21.05 8.12
N VAL I 48 2.60 20.08 9.01
CA VAL I 48 1.66 19.02 9.18
C VAL I 48 1.39 18.77 10.68
N VAL I 49 0.12 18.65 11.00
CA VAL I 49 -0.31 18.27 12.35
C VAL I 49 -1.02 16.90 12.26
N VAL I 50 -0.66 15.99 13.15
CA VAL I 50 -1.37 14.72 13.29
C VAL I 50 -2.01 14.68 14.69
N TYR I 51 -3.31 14.37 14.70
CA TYR I 51 -4.18 14.46 15.86
C TYR I 51 -5.10 13.26 15.85
N GLY I 52 -5.35 12.67 17.01
CA GLY I 52 -6.28 11.54 17.13
C GLY I 52 -7.76 11.92 17.04
N GLY I 53 -8.06 13.20 17.18
CA GLY I 53 -9.43 13.65 17.21
C GLY I 53 -9.94 13.99 18.60
N ALA I 54 -11.01 14.77 18.63
CA ALA I 54 -11.61 15.18 19.89
C ALA I 54 -12.23 13.98 20.60
N GLU I 55 -11.91 13.88 21.89
CA GLU I 55 -12.37 12.78 22.75
C GLU I 55 -12.02 11.42 22.18
N ARG I 56 -10.82 11.35 21.60
CA ARG I 56 -10.24 10.10 21.11
C ARG I 56 -8.83 10.03 21.63
N SER I 57 -8.19 8.89 21.48
CA SER I 57 -6.78 8.74 21.80
C SER I 57 -5.97 9.00 20.55
N PHE I 58 -4.74 9.49 20.76
CA PHE I 58 -3.76 9.62 19.71
C PHE I 58 -3.60 8.26 19.03
N SER I 59 -3.19 7.24 19.81
CA SER I 59 -3.25 5.84 19.37
C SER I 59 -2.90 4.92 20.50
N ALA I 60 -3.82 3.99 20.78
CA ALA I 60 -3.57 2.87 21.68
C ALA I 60 -2.53 1.85 21.13
N GLY I 61 -2.03 2.06 19.91
CA GLY I 61 -0.97 1.26 19.33
C GLY I 61 -1.49 0.06 18.59
N GLY I 62 -0.62 -0.91 18.37
CA GLY I 62 -1.01 -2.17 17.74
C GLY I 62 -1.70 -3.11 18.70
N ASP I 63 -2.52 -4.03 18.18
CA ASP I 63 -3.24 -4.97 19.06
C ASP I 63 -2.25 -6.01 19.56
N PHE I 64 -2.01 -6.06 20.87
CA PHE I 64 -1.02 -6.99 21.44
C PHE I 64 -1.41 -8.47 21.25
N ASN I 65 -2.70 -8.77 21.13
CA ASN I 65 -3.10 -10.17 20.87
C ASN I 65 -2.71 -10.62 19.46
N GLU I 66 -2.96 -9.75 18.48
CA GLU I 66 -2.43 -9.95 17.15
C GLU I 66 -0.97 -10.39 17.27
N VAL I 67 -0.16 -9.56 17.96
CA VAL I 67 1.28 -9.78 18.07
C VAL I 67 1.60 -11.15 18.71
N LYS I 68 0.92 -11.47 19.81
CA LYS I 68 1.16 -12.73 20.49
C LYS I 68 0.89 -13.96 19.63
N GLN I 69 0.06 -13.81 18.61
CA GLN I 69 -0.40 -14.97 17.87
C GLN I 69 0.29 -15.13 16.51
N LEU I 70 1.34 -14.36 16.25
CA LEU I 70 2.01 -14.38 14.95
C LEU I 70 2.54 -15.77 14.50
N ARG I 72 4.05 -17.79 12.82
CA ARG I 72 5.25 -18.06 12.02
C ARG I 72 6.21 -16.85 11.99
N SER I 73 7.40 -17.04 11.42
CA SER I 73 8.50 -16.05 11.48
C SER I 73 8.47 -15.01 10.35
N GLU I 74 8.11 -15.43 9.14
CA GLU I 74 7.82 -14.50 8.05
C GLU I 74 6.79 -13.48 8.50
N ASP I 75 5.83 -13.93 9.31
CA ASP I 75 4.77 -13.07 9.85
C ASP I 75 5.32 -12.03 10.80
N ILE I 76 6.26 -12.44 11.65
CA ILE I 76 6.91 -11.48 12.58
C ILE I 76 7.61 -10.38 11.81
N GLU I 77 8.29 -10.84 10.76
CA GLU I 77 9.11 -10.00 9.93
C GLU I 77 8.33 -8.95 9.16
N GLU I 78 7.13 -9.30 8.69
CA GLU I 78 6.32 -8.40 7.89
C GLU I 78 5.83 -7.30 8.82
N TRP I 79 5.29 -7.71 9.95
CA TRP I 79 4.77 -6.80 10.95
C TRP I 79 5.83 -5.79 11.38
N ILE I 80 7.04 -6.27 11.58
CA ILE I 80 8.15 -5.35 11.93
C ILE I 80 8.39 -4.34 10.83
N ASP I 81 8.37 -4.79 9.58
CA ASP I 81 8.49 -3.89 8.46
C ASP I 81 7.39 -2.82 8.45
N ARG I 82 6.12 -3.20 8.67
CA ARG I 82 5.01 -2.26 8.75
C ARG I 82 5.28 -1.22 9.82
N VAL I 83 5.75 -1.66 10.98
CA VAL I 83 6.00 -0.75 12.11
C VAL I 83 7.06 0.29 11.77
N ILE I 84 8.20 -0.18 11.25
CA ILE I 84 9.32 0.70 10.90
C ILE I 84 8.95 1.55 9.69
N ASP I 85 8.25 0.98 8.71
CA ASP I 85 7.77 1.79 7.59
C ASP I 85 6.91 2.96 8.02
N LEU I 86 5.97 2.73 8.93
CA LEU I 86 5.12 3.77 9.48
C LEU I 86 5.94 4.94 9.98
N TYR I 87 6.94 4.65 10.79
CA TYR I 87 7.77 5.68 11.46
C TYR I 87 8.67 6.40 10.46
N GLN I 88 9.23 5.63 9.52
CA GLN I 88 10.06 6.23 8.47
C GLN I 88 9.23 7.21 7.66
N ALA I 89 7.95 6.87 7.45
CA ALA I 89 7.02 7.74 6.73
C ALA I 89 6.93 9.11 7.38
N VAL I 90 6.91 9.16 8.70
CA VAL I 90 6.88 10.44 9.43
C VAL I 90 8.22 11.17 9.35
N LEU I 91 9.29 10.42 9.57
CA LEU I 91 10.62 11.02 9.56
C LEU I 91 10.98 11.55 8.18
N ASN I 92 10.41 10.98 7.11
CA ASN I 92 10.76 11.39 5.75
C ASN I 92 9.92 12.56 5.22
N VAL I 93 9.00 13.09 6.05
CA VAL I 93 8.26 14.32 5.72
C VAL I 93 9.19 15.52 5.97
N ASN I 94 9.51 16.26 4.93
CA ASN I 94 10.57 17.26 5.11
C ASN I 94 10.04 18.66 5.48
N LYS I 95 8.74 18.72 5.79
CA LYS I 95 8.09 19.90 6.34
C LYS I 95 7.90 19.66 7.82
N PRO I 96 7.79 20.74 8.61
CA PRO I 96 7.51 20.60 10.05
C PRO I 96 6.36 19.62 10.36
N THR I 97 6.58 18.74 11.34
CA THR I 97 5.53 17.83 11.77
C THR I 97 5.28 18.01 13.27
N ILE I 98 3.99 18.07 13.61
CA ILE I 98 3.54 18.26 14.98
C ILE I 98 2.56 17.16 15.34
N ALA I 99 2.80 16.50 16.46
CA ALA I 99 1.87 15.53 17.03
C ALA I 99 1.10 16.20 18.15
N ALA I 100 -0.23 16.14 18.04
CA ALA I 100 -1.15 16.64 19.08
C ALA I 100 -1.75 15.45 19.84
N VAL I 101 -1.20 15.13 21.01
CA VAL I 101 -1.56 13.90 21.71
C VAL I 101 -2.60 14.10 22.82
N ASP I 102 -3.77 13.53 22.61
CA ASP I 102 -4.78 13.49 23.65
C ASP I 102 -5.11 12.03 23.89
N GLY I 103 -5.76 11.75 25.01
CA GLY I 103 -6.04 10.39 25.43
C GLY I 103 -4.75 9.63 25.60
N TYR I 104 -4.72 8.41 25.08
CA TYR I 104 -3.56 7.52 25.20
C TYR I 104 -2.67 7.52 23.97
N ALA I 105 -1.37 7.52 24.22
CA ALA I 105 -0.36 7.15 23.25
C ALA I 105 0.39 5.95 23.85
N ILE I 106 0.00 4.74 23.43
CA ILE I 106 0.50 3.49 23.98
C ILE I 106 1.27 2.71 22.93
N GLY I 107 2.45 2.22 23.29
CA GLY I 107 3.21 1.33 22.42
C GLY I 107 3.60 2.01 21.14
N MET I 108 3.16 1.42 20.04
CA MET I 108 3.35 2.01 18.74
C MET I 108 2.85 3.46 18.69
N GLY I 109 1.79 3.79 19.43
CA GLY I 109 1.28 5.15 19.50
C GLY I 109 2.31 6.13 20.11
N PHE I 110 3.02 5.66 21.13
CA PHE I 110 4.05 6.41 21.81
C PHE I 110 5.27 6.55 20.87
N GLN I 111 5.68 5.42 20.29
CA GLN I 111 6.79 5.38 19.31
C GLN I 111 6.55 6.27 18.10
N PHE I 112 5.33 6.19 17.57
CA PHE I 112 4.89 7.06 16.46
C PHE I 112 4.98 8.58 16.79
N ALA I 113 4.53 8.97 17.97
CA ALA I 113 4.68 10.36 18.42
C ALA I 113 6.15 10.86 18.49
N LEU I 114 7.06 9.97 18.84
CA LEU I 114 8.44 10.31 18.92
C LEU I 114 9.10 10.63 17.59
N MET I 115 8.41 10.37 16.47
CA MET I 115 8.94 10.62 15.14
C MET I 115 8.68 12.06 14.66
N PHE I 116 7.78 12.77 15.36
CA PHE I 116 7.40 14.13 15.04
C PHE I 116 8.42 15.11 15.56
N ASP I 117 8.50 16.24 14.88
CA ASP I 117 9.47 17.27 15.22
C ASP I 117 9.15 17.85 16.60
N GLN I 118 7.86 17.99 16.88
CA GLN I 118 7.38 18.52 18.14
C GLN I 118 6.18 17.70 18.56
N ARG I 119 5.99 17.63 19.88
CA ARG I 119 4.82 17.02 20.51
C ARG I 119 4.18 17.96 21.47
N LEU I 120 2.85 18.11 21.38
CA LEU I 120 2.07 18.75 22.46
C LEU I 120 1.12 17.69 22.96
N MET I 121 0.85 17.67 24.25
CA MET I 121 -0.17 16.76 24.77
C MET I 121 -1.18 17.51 25.60
N ALA I 122 -2.34 16.88 25.82
CA ALA I 122 -3.32 17.40 26.74
C ALA I 122 -2.92 17.08 28.17
N SER I 123 -3.36 17.93 29.08
CA SER I 123 -3.01 17.77 30.49
C SER I 123 -3.60 16.48 31.04
N THR I 124 -4.57 15.92 30.34
CA THR I 124 -5.25 14.71 30.75
C THR I 124 -4.82 13.51 29.89
N ALA I 125 -3.81 13.67 29.04
CA ALA I 125 -3.29 12.58 28.22
C ALA I 125 -2.24 11.75 28.97
N ASN I 126 -1.98 10.56 28.44
CA ASN I 126 -1.00 9.61 28.97
C ASN I 126 -0.18 8.95 27.85
N PHE I 127 1.13 8.87 28.07
CA PHE I 127 2.02 8.06 27.27
C PHE I 127 2.33 6.79 28.04
N VAL I 128 2.38 5.67 27.34
CA VAL I 128 2.67 4.37 27.99
C VAL I 128 3.47 3.47 27.05
N MET I 129 4.50 2.81 27.60
CA MET I 129 5.23 1.78 26.88
C MET I 129 5.16 0.46 27.66
N PRO I 130 3.97 -0.18 27.66
CA PRO I 130 3.71 -1.29 28.59
C PRO I 130 4.02 -2.66 28.03
N GLU I 131 4.69 -2.72 26.89
CA GLU I 131 4.94 -3.95 26.16
C GLU I 131 5.42 -5.08 27.07
N LEU I 132 6.46 -4.85 27.86
CA LEU I 132 7.06 -5.92 28.68
C LEU I 132 6.11 -6.50 29.74
N LYS I 133 5.33 -5.62 30.37
CA LYS I 133 4.31 -6.02 31.36
C LYS I 133 3.30 -6.96 30.73
N HIS I 134 3.06 -6.78 29.43
CA HIS I 134 2.09 -7.60 28.71
C HIS I 134 2.70 -8.77 27.92
N GLY I 135 4.00 -9.02 28.08
CA GLY I 135 4.66 -10.12 27.41
C GLY I 135 4.93 -9.85 25.94
N ILE I 136 5.01 -8.59 25.58
CA ILE I 136 5.30 -8.17 24.20
C ILE I 136 6.73 -7.65 24.18
N GLY I 137 7.50 -8.07 23.18
CA GLY I 137 8.86 -7.56 22.98
C GLY I 137 8.90 -6.05 22.79
N CYS I 138 9.87 -5.38 23.39
CA CYS I 138 9.95 -3.93 23.28
C CYS I 138 11.27 -3.44 22.64
N SER I 139 11.88 -4.25 21.82
CA SER I 139 13.17 -3.90 21.31
C SER I 139 13.09 -2.70 20.32
N VAL I 140 11.98 -2.59 19.61
CA VAL I 140 11.78 -1.44 18.72
C VAL I 140 11.53 -0.17 19.56
N GLY I 141 10.63 -0.23 20.54
CA GLY I 141 10.39 0.89 21.40
C GLY I 141 11.63 1.33 22.15
N ALA I 142 12.45 0.37 22.56
CA ALA I 142 13.70 0.65 23.25
C ALA I 142 14.70 1.34 22.34
N ALA I 143 14.87 0.85 21.13
CA ALA I 143 15.82 1.46 20.22
C ALA I 143 15.48 2.93 19.98
N ILE I 144 14.18 3.21 19.84
CA ILE I 144 13.70 4.52 19.51
C ILE I 144 13.86 5.46 20.68
N LEU I 145 13.42 5.03 21.82
CA LEU I 145 13.49 5.88 23.00
C LEU I 145 14.94 6.07 23.49
N GLY I 146 15.78 5.06 23.35
CA GLY I 146 17.18 5.26 23.64
C GLY I 146 17.82 6.26 22.69
N PHE I 147 17.39 6.28 21.43
CA PHE I 147 17.89 7.23 20.48
C PHE I 147 17.41 8.67 20.79
N THR I 148 16.12 8.79 21.08
CA THR I 148 15.49 10.11 21.28
C THR I 148 15.76 10.72 22.65
N HIS I 149 15.73 9.88 23.70
CA HIS I 149 15.84 10.34 25.07
C HIS I 149 17.00 9.75 25.89
N GLY I 150 17.86 8.98 25.24
CA GLY I 150 19.01 8.41 25.90
C GLY I 150 18.70 7.12 26.67
N PHE I 151 19.78 6.44 27.03
CA PHE I 151 19.69 5.07 27.49
C PHE I 151 18.97 4.90 28.84
N SER I 152 19.35 5.68 29.84
CA SER I 152 18.78 5.49 31.17
C SER I 152 17.32 5.92 31.26
N THR I 153 16.94 6.96 30.55
CA THR I 153 15.52 7.31 30.48
C THR I 153 14.69 6.21 29.82
N MET I 154 15.22 5.69 28.71
CA MET I 154 14.62 4.59 28.03
C MET I 154 14.45 3.37 28.93
N GLN I 155 15.52 2.98 29.64
CA GLN I 155 15.43 1.85 30.58
C GLN I 155 14.31 2.03 31.58
N GLU I 156 14.26 3.22 32.16
CA GLU I 156 13.27 3.54 33.20
C GLU I 156 11.86 3.33 32.63
N ILE I 157 11.62 3.88 31.46
CA ILE I 157 10.28 3.84 30.87
C ILE I 157 9.86 2.43 30.45
N ILE I 158 10.74 1.72 29.74
CA ILE I 158 10.35 0.39 29.28
C ILE I 158 10.33 -0.69 30.38
N TYR I 159 11.03 -0.48 31.49
CA TYR I 159 11.06 -1.48 32.55
C TYR I 159 10.01 -1.24 33.62
N GLN I 160 9.60 0.02 33.75
CA GLN I 160 8.56 0.36 34.74
C GLN I 160 7.17 0.20 34.16
N CYS I 161 7.01 0.37 32.86
CA CYS I 161 5.71 0.20 32.20
C CYS I 161 4.58 1.00 32.87
N GLN I 162 4.86 2.23 33.25
CA GLN I 162 3.87 3.06 33.92
C GLN I 162 3.17 3.97 32.95
N SER I 163 1.99 4.38 33.34
CA SER I 163 1.27 5.37 32.62
C SER I 163 1.90 6.69 32.98
N LEU I 164 2.39 7.39 31.95
CA LEU I 164 3.11 8.66 32.11
C LEU I 164 2.11 9.80 31.83
N ASP I 165 1.71 10.50 32.88
CA ASP I 165 0.80 11.62 32.78
C ASP I 165 1.58 12.87 32.36
N ALA I 166 0.87 13.95 32.15
CA ALA I 166 1.46 15.15 31.60
C ALA I 166 2.72 15.60 32.37
N PRO I 167 2.61 15.83 33.68
CA PRO I 167 3.79 16.22 34.45
C PRO I 167 5.00 15.27 34.30
N ARG I 168 4.72 13.99 34.20
CA ARG I 168 5.75 13.01 34.05
C ARG I 168 6.40 13.08 32.67
N CYS I 169 5.58 13.36 31.65
CA CYS I 169 6.08 13.60 30.30
C CYS I 169 6.92 14.89 30.18
N VAL I 170 6.51 15.95 30.90
CA VAL I 170 7.30 17.15 30.97
C VAL I 170 8.66 16.83 31.62
N ASP I 171 8.66 16.14 32.72
CA ASP I 171 9.88 15.78 33.42
C ASP I 171 10.84 14.91 32.58
N TYR I 172 10.29 13.98 31.79
CA TYR I 172 11.06 13.19 30.81
C TYR I 172 11.43 13.96 29.53
N ARG I 173 10.84 15.14 29.32
CA ARG I 173 10.97 15.95 28.12
C ARG I 173 10.43 15.19 26.92
N LEU I 174 9.33 14.48 27.14
CA LEU I 174 8.69 13.72 26.07
C LEU I 174 7.84 14.60 25.20
N VAL I 175 7.46 15.75 25.74
CA VAL I 175 6.58 16.69 25.03
C VAL I 175 7.14 18.08 25.20
N ASN I 176 6.72 18.96 24.31
CA ASN I 176 7.23 20.31 24.26
C ASN I 176 6.29 21.27 24.93
N GLN I 177 4.99 20.92 25.01
CA GLN I 177 3.94 21.72 25.66
C GLN I 177 2.83 20.84 26.19
N VAL I 178 2.21 21.28 27.29
CA VAL I 178 1.01 20.66 27.82
C VAL I 178 -0.08 21.72 27.84
N VAL I 179 -1.26 21.40 27.28
CA VAL I 179 -2.41 22.32 27.31
C VAL I 179 -3.68 21.52 27.59
N GLU I 180 -4.80 22.20 27.80
CA GLU I 180 -6.08 21.53 28.01
C GLU I 180 -6.54 20.89 26.71
N SER I 181 -7.25 19.76 26.81
CA SER I 181 -7.76 19.05 25.63
C SER I 181 -8.41 20.02 24.64
N SER I 182 -9.23 20.94 25.14
CA SER I 182 -10.01 21.85 24.30
C SER I 182 -9.15 22.88 23.57
N ALA I 183 -7.92 23.07 24.03
CA ALA I 183 -7.00 24.03 23.43
C ALA I 183 -5.87 23.36 22.67
N LEU I 184 -5.83 22.04 22.70
CA LEU I 184 -4.68 21.29 22.15
C LEU I 184 -4.50 21.40 20.64
N LEU I 185 -5.56 21.21 19.89
CA LEU I 185 -5.43 21.20 18.42
C LEU I 185 -5.01 22.57 17.92
N ASP I 186 -5.59 23.61 18.49
CA ASP I 186 -5.26 24.98 18.13
C ASP I 186 -3.81 25.31 18.49
N ALA I 187 -3.37 24.87 19.65
CA ALA I 187 -1.99 25.11 20.07
C ALA I 187 -1.01 24.41 19.13
N ALA I 188 -1.40 23.23 18.65
CA ALA I 188 -0.58 22.50 17.70
C ALA I 188 -0.54 23.16 16.34
N ILE I 189 -1.71 23.56 15.84
CA ILE I 189 -1.79 24.31 14.59
C ILE I 189 -0.97 25.60 14.67
N THR I 190 -1.04 26.27 15.81
CA THR I 190 -0.27 27.48 16.07
C THR I 190 1.22 27.21 15.89
N GLN I 191 1.73 26.17 16.54
CA GLN I 191 3.12 25.80 16.39
C GLN I 191 3.51 25.47 14.96
N ALA I 192 2.59 24.80 14.28
CA ALA I 192 2.82 24.39 12.92
C ALA I 192 2.94 25.61 12.00
N HIS I 193 2.15 26.66 12.30
CA HIS I 193 2.27 27.95 11.61
C HIS I 193 3.63 28.60 11.85
N VAL I 194 4.09 28.59 13.09
CA VAL I 194 5.39 29.17 13.43
C VAL I 194 6.53 28.48 12.66
N MET I 195 6.54 27.17 12.68
CA MET I 195 7.57 26.42 12.01
C MET I 195 7.44 26.45 10.49
N ALA I 196 6.21 26.56 9.98
CA ALA I 196 5.97 26.77 8.55
C ALA I 196 6.53 28.11 8.04
N SER I 197 6.63 29.10 8.93
CA SER I 197 7.16 30.39 8.53
C SER I 197 8.70 30.37 8.41
N TYR I 198 9.37 29.36 8.95
CA TYR I 198 10.81 29.24 8.73
C TYR I 198 11.06 29.03 7.25
N PRO I 199 11.98 29.79 6.66
CA PRO I 199 12.27 29.52 5.24
C PRO I 199 12.51 28.03 4.94
N ALA I 200 11.83 27.54 3.90
CA ALA I 200 11.67 26.11 3.66
C ALA I 200 12.96 25.42 3.31
N SER I 201 13.78 26.06 2.51
CA SER I 201 15.03 25.43 2.06
C SER I 201 15.97 25.08 3.22
N ALA I 202 16.23 26.06 4.07
CA ALA I 202 17.08 25.84 5.23
C ALA I 202 16.43 24.82 6.15
N PHE I 203 15.12 24.91 6.31
CA PHE I 203 14.41 23.95 7.16
C PHE I 203 14.53 22.48 6.70
N ILE I 204 14.23 22.29 5.42
CA ILE I 204 14.25 20.98 4.80
C ILE I 204 15.61 20.36 4.88
N ASN I 205 16.63 21.13 4.53
CA ASN I 205 18.01 20.62 4.56
C ASN I 205 18.50 20.28 5.96
N THR I 206 18.12 21.10 6.93
CA THR I 206 18.46 20.88 8.32
C THR I 206 17.74 19.64 8.85
N LYS I 207 16.44 19.55 8.62
CA LYS I 207 15.68 18.43 9.11
C LYS I 207 16.19 17.12 8.53
N ARG I 208 16.49 17.10 7.25
CA ARG I 208 17.09 15.92 6.61
C ARG I 208 18.37 15.46 7.31
N ALA I 209 19.25 16.41 7.60
CA ALA I 209 20.48 16.13 8.34
C ALA I 209 20.22 15.64 9.74
N VAL I 210 19.22 16.24 10.39
CA VAL I 210 18.78 15.87 11.74
C VAL I 210 18.20 14.43 11.83
N ASN I 211 17.36 14.10 10.86
CA ASN I 211 16.59 12.89 10.86
C ASN I 211 17.35 11.72 10.32
N LYS I 212 18.39 12.01 9.57
CA LYS I 212 19.18 10.98 8.92
C LYS I 212 19.68 9.86 9.85
N PRO I 213 20.35 10.19 10.98
CA PRO I 213 20.70 9.12 11.93
C PRO I 213 19.52 8.40 12.61
N PHE I 214 18.38 9.04 12.72
CA PHE I 214 17.16 8.43 13.26
C PHE I 214 16.64 7.38 12.24
N ILE I 215 16.63 7.77 10.98
CA ILE I 215 16.24 6.88 9.90
C ILE I 215 17.17 5.67 9.83
N HIS I 216 18.45 5.96 9.94
CA HIS I 216 19.44 4.90 9.91
C HIS I 216 19.27 3.96 11.13
N LEU I 217 19.01 4.54 12.30
CA LEU I 217 18.74 3.76 13.49
C LEU I 217 17.55 2.83 13.26
N LEU I 218 16.46 3.36 12.73
CA LEU I 218 15.27 2.54 12.50
C LEU I 218 15.55 1.39 11.53
N GLU I 219 16.39 1.65 10.53
CA GLU I 219 16.73 0.67 9.51
C GLU I 219 17.57 -0.47 10.10
N GLN I 220 18.51 -0.12 10.97
CA GLN I 220 19.29 -1.09 11.71
C GLN I 220 18.36 -1.89 12.63
N THR I 221 17.38 -1.22 13.24
CA THR I 221 16.45 -1.86 14.15
C THR I 221 15.55 -2.87 13.40
N ARG I 222 15.10 -2.46 12.21
CA ARG I 222 14.34 -3.33 11.32
C ARG I 222 15.10 -4.62 11.21
N ASP I 223 16.36 -4.48 10.81
CA ASP I 223 17.18 -5.64 10.47
C ASP I 223 17.43 -6.50 11.72
N ALA I 224 17.69 -5.81 12.83
CA ALA I 224 18.04 -6.47 14.08
C ALA I 224 16.87 -7.19 14.74
N SER I 225 15.70 -6.56 14.76
CA SER I 225 14.45 -7.18 15.22
C SER I 225 13.99 -8.42 14.37
N LYS I 226 14.00 -8.32 13.04
CA LYS I 226 13.59 -9.46 12.23
C LYS I 226 14.44 -10.71 12.59
N ALA I 227 15.67 -10.44 13.11
CA ALA I 227 16.60 -11.47 13.57
C ALA I 227 16.74 -11.46 15.12
N VAL I 228 15.68 -11.05 15.83
CA VAL I 228 15.47 -11.56 17.19
C VAL I 228 15.03 -13.00 16.86
N HIS I 229 14.14 -13.10 15.87
CA HIS I 229 13.52 -14.38 15.47
C HIS I 229 14.18 -15.03 14.23
#